data_2RS2
#
_entry.id   2RS2
#
loop_
_entity.id
_entity.type
_entity.pdbx_description
1 polymer 'RNA-binding protein Musashi homolog 1'
2 polymer "RNA (5'-R(*GP*UP*AP*GP*U)-3')"
#
loop_
_entity_poly.entity_id
_entity_poly.type
_entity_poly.pdbx_seq_one_letter_code
_entity_poly.pdbx_strand_id
1 'polypeptide(L)'
;MGSSHHHHHHSSGLVPRGSHMGSSGCKMFIGGLSWQTTQEGLREYFGQFGEVKECLVMRDPLTKRSRGFGFVTFMDQAGV
DKVLAQSRHELDSKTIDPKVAFPRRAQPK
;
A
2 'polyribonucleotide' GUAGU B
#
# COMPACT_ATOMS: atom_id res chain seq x y z
N CYS A 26 7.21 0.93 -11.00
CA CYS A 26 6.06 0.89 -10.06
C CYS A 26 6.53 0.70 -8.60
N LYS A 27 5.59 0.36 -7.70
CA LYS A 27 5.73 0.15 -6.24
C LYS A 27 5.59 1.45 -5.42
N MET A 28 4.82 1.36 -4.32
CA MET A 28 4.36 2.48 -3.51
C MET A 28 4.33 2.13 -2.02
N PHE A 29 4.79 3.08 -1.21
CA PHE A 29 4.65 3.11 0.25
C PHE A 29 3.24 3.61 0.58
N ILE A 30 2.58 3.03 1.59
CA ILE A 30 1.21 3.37 1.97
C ILE A 30 1.20 3.76 3.46
N GLY A 31 1.16 5.05 3.78
CA GLY A 31 1.11 5.57 5.16
C GLY A 31 -0.31 5.81 5.66
N GLY A 32 -0.46 6.13 6.95
CA GLY A 32 -1.73 6.59 7.55
C GLY A 32 -2.82 5.51 7.69
N LEU A 33 -2.45 4.22 7.62
CA LEU A 33 -3.36 3.09 7.74
C LEU A 33 -3.97 2.98 9.15
N SER A 34 -5.00 2.15 9.29
CA SER A 34 -5.56 1.77 10.59
C SER A 34 -4.76 0.63 11.24
N TRP A 35 -4.78 0.54 12.57
CA TRP A 35 -4.26 -0.62 13.31
C TRP A 35 -5.04 -1.92 13.00
N GLN A 36 -6.20 -1.81 12.35
CA GLN A 36 -7.00 -2.94 11.87
C GLN A 36 -6.72 -3.30 10.39
N THR A 37 -5.93 -2.50 9.65
CA THR A 37 -5.64 -2.73 8.22
C THR A 37 -4.73 -3.93 8.05
N THR A 38 -5.02 -4.76 7.03
CA THR A 38 -4.21 -5.89 6.57
C THR A 38 -3.81 -5.67 5.11
N GLN A 39 -2.82 -6.42 4.63
CA GLN A 39 -2.37 -6.37 3.24
C GLN A 39 -3.41 -6.91 2.24
N GLU A 40 -4.31 -7.78 2.70
CA GLU A 40 -5.49 -8.18 1.92
C GLU A 40 -6.50 -7.02 1.85
N GLY A 41 -6.62 -6.22 2.92
CA GLY A 41 -7.42 -4.99 2.96
C GLY A 41 -6.83 -3.90 2.06
N LEU A 42 -5.49 -3.81 1.95
CA LEU A 42 -4.84 -2.96 0.96
C LEU A 42 -5.22 -3.39 -0.46
N ARG A 43 -5.10 -4.67 -0.82
CA ARG A 43 -5.53 -5.17 -2.12
C ARG A 43 -7.01 -4.87 -2.40
N GLU A 44 -7.87 -4.97 -1.38
CA GLU A 44 -9.29 -4.67 -1.48
C GLU A 44 -9.58 -3.21 -1.88
N TYR A 45 -8.75 -2.26 -1.42
CA TYR A 45 -8.85 -0.83 -1.75
C TYR A 45 -8.09 -0.46 -3.04
N PHE A 46 -6.91 -1.05 -3.26
CA PHE A 46 -6.03 -0.72 -4.38
C PHE A 46 -6.38 -1.44 -5.68
N GLY A 47 -7.21 -2.49 -5.64
CA GLY A 47 -7.78 -3.17 -6.80
C GLY A 47 -8.72 -2.29 -7.64
N GLN A 48 -9.11 -1.11 -7.14
CA GLN A 48 -9.90 -0.11 -7.85
C GLN A 48 -9.08 0.63 -8.94
N PHE A 49 -7.76 0.68 -8.78
CA PHE A 49 -6.84 1.42 -9.66
C PHE A 49 -6.09 0.50 -10.64
N GLY A 50 -5.95 -0.79 -10.29
CA GLY A 50 -5.32 -1.83 -11.11
C GLY A 50 -5.06 -3.11 -10.33
N GLU A 51 -4.73 -4.20 -11.02
CA GLU A 51 -4.36 -5.47 -10.38
C GLU A 51 -3.01 -5.31 -9.65
N VAL A 52 -2.95 -5.68 -8.37
CA VAL A 52 -1.73 -5.57 -7.56
C VAL A 52 -0.84 -6.81 -7.74
N LYS A 53 0.46 -6.55 -7.95
CA LYS A 53 1.53 -7.54 -8.08
C LYS A 53 2.08 -8.01 -6.72
N GLU A 54 1.92 -7.19 -5.68
CA GLU A 54 2.39 -7.43 -4.32
C GLU A 54 1.67 -6.46 -3.37
N CYS A 55 1.45 -6.88 -2.12
CA CYS A 55 0.93 -6.05 -1.02
C CYS A 55 1.56 -6.50 0.31
N LEU A 56 1.80 -5.55 1.21
CA LEU A 56 2.49 -5.75 2.50
C LEU A 56 1.94 -4.78 3.56
N VAL A 57 1.92 -5.22 4.82
CA VAL A 57 1.68 -4.37 6.01
C VAL A 57 2.75 -4.71 7.04
N MET A 58 3.47 -3.69 7.52
CA MET A 58 4.67 -3.82 8.37
C MET A 58 4.31 -3.94 9.86
N ARG A 59 3.43 -4.89 10.17
CA ARG A 59 2.86 -5.14 11.49
C ARG A 59 3.85 -5.76 12.48
N ASP A 60 3.69 -5.44 13.76
CA ASP A 60 4.38 -6.07 14.88
C ASP A 60 3.80 -7.47 15.15
N PRO A 61 4.62 -8.54 15.25
CA PRO A 61 4.10 -9.91 15.37
C PRO A 61 3.65 -10.30 16.79
N LEU A 62 3.95 -9.50 17.82
CA LEU A 62 3.51 -9.74 19.20
C LEU A 62 2.18 -9.03 19.48
N THR A 63 2.04 -7.77 19.06
CA THR A 63 0.88 -6.91 19.39
C THR A 63 -0.12 -6.78 18.25
N LYS A 64 0.27 -7.22 17.05
CA LYS A 64 -0.50 -7.23 15.79
C LYS A 64 -0.81 -5.81 15.26
N ARG A 65 -0.33 -4.75 15.91
CA ARG A 65 -0.37 -3.35 15.46
C ARG A 65 0.29 -3.23 14.08
N SER A 66 -0.40 -2.61 13.13
CA SER A 66 0.07 -2.43 11.75
C SER A 66 1.20 -1.41 11.58
N ARG A 67 1.56 -0.70 12.67
CA ARG A 67 2.42 0.50 12.69
C ARG A 67 1.83 1.67 11.87
N GLY A 68 0.61 1.53 11.33
CA GLY A 68 -0.07 2.54 10.51
C GLY A 68 0.49 2.65 9.09
N PHE A 69 1.22 1.65 8.57
CA PHE A 69 1.77 1.70 7.21
C PHE A 69 2.07 0.33 6.58
N GLY A 70 2.18 0.33 5.24
CA GLY A 70 2.53 -0.81 4.41
C GLY A 70 3.08 -0.42 3.03
N PHE A 71 2.97 -1.34 2.07
CA PHE A 71 3.45 -1.18 0.69
C PHE A 71 2.53 -1.92 -0.30
N VAL A 72 2.44 -1.42 -1.53
CA VAL A 72 1.69 -2.05 -2.64
C VAL A 72 2.43 -1.85 -3.96
N THR A 73 2.45 -2.88 -4.81
CA THR A 73 3.01 -2.89 -6.17
C THR A 73 1.90 -3.22 -7.15
N PHE A 74 1.86 -2.54 -8.30
CA PHE A 74 0.89 -2.80 -9.37
C PHE A 74 1.51 -3.62 -10.51
N MET A 75 0.67 -4.37 -11.24
CA MET A 75 1.05 -5.09 -12.47
C MET A 75 1.46 -4.15 -13.63
N ASP A 76 1.16 -2.85 -13.53
CA ASP A 76 1.57 -1.80 -14.47
C ASP A 76 1.62 -0.43 -13.76
N GLN A 77 2.44 0.47 -14.29
CA GLN A 77 2.58 1.86 -13.81
C GLN A 77 1.26 2.65 -13.86
N ALA A 78 0.34 2.29 -14.76
CA ALA A 78 -0.96 2.96 -14.91
C ALA A 78 -1.82 2.95 -13.63
N GLY A 79 -1.60 2.00 -12.71
CA GLY A 79 -2.26 2.01 -11.40
C GLY A 79 -1.55 2.92 -10.39
N VAL A 80 -0.23 3.06 -10.48
CA VAL A 80 0.55 4.01 -9.68
C VAL A 80 0.14 5.44 -10.05
N ASP A 81 0.06 5.74 -11.35
CA ASP A 81 -0.34 7.06 -11.88
C ASP A 81 -1.67 7.55 -11.28
N LYS A 82 -2.68 6.67 -11.21
CA LYS A 82 -4.00 7.03 -10.66
C LYS A 82 -3.95 7.34 -9.16
N VAL A 83 -3.14 6.60 -8.39
CA VAL A 83 -3.03 6.78 -6.93
C VAL A 83 -2.32 8.10 -6.59
N LEU A 84 -1.42 8.58 -7.46
CA LEU A 84 -0.77 9.89 -7.31
C LEU A 84 -1.69 11.03 -7.77
N ALA A 85 -2.44 10.81 -8.85
CA ALA A 85 -3.32 11.82 -9.45
C ALA A 85 -4.56 12.17 -8.61
N GLN A 86 -5.02 11.27 -7.73
CA GLN A 86 -6.14 11.48 -6.81
C GLN A 86 -5.68 12.22 -5.54
N SER A 87 -6.48 13.17 -5.05
CA SER A 87 -6.07 14.10 -3.98
C SER A 87 -6.21 13.56 -2.54
N ARG A 88 -6.94 12.45 -2.33
CA ARG A 88 -7.20 11.84 -1.02
C ARG A 88 -7.60 10.36 -1.14
N HIS A 89 -7.24 9.56 -0.15
CA HIS A 89 -7.57 8.14 -0.02
C HIS A 89 -7.97 7.79 1.43
N GLU A 90 -8.77 6.75 1.63
CA GLU A 90 -9.36 6.39 2.94
C GLU A 90 -9.67 4.88 2.99
N LEU A 91 -9.26 4.24 4.08
CA LEU A 91 -9.44 2.80 4.33
C LEU A 91 -9.59 2.57 5.84
N ASP A 92 -10.66 1.86 6.23
CA ASP A 92 -11.09 1.65 7.62
C ASP A 92 -11.37 2.99 8.38
N SER A 93 -11.95 3.96 7.66
CA SER A 93 -12.32 5.30 8.16
C SER A 93 -11.12 6.19 8.53
N LYS A 94 -9.90 5.85 8.07
CA LYS A 94 -8.65 6.58 8.31
C LYS A 94 -8.08 7.09 6.98
N THR A 95 -7.71 8.38 6.93
CA THR A 95 -7.09 9.02 5.75
C THR A 95 -5.71 8.42 5.52
N ILE A 96 -5.50 7.76 4.38
CA ILE A 96 -4.21 7.13 4.05
C ILE A 96 -3.38 8.04 3.14
N ASP A 97 -2.06 7.82 3.14
CA ASP A 97 -1.06 8.67 2.47
C ASP A 97 -0.12 7.82 1.59
N PRO A 98 -0.57 7.42 0.38
CA PRO A 98 0.20 6.60 -0.54
C PRO A 98 1.09 7.47 -1.45
N LYS A 99 2.29 6.96 -1.74
CA LYS A 99 3.38 7.68 -2.44
C LYS A 99 4.39 6.71 -3.07
N VAL A 100 5.24 7.18 -3.99
CA VAL A 100 6.25 6.34 -4.68
C VAL A 100 7.27 5.77 -3.67
N ALA A 101 7.56 4.48 -3.78
CA ALA A 101 8.45 3.75 -2.87
C ALA A 101 9.94 4.00 -3.18
N PHE A 102 10.74 4.24 -2.12
CA PHE A 102 12.21 4.27 -2.20
C PHE A 102 12.74 2.89 -2.65
N PRO A 103 13.72 2.82 -3.58
CA PRO A 103 14.13 1.57 -4.21
C PRO A 103 14.85 0.61 -3.26
N ARG A 104 14.51 -0.66 -3.39
CA ARG A 104 15.04 -1.81 -2.63
C ARG A 104 15.06 -3.09 -3.48
N ARG A 105 15.76 -4.13 -2.98
CA ARG A 105 15.97 -5.41 -3.67
C ARG A 105 15.37 -6.56 -2.86
N ALA A 106 14.38 -7.25 -3.44
CA ALA A 106 13.75 -8.43 -2.85
C ALA A 106 14.74 -9.60 -2.73
N GLN A 107 14.64 -10.39 -1.65
CA GLN A 107 15.58 -11.45 -1.29
C GLN A 107 14.94 -12.84 -1.49
N PRO A 108 15.66 -13.81 -2.11
CA PRO A 108 15.14 -15.15 -2.37
C PRO A 108 15.15 -16.02 -1.10
N LYS A 109 14.19 -16.96 -1.02
CA LYS A 109 14.02 -17.92 0.08
C LYS A 109 13.18 -19.13 -0.33
N CYS A 26 7.30 -0.26 -10.34
CA CYS A 26 5.89 0.19 -10.12
C CYS A 26 5.44 -0.12 -8.68
N LYS A 27 5.89 0.66 -7.68
CA LYS A 27 5.66 0.36 -6.26
C LYS A 27 5.45 1.62 -5.40
N MET A 28 4.64 1.49 -4.35
CA MET A 28 4.16 2.57 -3.49
C MET A 28 4.17 2.17 -2.01
N PHE A 29 4.65 3.08 -1.18
CA PHE A 29 4.53 3.05 0.28
C PHE A 29 3.14 3.59 0.65
N ILE A 30 2.46 2.97 1.59
CA ILE A 30 1.08 3.29 1.97
C ILE A 30 1.08 3.72 3.45
N GLY A 31 1.05 5.02 3.73
CA GLY A 31 1.04 5.57 5.09
C GLY A 31 -0.37 5.87 5.60
N GLY A 32 -0.49 6.18 6.90
CA GLY A 32 -1.73 6.66 7.53
C GLY A 32 -2.81 5.58 7.73
N LEU A 33 -2.44 4.29 7.67
CA LEU A 33 -3.35 3.15 7.81
C LEU A 33 -3.93 3.03 9.23
N SER A 34 -4.99 2.24 9.38
CA SER A 34 -5.53 1.82 10.68
C SER A 34 -4.68 0.67 11.24
N TRP A 35 -4.57 0.56 12.56
CA TRP A 35 -3.99 -0.62 13.22
C TRP A 35 -4.72 -1.94 12.91
N GLN A 36 -5.93 -1.87 12.35
CA GLN A 36 -6.72 -3.02 11.90
C GLN A 36 -6.67 -3.25 10.38
N THR A 37 -5.94 -2.42 9.61
CA THR A 37 -5.72 -2.64 8.16
C THR A 37 -4.81 -3.86 7.95
N THR A 38 -5.16 -4.68 6.95
CA THR A 38 -4.39 -5.86 6.49
C THR A 38 -3.95 -5.66 5.04
N GLN A 39 -2.96 -6.42 4.59
CA GLN A 39 -2.48 -6.39 3.20
C GLN A 39 -3.49 -6.94 2.19
N GLU A 40 -4.39 -7.82 2.63
CA GLU A 40 -5.56 -8.23 1.84
C GLU A 40 -6.55 -7.06 1.70
N GLY A 41 -6.70 -6.24 2.75
CA GLY A 41 -7.48 -5.00 2.74
C GLY A 41 -6.86 -3.92 1.86
N LEU A 42 -5.51 -3.84 1.80
CA LEU A 42 -4.82 -2.99 0.83
C LEU A 42 -5.16 -3.42 -0.59
N ARG A 43 -5.02 -4.71 -0.93
CA ARG A 43 -5.41 -5.22 -2.25
C ARG A 43 -6.88 -4.92 -2.58
N GLU A 44 -7.77 -5.04 -1.59
CA GLU A 44 -9.20 -4.75 -1.74
C GLU A 44 -9.48 -3.28 -2.14
N TYR A 45 -8.67 -2.34 -1.64
CA TYR A 45 -8.76 -0.91 -1.98
C TYR A 45 -7.99 -0.55 -3.25
N PHE A 46 -6.80 -1.14 -3.46
CA PHE A 46 -5.89 -0.80 -4.55
C PHE A 46 -6.20 -1.51 -5.88
N GLY A 47 -7.00 -2.58 -5.85
CA GLY A 47 -7.55 -3.24 -7.04
C GLY A 47 -8.53 -2.38 -7.85
N GLN A 48 -8.96 -1.23 -7.31
CA GLN A 48 -9.77 -0.23 -8.01
C GLN A 48 -8.98 0.55 -9.07
N PHE A 49 -7.65 0.65 -8.89
CA PHE A 49 -6.75 1.47 -9.73
C PHE A 49 -5.94 0.62 -10.72
N GLY A 50 -5.63 -0.63 -10.35
CA GLY A 50 -4.93 -1.61 -11.18
C GLY A 50 -4.69 -2.92 -10.44
N GLU A 51 -4.39 -4.00 -11.17
CA GLU A 51 -4.05 -5.30 -10.57
C GLU A 51 -2.73 -5.21 -9.82
N VAL A 52 -2.71 -5.64 -8.55
CA VAL A 52 -1.51 -5.57 -7.69
C VAL A 52 -0.62 -6.81 -7.90
N LYS A 53 0.69 -6.58 -8.00
CA LYS A 53 1.75 -7.59 -8.11
C LYS A 53 2.18 -8.13 -6.73
N GLU A 54 2.01 -7.34 -5.67
CA GLU A 54 2.42 -7.60 -4.29
C GLU A 54 1.73 -6.59 -3.38
N CYS A 55 1.39 -7.00 -2.16
CA CYS A 55 0.88 -6.15 -1.08
C CYS A 55 1.49 -6.57 0.27
N LEU A 56 1.70 -5.60 1.16
CA LEU A 56 2.41 -5.77 2.43
C LEU A 56 1.87 -4.80 3.50
N VAL A 57 1.79 -5.26 4.73
CA VAL A 57 1.55 -4.43 5.92
C VAL A 57 2.65 -4.77 6.93
N MET A 58 3.35 -3.75 7.39
CA MET A 58 4.60 -3.88 8.15
C MET A 58 4.34 -3.92 9.66
N ARG A 59 3.48 -4.85 10.07
CA ARG A 59 2.91 -4.93 11.42
C ARG A 59 3.88 -5.44 12.51
N ASP A 60 3.59 -5.09 13.75
CA ASP A 60 4.24 -5.65 14.95
C ASP A 60 3.80 -7.12 15.12
N PRO A 61 4.72 -8.10 15.22
CA PRO A 61 4.33 -9.51 15.33
C PRO A 61 3.83 -9.89 16.74
N LEU A 62 4.08 -9.07 17.76
CA LEU A 62 3.62 -9.30 19.14
C LEU A 62 2.16 -8.85 19.32
N THR A 63 1.83 -7.63 18.87
CA THR A 63 0.56 -6.94 19.14
C THR A 63 -0.35 -6.82 17.92
N LYS A 64 0.17 -7.20 16.73
CA LYS A 64 -0.51 -7.24 15.43
C LYS A 64 -0.89 -5.85 14.87
N ARG A 65 -0.53 -4.76 15.57
CA ARG A 65 -0.67 -3.37 15.10
C ARG A 65 0.04 -3.18 13.77
N SER A 66 -0.63 -2.61 12.78
CA SER A 66 -0.07 -2.33 11.44
C SER A 66 1.10 -1.33 11.42
N ARG A 67 1.36 -0.65 12.55
CA ARG A 67 2.26 0.51 12.69
C ARG A 67 1.80 1.72 11.85
N GLY A 68 0.60 1.66 11.27
CA GLY A 68 0.02 2.69 10.42
C GLY A 68 0.58 2.73 9.00
N PHE A 69 1.29 1.68 8.53
CA PHE A 69 1.84 1.68 7.18
C PHE A 69 2.06 0.29 6.55
N GLY A 70 2.09 0.30 5.21
CA GLY A 70 2.36 -0.85 4.35
C GLY A 70 2.98 -0.45 3.01
N PHE A 71 2.87 -1.36 2.03
CA PHE A 71 3.43 -1.24 0.69
C PHE A 71 2.55 -1.98 -0.33
N VAL A 72 2.46 -1.47 -1.56
CA VAL A 72 1.73 -2.11 -2.68
C VAL A 72 2.50 -1.91 -3.99
N THR A 73 2.66 -2.99 -4.76
CA THR A 73 3.28 -3.05 -6.09
C THR A 73 2.20 -3.34 -7.11
N PHE A 74 2.27 -2.74 -8.29
CA PHE A 74 1.29 -2.91 -9.37
C PHE A 74 1.87 -3.70 -10.56
N MET A 75 1.00 -4.36 -11.31
CA MET A 75 1.34 -5.06 -12.57
C MET A 75 1.74 -4.11 -13.71
N ASP A 76 1.42 -2.82 -13.58
CA ASP A 76 1.74 -1.75 -14.55
C ASP A 76 1.75 -0.37 -13.86
N GLN A 77 2.47 0.58 -14.45
CA GLN A 77 2.55 1.97 -13.97
C GLN A 77 1.18 2.66 -13.98
N ALA A 78 0.28 2.30 -14.88
CA ALA A 78 -1.02 2.96 -15.04
C ALA A 78 -1.92 2.89 -13.81
N GLY A 79 -1.68 1.98 -12.86
CA GLY A 79 -2.37 1.97 -11.56
C GLY A 79 -1.64 2.78 -10.49
N VAL A 80 -0.32 2.94 -10.59
CA VAL A 80 0.45 3.87 -9.74
C VAL A 80 0.05 5.30 -10.09
N ASP A 81 -0.04 5.63 -11.39
CA ASP A 81 -0.36 6.97 -11.89
C ASP A 81 -1.71 7.48 -11.37
N LYS A 82 -2.74 6.62 -11.33
CA LYS A 82 -4.06 6.99 -10.78
C LYS A 82 -4.00 7.33 -9.27
N VAL A 83 -3.21 6.59 -8.49
CA VAL A 83 -3.11 6.77 -7.03
C VAL A 83 -2.38 8.08 -6.69
N LEU A 84 -1.45 8.52 -7.54
CA LEU A 84 -0.79 9.82 -7.39
C LEU A 84 -1.67 10.97 -7.85
N ALA A 85 -2.42 10.76 -8.95
CA ALA A 85 -3.29 11.77 -9.55
C ALA A 85 -4.53 12.13 -8.70
N GLN A 86 -4.98 11.23 -7.82
CA GLN A 86 -6.08 11.45 -6.89
C GLN A 86 -5.59 12.11 -5.58
N SER A 87 -6.31 13.11 -5.06
CA SER A 87 -5.85 13.98 -3.97
C SER A 87 -6.05 13.43 -2.54
N ARG A 88 -6.80 12.34 -2.37
CA ARG A 88 -7.21 11.79 -1.06
C ARG A 88 -7.67 10.33 -1.18
N HIS A 89 -7.42 9.53 -0.14
CA HIS A 89 -7.74 8.10 -0.06
C HIS A 89 -8.15 7.72 1.38
N GLU A 90 -8.95 6.65 1.54
CA GLU A 90 -9.53 6.25 2.84
C GLU A 90 -9.81 4.74 2.86
N LEU A 91 -9.39 4.08 3.94
CA LEU A 91 -9.51 2.63 4.15
C LEU A 91 -9.63 2.35 5.67
N ASP A 92 -10.60 1.52 6.05
CA ASP A 92 -10.99 1.24 7.45
C ASP A 92 -11.38 2.51 8.23
N SER A 93 -12.01 3.47 7.52
CA SER A 93 -12.46 4.77 8.06
C SER A 93 -11.30 5.71 8.48
N LYS A 94 -10.07 5.47 7.98
CA LYS A 94 -8.88 6.28 8.22
C LYS A 94 -8.33 6.82 6.90
N THR A 95 -7.98 8.10 6.87
CA THR A 95 -7.45 8.81 5.70
C THR A 95 -6.01 8.36 5.48
N ILE A 96 -5.72 7.75 4.33
CA ILE A 96 -4.40 7.17 4.02
C ILE A 96 -3.60 8.07 3.06
N ASP A 97 -2.29 7.89 3.07
CA ASP A 97 -1.31 8.68 2.29
C ASP A 97 -0.40 7.75 1.47
N PRO A 98 -0.86 7.29 0.29
CA PRO A 98 -0.08 6.44 -0.60
C PRO A 98 0.79 7.29 -1.53
N LYS A 99 2.05 6.90 -1.68
CA LYS A 99 3.12 7.67 -2.32
C LYS A 99 4.24 6.77 -2.89
N VAL A 100 5.10 7.29 -3.77
CA VAL A 100 6.14 6.49 -4.47
C VAL A 100 7.11 5.84 -3.47
N ALA A 101 7.38 4.55 -3.65
CA ALA A 101 8.24 3.75 -2.77
C ALA A 101 9.74 4.01 -3.03
N PHE A 102 10.53 4.18 -1.96
CA PHE A 102 11.98 4.21 -2.01
C PHE A 102 12.55 2.89 -2.57
N PRO A 103 13.57 2.93 -3.46
CA PRO A 103 14.06 1.77 -4.20
C PRO A 103 14.85 0.79 -3.33
N ARG A 104 15.35 -0.29 -3.97
CA ARG A 104 16.16 -1.34 -3.36
C ARG A 104 17.32 -0.79 -2.52
N ARG A 105 17.44 -1.29 -1.27
CA ARG A 105 18.51 -0.91 -0.32
C ARG A 105 19.11 -2.09 0.47
N ALA A 106 18.89 -3.32 -0.01
CA ALA A 106 19.51 -4.58 0.44
C ALA A 106 19.24 -5.71 -0.58
N GLN A 107 19.78 -6.90 -0.34
CA GLN A 107 19.60 -8.09 -1.20
C GLN A 107 18.15 -8.61 -1.18
N PRO A 108 17.67 -9.23 -2.28
CA PRO A 108 16.29 -9.73 -2.39
C PRO A 108 16.03 -10.95 -1.51
N LYS A 109 14.79 -11.04 -1.00
CA LYS A 109 14.27 -12.11 -0.14
C LYS A 109 12.74 -12.19 -0.23
N CYS A 26 7.22 -0.36 -10.46
CA CYS A 26 5.85 0.16 -10.22
C CYS A 26 5.40 -0.11 -8.76
N LYS A 27 5.97 0.61 -7.78
CA LYS A 27 5.76 0.31 -6.35
C LYS A 27 5.55 1.58 -5.50
N MET A 28 4.75 1.45 -4.44
CA MET A 28 4.30 2.54 -3.56
C MET A 28 4.30 2.14 -2.09
N PHE A 29 4.79 3.06 -1.26
CA PHE A 29 4.68 3.04 0.20
C PHE A 29 3.28 3.57 0.55
N ILE A 30 2.60 2.93 1.49
CA ILE A 30 1.23 3.28 1.88
C ILE A 30 1.23 3.68 3.36
N GLY A 31 1.24 4.99 3.65
CA GLY A 31 1.18 5.53 5.01
C GLY A 31 -0.24 5.79 5.50
N GLY A 32 -0.39 6.15 6.77
CA GLY A 32 -1.66 6.58 7.36
C GLY A 32 -2.70 5.46 7.53
N LEU A 33 -2.29 4.19 7.45
CA LEU A 33 -3.17 3.03 7.59
C LEU A 33 -3.75 2.92 9.01
N SER A 34 -4.80 2.12 9.16
CA SER A 34 -5.36 1.79 10.46
C SER A 34 -4.58 0.66 11.13
N TRP A 35 -4.58 0.59 12.46
CA TRP A 35 -4.09 -0.56 13.22
C TRP A 35 -4.90 -1.84 12.97
N GLN A 36 -6.05 -1.74 12.28
CA GLN A 36 -6.88 -2.88 11.84
C GLN A 36 -6.65 -3.25 10.35
N THR A 37 -5.86 -2.49 9.59
CA THR A 37 -5.63 -2.73 8.15
C THR A 37 -4.78 -3.98 7.93
N THR A 38 -5.10 -4.73 6.87
CA THR A 38 -4.37 -5.92 6.40
C THR A 38 -3.94 -5.75 4.94
N GLN A 39 -2.99 -6.57 4.49
CA GLN A 39 -2.52 -6.56 3.09
C GLN A 39 -3.60 -7.00 2.09
N GLU A 40 -4.54 -7.84 2.51
CA GLU A 40 -5.74 -8.17 1.71
C GLU A 40 -6.67 -6.95 1.63
N GLY A 41 -6.78 -6.16 2.70
CA GLY A 41 -7.53 -4.90 2.73
C GLY A 41 -6.88 -3.83 1.84
N LEU A 42 -5.54 -3.81 1.73
CA LEU A 42 -4.86 -2.97 0.74
C LEU A 42 -5.25 -3.38 -0.67
N ARG A 43 -5.15 -4.66 -1.03
CA ARG A 43 -5.57 -5.14 -2.35
C ARG A 43 -7.04 -4.81 -2.65
N GLU A 44 -7.91 -4.90 -1.64
CA GLU A 44 -9.33 -4.57 -1.75
C GLU A 44 -9.58 -3.10 -2.15
N TYR A 45 -8.73 -2.18 -1.69
CA TYR A 45 -8.79 -0.75 -2.03
C TYR A 45 -8.01 -0.38 -3.29
N PHE A 46 -6.84 -1.00 -3.50
CA PHE A 46 -5.91 -0.67 -4.58
C PHE A 46 -6.23 -1.36 -5.91
N GLY A 47 -7.05 -2.42 -5.89
CA GLY A 47 -7.60 -3.07 -7.09
C GLY A 47 -8.57 -2.19 -7.90
N GLN A 48 -8.99 -1.04 -7.35
CA GLN A 48 -9.78 -0.02 -8.06
C GLN A 48 -8.95 0.73 -9.12
N PHE A 49 -7.63 0.79 -8.94
CA PHE A 49 -6.70 1.57 -9.78
C PHE A 49 -5.92 0.66 -10.74
N GLY A 50 -5.53 -0.53 -10.29
CA GLY A 50 -4.89 -1.57 -11.10
C GLY A 50 -4.68 -2.88 -10.31
N GLU A 51 -4.50 -3.99 -11.02
CA GLU A 51 -4.19 -5.28 -10.41
C GLU A 51 -2.82 -5.22 -9.71
N VAL A 52 -2.75 -5.71 -8.46
CA VAL A 52 -1.53 -5.62 -7.63
C VAL A 52 -0.66 -6.86 -7.79
N LYS A 53 0.65 -6.62 -7.95
CA LYS A 53 1.73 -7.62 -8.07
C LYS A 53 2.24 -8.10 -6.70
N GLU A 54 2.09 -7.28 -5.66
CA GLU A 54 2.51 -7.51 -4.28
C GLU A 54 1.78 -6.51 -3.37
N CYS A 55 1.45 -6.93 -2.15
CA CYS A 55 0.79 -6.12 -1.13
C CYS A 55 1.26 -6.57 0.27
N LEU A 56 1.59 -5.61 1.14
CA LEU A 56 2.26 -5.84 2.44
C LEU A 56 1.74 -4.87 3.50
N VAL A 57 1.78 -5.29 4.77
CA VAL A 57 1.53 -4.46 5.95
C VAL A 57 2.60 -4.82 6.99
N MET A 58 3.30 -3.82 7.51
CA MET A 58 4.50 -3.99 8.34
C MET A 58 4.16 -4.07 9.83
N ARG A 59 3.19 -4.93 10.16
CA ARG A 59 2.66 -5.08 11.53
C ARG A 59 3.68 -5.67 12.52
N ASP A 60 3.60 -5.22 13.77
CA ASP A 60 4.36 -5.74 14.90
C ASP A 60 3.79 -7.10 15.35
N PRO A 61 4.61 -8.15 15.57
CA PRO A 61 4.11 -9.49 15.86
C PRO A 61 3.68 -9.71 17.33
N LEU A 62 4.02 -8.78 18.24
CA LEU A 62 3.68 -8.89 19.66
C LEU A 62 2.33 -8.22 19.97
N THR A 63 2.05 -7.07 19.34
CA THR A 63 0.88 -6.22 19.59
C THR A 63 -0.12 -6.23 18.45
N LYS A 64 0.26 -6.76 17.27
CA LYS A 64 -0.52 -6.86 16.03
C LYS A 64 -0.84 -5.49 15.38
N ARG A 65 -0.36 -4.39 15.98
CA ARG A 65 -0.41 -3.02 15.44
C ARG A 65 0.28 -2.97 14.07
N SER A 66 -0.38 -2.37 13.09
CA SER A 66 0.12 -2.27 11.70
C SER A 66 1.31 -1.33 11.52
N ARG A 67 1.69 -0.60 12.59
CA ARG A 67 2.64 0.53 12.59
C ARG A 67 2.13 1.72 11.74
N GLY A 68 0.89 1.66 11.24
CA GLY A 68 0.27 2.70 10.42
C GLY A 68 0.73 2.72 8.97
N PHE A 69 1.39 1.67 8.47
CA PHE A 69 1.90 1.65 7.08
C PHE A 69 2.12 0.26 6.48
N GLY A 70 2.19 0.24 5.15
CA GLY A 70 2.50 -0.92 4.32
C GLY A 70 3.07 -0.53 2.96
N PHE A 71 2.95 -1.44 1.99
CA PHE A 71 3.45 -1.29 0.62
C PHE A 71 2.53 -2.00 -0.39
N VAL A 72 2.47 -1.48 -1.62
CA VAL A 72 1.76 -2.10 -2.75
C VAL A 72 2.55 -1.90 -4.05
N THR A 73 2.71 -3.00 -4.82
CA THR A 73 3.30 -3.03 -6.16
C THR A 73 2.19 -3.35 -7.15
N PHE A 74 2.21 -2.73 -8.33
CA PHE A 74 1.19 -2.88 -9.36
C PHE A 74 1.72 -3.67 -10.57
N MET A 75 0.81 -4.35 -11.29
CA MET A 75 1.11 -5.04 -12.56
C MET A 75 1.48 -4.08 -13.71
N ASP A 76 1.18 -2.78 -13.58
CA ASP A 76 1.55 -1.72 -14.51
C ASP A 76 1.57 -0.35 -13.81
N GLN A 77 2.33 0.59 -14.36
CA GLN A 77 2.44 1.96 -13.88
C GLN A 77 1.11 2.72 -13.93
N ALA A 78 0.17 2.33 -14.79
CA ALA A 78 -1.14 2.96 -14.93
C ALA A 78 -1.97 2.97 -13.64
N GLY A 79 -1.73 2.03 -12.71
CA GLY A 79 -2.36 2.07 -11.38
C GLY A 79 -1.64 3.02 -10.42
N VAL A 80 -0.31 3.07 -10.48
CA VAL A 80 0.52 4.02 -9.71
C VAL A 80 0.12 5.46 -10.07
N ASP A 81 0.03 5.77 -11.37
CA ASP A 81 -0.34 7.08 -11.90
C ASP A 81 -1.66 7.60 -11.30
N LYS A 82 -2.69 6.75 -11.26
CA LYS A 82 -4.01 7.10 -10.72
C LYS A 82 -3.98 7.41 -9.21
N VAL A 83 -3.17 6.67 -8.45
CA VAL A 83 -3.06 6.84 -6.99
C VAL A 83 -2.37 8.16 -6.63
N LEU A 84 -1.42 8.62 -7.47
CA LEU A 84 -0.77 9.92 -7.32
C LEU A 84 -1.68 11.07 -7.77
N ALA A 85 -2.43 10.85 -8.85
CA ALA A 85 -3.31 11.86 -9.44
C ALA A 85 -4.56 12.20 -8.58
N GLN A 86 -4.88 11.38 -7.56
CA GLN A 86 -5.98 11.60 -6.63
C GLN A 86 -5.45 12.19 -5.30
N SER A 87 -6.12 13.23 -4.78
CA SER A 87 -5.61 14.03 -3.65
C SER A 87 -5.98 13.51 -2.24
N ARG A 88 -6.78 12.44 -2.14
CA ARG A 88 -7.39 11.95 -0.90
C ARG A 88 -7.78 10.47 -1.02
N HIS A 89 -7.49 9.68 0.01
CA HIS A 89 -7.80 8.25 0.08
C HIS A 89 -8.26 7.86 1.50
N GLU A 90 -8.93 6.71 1.64
CA GLU A 90 -9.51 6.26 2.92
C GLU A 90 -9.76 4.75 2.91
N LEU A 91 -9.39 4.08 4.01
CA LEU A 91 -9.53 2.63 4.21
C LEU A 91 -9.66 2.35 5.72
N ASP A 92 -10.64 1.54 6.11
CA ASP A 92 -11.06 1.32 7.52
C ASP A 92 -11.52 2.63 8.20
N SER A 93 -12.07 3.56 7.41
CA SER A 93 -12.50 4.91 7.82
C SER A 93 -11.33 5.81 8.27
N LYS A 94 -10.08 5.46 7.91
CA LYS A 94 -8.85 6.16 8.27
C LYS A 94 -8.20 6.74 7.02
N THR A 95 -7.72 7.98 7.11
CA THR A 95 -7.19 8.75 5.97
C THR A 95 -5.79 8.27 5.63
N ILE A 96 -5.63 7.58 4.50
CA ILE A 96 -4.34 7.01 4.08
C ILE A 96 -3.57 7.96 3.17
N ASP A 97 -2.25 7.77 3.11
CA ASP A 97 -1.30 8.65 2.41
C ASP A 97 -0.30 7.81 1.57
N PRO A 98 -0.72 7.38 0.36
CA PRO A 98 0.11 6.57 -0.53
C PRO A 98 0.99 7.45 -1.43
N LYS A 99 2.22 6.96 -1.70
CA LYS A 99 3.30 7.70 -2.37
C LYS A 99 4.33 6.74 -3.02
N VAL A 100 5.15 7.25 -3.95
CA VAL A 100 6.14 6.43 -4.69
C VAL A 100 7.18 5.83 -3.72
N ALA A 101 7.47 4.53 -3.87
CA ALA A 101 8.44 3.82 -3.04
C ALA A 101 9.90 4.15 -3.46
N PHE A 102 10.80 4.26 -2.48
CA PHE A 102 12.23 4.49 -2.71
C PHE A 102 12.86 3.39 -3.60
N PRO A 103 13.88 3.70 -4.44
CA PRO A 103 14.57 2.75 -5.30
C PRO A 103 15.11 1.53 -4.55
N ARG A 104 15.02 0.35 -5.19
CA ARG A 104 15.39 -0.96 -4.64
C ARG A 104 15.92 -1.90 -5.74
N ARG A 105 16.77 -2.86 -5.34
CA ARG A 105 17.29 -3.96 -6.17
C ARG A 105 17.32 -5.26 -5.35
N ALA A 106 16.60 -6.28 -5.81
CA ALA A 106 16.40 -7.58 -5.16
C ALA A 106 15.78 -8.61 -6.12
N GLN A 107 15.79 -9.89 -5.75
CA GLN A 107 15.25 -11.01 -6.51
C GLN A 107 14.87 -12.18 -5.57
N PRO A 108 14.00 -13.12 -6.02
CA PRO A 108 13.77 -14.38 -5.33
C PRO A 108 14.97 -15.33 -5.52
N LYS A 109 15.10 -16.31 -4.62
CA LYS A 109 16.17 -17.32 -4.61
C LYS A 109 15.78 -18.55 -3.77
N CYS A 26 7.20 1.01 -10.99
CA CYS A 26 6.05 0.96 -10.04
C CYS A 26 6.52 0.79 -8.58
N LYS A 27 5.57 0.53 -7.67
CA LYS A 27 5.71 0.31 -6.20
C LYS A 27 5.55 1.60 -5.37
N MET A 28 4.79 1.48 -4.28
CA MET A 28 4.34 2.58 -3.42
C MET A 28 4.32 2.17 -1.95
N PHE A 29 4.78 3.09 -1.09
CA PHE A 29 4.62 3.06 0.36
C PHE A 29 3.22 3.59 0.68
N ILE A 30 2.53 2.96 1.63
CA ILE A 30 1.15 3.29 2.00
C ILE A 30 1.13 3.74 3.47
N GLY A 31 0.99 5.04 3.71
CA GLY A 31 0.94 5.61 5.07
C GLY A 31 -0.49 5.90 5.55
N GLY A 32 -0.66 6.16 6.85
CA GLY A 32 -1.94 6.53 7.46
C GLY A 32 -2.95 5.38 7.62
N LEU A 33 -2.50 4.12 7.52
CA LEU A 33 -3.34 2.92 7.65
C LEU A 33 -3.93 2.78 9.06
N SER A 34 -4.92 1.90 9.21
CA SER A 34 -5.47 1.51 10.51
C SER A 34 -4.61 0.42 11.16
N TRP A 35 -4.58 0.36 12.49
CA TRP A 35 -3.91 -0.71 13.24
C TRP A 35 -4.54 -2.11 13.03
N GLN A 36 -5.69 -2.19 12.35
CA GLN A 36 -6.36 -3.42 11.94
C GLN A 36 -6.45 -3.58 10.40
N THR A 37 -5.79 -2.73 9.60
CA THR A 37 -5.65 -2.91 8.15
C THR A 37 -4.79 -4.13 7.85
N THR A 38 -5.16 -4.91 6.83
CA THR A 38 -4.42 -6.08 6.32
C THR A 38 -3.97 -5.83 4.89
N GLN A 39 -2.97 -6.58 4.43
CA GLN A 39 -2.46 -6.51 3.05
C GLN A 39 -3.46 -7.03 2.01
N GLU A 40 -4.37 -7.92 2.41
CA GLU A 40 -5.52 -8.30 1.58
C GLU A 40 -6.52 -7.13 1.47
N GLY A 41 -6.70 -6.36 2.56
CA GLY A 41 -7.49 -5.13 2.59
C GLY A 41 -6.87 -4.02 1.73
N LEU A 42 -5.54 -3.95 1.65
CA LEU A 42 -4.85 -3.07 0.70
C LEU A 42 -5.19 -3.44 -0.73
N ARG A 43 -5.06 -4.72 -1.13
CA ARG A 43 -5.48 -5.16 -2.47
C ARG A 43 -6.95 -4.84 -2.76
N GLU A 44 -7.82 -5.01 -1.77
CA GLU A 44 -9.26 -4.73 -1.88
C GLU A 44 -9.55 -3.26 -2.24
N TYR A 45 -8.74 -2.32 -1.76
CA TYR A 45 -8.83 -0.90 -2.09
C TYR A 45 -8.05 -0.51 -3.35
N PHE A 46 -6.85 -1.06 -3.54
CA PHE A 46 -5.94 -0.67 -4.62
C PHE A 46 -6.25 -1.33 -5.97
N GLY A 47 -7.02 -2.44 -5.97
CA GLY A 47 -7.55 -3.07 -7.18
C GLY A 47 -8.55 -2.22 -7.97
N GLN A 48 -9.01 -1.10 -7.40
CA GLN A 48 -9.84 -0.10 -8.09
C GLN A 48 -9.03 0.71 -9.13
N PHE A 49 -7.71 0.83 -8.92
CA PHE A 49 -6.79 1.62 -9.76
C PHE A 49 -6.02 0.71 -10.73
N GLY A 50 -5.67 -0.52 -10.28
CA GLY A 50 -5.05 -1.58 -11.06
C GLY A 50 -4.76 -2.80 -10.20
N GLU A 51 -4.70 -4.00 -10.79
CA GLU A 51 -4.36 -5.22 -10.06
C GLU A 51 -2.94 -5.13 -9.48
N VAL A 52 -2.74 -5.71 -8.29
CA VAL A 52 -1.51 -5.58 -7.51
C VAL A 52 -0.62 -6.82 -7.70
N LYS A 53 0.66 -6.56 -7.96
CA LYS A 53 1.74 -7.54 -8.12
C LYS A 53 2.28 -8.05 -6.77
N GLU A 54 2.11 -7.25 -5.71
CA GLU A 54 2.57 -7.50 -4.35
C GLU A 54 1.85 -6.52 -3.40
N CYS A 55 1.55 -6.95 -2.18
CA CYS A 55 0.99 -6.12 -1.12
C CYS A 55 1.51 -6.58 0.26
N LEU A 56 1.75 -5.63 1.17
CA LEU A 56 2.42 -5.85 2.45
C LEU A 56 1.89 -4.89 3.52
N VAL A 57 1.81 -5.36 4.77
CA VAL A 57 1.57 -4.54 5.97
C VAL A 57 2.63 -4.92 7.00
N MET A 58 3.33 -3.91 7.52
CA MET A 58 4.53 -4.05 8.36
C MET A 58 4.18 -4.18 9.86
N ARG A 59 3.16 -4.99 10.17
CA ARG A 59 2.65 -5.17 11.54
C ARG A 59 3.63 -5.93 12.45
N ASP A 60 3.67 -5.50 13.71
CA ASP A 60 4.50 -6.11 14.76
C ASP A 60 3.82 -7.35 15.37
N PRO A 61 4.53 -8.48 15.56
CA PRO A 61 3.94 -9.73 16.08
C PRO A 61 3.63 -9.66 17.58
N LEU A 62 4.19 -8.69 18.31
CA LEU A 62 4.03 -8.53 19.76
C LEU A 62 2.66 -7.96 20.17
N THR A 63 2.08 -7.11 19.31
CA THR A 63 0.84 -6.34 19.57
C THR A 63 -0.13 -6.32 18.39
N LYS A 64 0.26 -6.85 17.24
CA LYS A 64 -0.48 -6.91 15.96
C LYS A 64 -0.75 -5.51 15.34
N ARG A 65 -0.17 -4.44 15.91
CA ARG A 65 -0.26 -3.07 15.40
C ARG A 65 0.51 -2.93 14.08
N SER A 66 -0.12 -2.30 13.09
CA SER A 66 0.44 -2.05 11.75
C SER A 66 1.46 -0.91 11.69
N ARG A 67 1.60 -0.15 12.79
CA ARG A 67 2.31 1.14 12.87
C ARG A 67 1.73 2.21 11.91
N GLY A 68 0.56 1.93 11.32
CA GLY A 68 -0.10 2.80 10.34
C GLY A 68 0.54 2.79 8.95
N PHE A 69 1.29 1.74 8.56
CA PHE A 69 1.90 1.70 7.22
C PHE A 69 2.09 0.29 6.61
N GLY A 70 2.20 0.28 5.28
CA GLY A 70 2.48 -0.87 4.43
C GLY A 70 3.06 -0.49 3.07
N PHE A 71 2.96 -1.40 2.10
CA PHE A 71 3.49 -1.26 0.74
C PHE A 71 2.60 -1.98 -0.29
N VAL A 72 2.55 -1.47 -1.52
CA VAL A 72 1.82 -2.10 -2.65
C VAL A 72 2.60 -1.89 -3.95
N THR A 73 2.72 -2.95 -4.77
CA THR A 73 3.25 -2.94 -6.14
C THR A 73 2.11 -3.25 -7.10
N PHE A 74 2.06 -2.56 -8.23
CA PHE A 74 1.02 -2.74 -9.25
C PHE A 74 1.54 -3.54 -10.44
N MET A 75 0.66 -4.29 -11.11
CA MET A 75 0.98 -5.04 -12.34
C MET A 75 1.25 -4.15 -13.57
N ASP A 76 0.96 -2.84 -13.45
CA ASP A 76 1.32 -1.79 -14.41
C ASP A 76 1.43 -0.43 -13.70
N GLN A 77 2.26 0.46 -14.25
CA GLN A 77 2.44 1.83 -13.78
C GLN A 77 1.16 2.66 -13.82
N ALA A 78 0.21 2.32 -14.70
CA ALA A 78 -1.08 3.01 -14.84
C ALA A 78 -1.92 3.03 -13.56
N GLY A 79 -1.72 2.08 -12.64
CA GLY A 79 -2.36 2.12 -11.31
C GLY A 79 -1.64 3.04 -10.34
N VAL A 80 -0.32 3.13 -10.41
CA VAL A 80 0.49 4.08 -9.61
C VAL A 80 0.10 5.51 -10.00
N ASP A 81 0.04 5.80 -11.31
CA ASP A 81 -0.33 7.12 -11.84
C ASP A 81 -1.65 7.65 -11.26
N LYS A 82 -2.67 6.79 -11.18
CA LYS A 82 -3.98 7.17 -10.64
C LYS A 82 -3.95 7.47 -9.13
N VAL A 83 -3.16 6.71 -8.37
CA VAL A 83 -3.05 6.89 -6.90
C VAL A 83 -2.33 8.21 -6.55
N LEU A 84 -1.40 8.67 -7.41
CA LEU A 84 -0.75 9.97 -7.26
C LEU A 84 -1.65 11.12 -7.72
N ALA A 85 -2.40 10.91 -8.80
CA ALA A 85 -3.27 11.92 -9.40
C ALA A 85 -4.50 12.27 -8.55
N GLN A 86 -4.90 11.41 -7.60
CA GLN A 86 -6.01 11.63 -6.67
C GLN A 86 -5.49 12.23 -5.34
N SER A 87 -6.19 13.24 -4.81
CA SER A 87 -5.68 14.06 -3.69
C SER A 87 -5.91 13.46 -2.28
N ARG A 88 -6.70 12.39 -2.14
CA ARG A 88 -7.11 11.80 -0.85
C ARG A 88 -7.63 10.37 -1.03
N HIS A 89 -7.40 9.51 -0.03
CA HIS A 89 -7.77 8.10 -0.01
C HIS A 89 -8.20 7.66 1.41
N GLU A 90 -9.01 6.60 1.53
CA GLU A 90 -9.60 6.17 2.80
C GLU A 90 -9.89 4.65 2.79
N LEU A 91 -9.48 3.96 3.86
CA LEU A 91 -9.61 2.52 4.05
C LEU A 91 -9.76 2.22 5.57
N ASP A 92 -10.74 1.40 5.94
CA ASP A 92 -11.15 1.13 7.33
C ASP A 92 -11.61 2.42 8.07
N SER A 93 -12.16 3.37 7.31
CA SER A 93 -12.57 4.72 7.77
C SER A 93 -11.38 5.61 8.21
N LYS A 94 -10.15 5.25 7.82
CA LYS A 94 -8.90 5.97 8.16
C LYS A 94 -8.31 6.57 6.89
N THR A 95 -7.86 7.82 6.97
CA THR A 95 -7.37 8.60 5.83
C THR A 95 -5.94 8.18 5.51
N ILE A 96 -5.73 7.59 4.33
CA ILE A 96 -4.42 7.04 3.92
C ILE A 96 -3.70 7.98 2.96
N ASP A 97 -2.37 7.98 3.02
CA ASP A 97 -1.48 8.90 2.30
C ASP A 97 -0.38 8.13 1.53
N PRO A 98 -0.74 7.43 0.44
CA PRO A 98 0.17 6.63 -0.36
C PRO A 98 1.04 7.50 -1.29
N LYS A 99 2.25 7.02 -1.56
CA LYS A 99 3.34 7.74 -2.25
C LYS A 99 4.39 6.79 -2.85
N VAL A 100 5.21 7.27 -3.79
CA VAL A 100 6.23 6.45 -4.51
C VAL A 100 7.24 5.84 -3.53
N ALA A 101 7.56 4.55 -3.71
CA ALA A 101 8.43 3.80 -2.81
C ALA A 101 9.93 4.01 -3.06
N PHE A 102 10.71 4.02 -1.98
CA PHE A 102 12.18 3.96 -1.99
C PHE A 102 12.67 2.65 -2.65
N PRO A 103 13.93 2.59 -3.15
CA PRO A 103 14.48 1.41 -3.82
C PRO A 103 14.50 0.15 -2.94
N ARG A 104 14.72 -0.99 -3.61
CA ARG A 104 14.55 -2.34 -3.05
C ARG A 104 15.68 -3.31 -3.45
N ARG A 105 15.83 -4.40 -2.70
CA ARG A 105 16.78 -5.50 -2.94
C ARG A 105 16.13 -6.85 -2.61
N ALA A 106 16.38 -7.87 -3.44
CA ALA A 106 15.78 -9.21 -3.37
C ALA A 106 16.62 -10.24 -4.14
N GLN A 107 16.25 -11.53 -4.05
CA GLN A 107 16.93 -12.65 -4.68
C GLN A 107 15.93 -13.77 -5.03
N PRO A 108 16.15 -14.53 -6.13
CA PRO A 108 15.27 -15.63 -6.53
C PRO A 108 15.53 -16.85 -5.64
N LYS A 109 14.52 -17.22 -4.83
CA LYS A 109 14.59 -18.26 -3.78
C LYS A 109 13.20 -18.67 -3.29
N CYS A 26 7.25 0.96 -11.10
CA CYS A 26 6.10 0.95 -10.16
C CYS A 26 6.55 0.77 -8.70
N LYS A 27 5.59 0.62 -7.77
CA LYS A 27 5.69 0.37 -6.32
C LYS A 27 5.52 1.66 -5.48
N MET A 28 4.79 1.53 -4.37
CA MET A 28 4.33 2.61 -3.50
C MET A 28 4.34 2.21 -2.02
N PHE A 29 4.79 3.15 -1.18
CA PHE A 29 4.66 3.11 0.28
C PHE A 29 3.28 3.65 0.64
N ILE A 30 2.59 3.03 1.59
CA ILE A 30 1.22 3.39 2.00
C ILE A 30 1.23 3.79 3.47
N GLY A 31 1.09 5.09 3.77
CA GLY A 31 1.06 5.63 5.13
C GLY A 31 -0.34 5.92 5.64
N GLY A 32 -0.49 6.15 6.95
CA GLY A 32 -1.75 6.57 7.59
C GLY A 32 -2.80 5.47 7.74
N LEU A 33 -2.43 4.20 7.58
CA LEU A 33 -3.32 3.03 7.70
C LEU A 33 -3.94 2.90 9.10
N SER A 34 -5.01 2.12 9.21
CA SER A 34 -5.56 1.73 10.50
C SER A 34 -4.71 0.60 11.11
N TRP A 35 -4.60 0.52 12.44
CA TRP A 35 -3.86 -0.55 13.12
C TRP A 35 -4.38 -1.97 12.83
N GLN A 36 -5.61 -2.10 12.32
CA GLN A 36 -6.23 -3.36 11.90
C GLN A 36 -6.31 -3.53 10.36
N THR A 37 -5.74 -2.63 9.56
CA THR A 37 -5.59 -2.80 8.10
C THR A 37 -4.67 -3.99 7.82
N THR A 38 -5.08 -4.88 6.92
CA THR A 38 -4.31 -6.03 6.44
C THR A 38 -3.85 -5.81 5.01
N GLN A 39 -2.85 -6.57 4.56
CA GLN A 39 -2.35 -6.52 3.18
C GLN A 39 -3.35 -7.08 2.16
N GLU A 40 -4.27 -7.93 2.59
CA GLU A 40 -5.43 -8.33 1.77
C GLU A 40 -6.42 -7.15 1.64
N GLY A 41 -6.60 -6.36 2.70
CA GLY A 41 -7.39 -5.13 2.71
C GLY A 41 -6.78 -4.04 1.83
N LEU A 42 -5.44 -3.97 1.74
CA LEU A 42 -4.77 -3.10 0.76
C LEU A 42 -5.12 -3.49 -0.67
N ARG A 43 -5.00 -4.77 -1.05
CA ARG A 43 -5.43 -5.23 -2.38
C ARG A 43 -6.91 -4.92 -2.65
N GLU A 44 -7.77 -5.08 -1.64
CA GLU A 44 -9.20 -4.80 -1.72
C GLU A 44 -9.51 -3.32 -2.08
N TYR A 45 -8.68 -2.38 -1.61
CA TYR A 45 -8.79 -0.95 -1.92
C TYR A 45 -8.04 -0.57 -3.21
N PHE A 46 -6.84 -1.12 -3.43
CA PHE A 46 -5.96 -0.75 -4.54
C PHE A 46 -6.31 -1.44 -5.87
N GLY A 47 -7.09 -2.53 -5.84
CA GLY A 47 -7.66 -3.18 -7.02
C GLY A 47 -8.64 -2.32 -7.82
N GLN A 48 -9.08 -1.18 -7.27
CA GLN A 48 -9.90 -0.17 -7.96
C GLN A 48 -9.11 0.60 -9.02
N PHE A 49 -7.78 0.70 -8.85
CA PHE A 49 -6.88 1.46 -9.73
C PHE A 49 -6.13 0.53 -10.71
N GLY A 50 -5.95 -0.73 -10.34
CA GLY A 50 -5.34 -1.80 -11.15
C GLY A 50 -5.00 -3.02 -10.30
N GLU A 51 -4.85 -4.20 -10.92
CA GLU A 51 -4.44 -5.41 -10.21
C GLU A 51 -3.01 -5.26 -9.66
N VAL A 52 -2.76 -5.87 -8.50
CA VAL A 52 -1.54 -5.68 -7.71
C VAL A 52 -0.61 -6.89 -7.84
N LYS A 53 0.67 -6.59 -8.06
CA LYS A 53 1.78 -7.54 -8.16
C LYS A 53 2.29 -7.98 -6.76
N GLU A 54 2.06 -7.16 -5.73
CA GLU A 54 2.49 -7.36 -4.34
C GLU A 54 1.68 -6.41 -3.44
N CYS A 55 1.37 -6.85 -2.22
CA CYS A 55 0.77 -6.05 -1.14
C CYS A 55 1.36 -6.49 0.20
N LEU A 56 1.68 -5.54 1.09
CA LEU A 56 2.41 -5.76 2.34
C LEU A 56 1.93 -4.81 3.44
N VAL A 57 1.93 -5.28 4.68
CA VAL A 57 1.74 -4.48 5.89
C VAL A 57 2.86 -4.80 6.88
N MET A 58 3.52 -3.76 7.38
CA MET A 58 4.76 -3.84 8.18
C MET A 58 4.46 -3.86 9.69
N ARG A 59 3.51 -4.71 10.09
CA ARG A 59 2.95 -4.77 11.45
C ARG A 59 3.96 -5.15 12.54
N ASP A 60 3.63 -4.83 13.79
CA ASP A 60 4.33 -5.28 14.99
C ASP A 60 3.96 -6.74 15.32
N PRO A 61 4.92 -7.65 15.55
CA PRO A 61 4.62 -9.07 15.71
C PRO A 61 4.10 -9.46 17.10
N LEU A 62 4.18 -8.58 18.10
CA LEU A 62 3.66 -8.84 19.45
C LEU A 62 2.18 -8.44 19.57
N THR A 63 1.83 -7.26 19.03
CA THR A 63 0.51 -6.62 19.19
C THR A 63 -0.37 -6.71 17.93
N LYS A 64 0.23 -7.09 16.80
CA LYS A 64 -0.37 -7.23 15.46
C LYS A 64 -0.82 -5.87 14.86
N ARG A 65 -0.57 -4.75 15.55
CA ARG A 65 -0.78 -3.37 15.08
C ARG A 65 0.01 -3.12 13.80
N SER A 66 -0.66 -2.62 12.76
CA SER A 66 -0.05 -2.31 11.45
C SER A 66 1.09 -1.28 11.49
N ARG A 67 1.26 -0.57 12.63
CA ARG A 67 2.13 0.59 12.81
C ARG A 67 1.72 1.79 11.92
N GLY A 68 0.55 1.71 11.28
CA GLY A 68 0.00 2.73 10.39
C GLY A 68 0.60 2.72 8.98
N PHE A 69 1.31 1.68 8.55
CA PHE A 69 1.92 1.66 7.21
C PHE A 69 2.15 0.29 6.57
N GLY A 70 2.23 0.31 5.23
CA GLY A 70 2.50 -0.84 4.36
C GLY A 70 3.11 -0.44 3.02
N PHE A 71 3.04 -1.34 2.04
CA PHE A 71 3.58 -1.19 0.69
C PHE A 71 2.69 -1.93 -0.33
N VAL A 72 2.61 -1.42 -1.57
CA VAL A 72 1.83 -2.01 -2.67
C VAL A 72 2.57 -1.83 -4.00
N THR A 73 2.57 -2.87 -4.84
CA THR A 73 3.13 -2.86 -6.20
C THR A 73 2.02 -3.22 -7.18
N PHE A 74 1.92 -2.50 -8.28
CA PHE A 74 0.93 -2.74 -9.34
C PHE A 74 1.49 -3.61 -10.48
N MET A 75 0.60 -4.32 -11.18
CA MET A 75 0.93 -5.06 -12.41
C MET A 75 1.36 -4.15 -13.58
N ASP A 76 1.07 -2.85 -13.49
CA ASP A 76 1.50 -1.81 -14.44
C ASP A 76 1.55 -0.43 -13.76
N GLN A 77 2.39 0.46 -14.29
CA GLN A 77 2.53 1.85 -13.82
C GLN A 77 1.23 2.65 -13.87
N ALA A 78 0.29 2.30 -14.76
CA ALA A 78 -1.00 2.96 -14.91
C ALA A 78 -1.86 2.96 -13.62
N GLY A 79 -1.64 2.01 -12.70
CA GLY A 79 -2.29 2.03 -11.37
C GLY A 79 -1.59 2.96 -10.38
N VAL A 80 -0.26 3.08 -10.47
CA VAL A 80 0.51 4.05 -9.67
C VAL A 80 0.09 5.47 -10.05
N ASP A 81 0.02 5.77 -11.36
CA ASP A 81 -0.38 7.07 -11.90
C ASP A 81 -1.70 7.58 -11.30
N LYS A 82 -2.71 6.70 -11.23
CA LYS A 82 -4.03 7.04 -10.68
C LYS A 82 -4.00 7.36 -9.18
N VAL A 83 -3.19 6.63 -8.40
CA VAL A 83 -3.09 6.82 -6.95
C VAL A 83 -2.39 8.15 -6.62
N LEU A 84 -1.49 8.63 -7.48
CA LEU A 84 -0.86 9.95 -7.35
C LEU A 84 -1.79 11.08 -7.82
N ALA A 85 -2.53 10.83 -8.91
CA ALA A 85 -3.43 11.82 -9.53
C ALA A 85 -4.67 12.16 -8.67
N GLN A 86 -5.09 11.26 -7.77
CA GLN A 86 -6.18 11.47 -6.82
C GLN A 86 -5.65 12.12 -5.52
N SER A 87 -6.35 13.13 -5.01
CA SER A 87 -5.86 13.99 -3.92
C SER A 87 -6.01 13.42 -2.49
N ARG A 88 -6.76 12.34 -2.30
CA ARG A 88 -7.10 11.76 -0.99
C ARG A 88 -7.61 10.32 -1.11
N HIS A 89 -7.34 9.49 -0.11
CA HIS A 89 -7.69 8.07 -0.03
C HIS A 89 -8.10 7.69 1.41
N GLU A 90 -8.91 6.64 1.58
CA GLU A 90 -9.47 6.24 2.88
C GLU A 90 -9.79 4.73 2.90
N LEU A 91 -9.36 4.05 3.96
CA LEU A 91 -9.49 2.60 4.16
C LEU A 91 -9.63 2.31 5.66
N ASP A 92 -10.68 1.56 6.03
CA ASP A 92 -11.08 1.28 7.42
C ASP A 92 -11.42 2.57 8.22
N SER A 93 -12.03 3.54 7.54
CA SER A 93 -12.43 4.85 8.08
C SER A 93 -11.23 5.75 8.50
N LYS A 94 -10.04 5.45 7.97
CA LYS A 94 -8.78 6.16 8.24
C LYS A 94 -8.23 6.72 6.93
N THR A 95 -7.88 8.01 6.90
CA THR A 95 -7.35 8.71 5.72
C THR A 95 -5.92 8.27 5.48
N ILE A 96 -5.64 7.69 4.32
CA ILE A 96 -4.32 7.13 3.97
C ILE A 96 -3.56 8.07 3.02
N ASP A 97 -2.23 7.99 3.07
CA ASP A 97 -1.30 8.89 2.38
C ASP A 97 -0.26 8.09 1.58
N PRO A 98 -0.66 7.52 0.42
CA PRO A 98 0.19 6.71 -0.42
C PRO A 98 1.07 7.57 -1.34
N LYS A 99 2.27 7.06 -1.63
CA LYS A 99 3.37 7.78 -2.30
C LYS A 99 4.39 6.82 -2.96
N VAL A 100 5.17 7.29 -3.93
CA VAL A 100 6.14 6.45 -4.68
C VAL A 100 7.20 5.86 -3.74
N ALA A 101 7.50 4.57 -3.91
CA ALA A 101 8.43 3.83 -3.05
C ALA A 101 9.90 4.07 -3.39
N PHE A 102 10.74 4.16 -2.36
CA PHE A 102 12.21 4.18 -2.43
C PHE A 102 12.79 2.92 -3.13
N PRO A 103 14.09 2.93 -3.52
CA PRO A 103 14.80 1.78 -4.09
C PRO A 103 14.73 0.50 -3.25
N ARG A 104 15.14 -0.61 -3.88
CA ARG A 104 14.95 -1.98 -3.39
C ARG A 104 16.03 -2.93 -3.94
N ARG A 105 16.43 -3.92 -3.13
CA ARG A 105 17.46 -4.92 -3.44
C ARG A 105 17.07 -6.29 -2.87
N ALA A 106 16.78 -7.24 -3.77
CA ALA A 106 16.40 -8.62 -3.47
C ALA A 106 16.56 -9.51 -4.73
N GLN A 107 16.94 -10.78 -4.54
CA GLN A 107 17.26 -11.73 -5.60
C GLN A 107 17.18 -13.19 -5.11
N PRO A 108 17.14 -14.19 -6.02
CA PRO A 108 17.30 -15.60 -5.67
C PRO A 108 18.70 -15.89 -5.10
N LYS A 109 18.79 -16.96 -4.31
CA LYS A 109 20.03 -17.51 -3.70
C LYS A 109 20.67 -16.54 -2.69
N CYS A 26 7.18 -0.12 -10.49
CA CYS A 26 5.77 0.26 -10.22
C CYS A 26 5.42 0.05 -8.73
N LYS A 27 6.01 0.82 -7.81
CA LYS A 27 5.94 0.57 -6.35
C LYS A 27 5.62 1.84 -5.54
N MET A 28 4.88 1.68 -4.44
CA MET A 28 4.36 2.76 -3.61
C MET A 28 4.41 2.42 -2.12
N PHE A 29 4.82 3.41 -1.32
CA PHE A 29 4.72 3.42 0.14
C PHE A 29 3.31 3.90 0.51
N ILE A 30 2.68 3.28 1.50
CA ILE A 30 1.31 3.56 1.92
C ILE A 30 1.32 3.99 3.38
N GLY A 31 1.21 5.29 3.66
CA GLY A 31 1.21 5.86 5.01
C GLY A 31 -0.20 6.12 5.55
N GLY A 32 -0.31 6.42 6.85
CA GLY A 32 -1.55 6.85 7.50
C GLY A 32 -2.59 5.74 7.74
N LEU A 33 -2.18 4.46 7.66
CA LEU A 33 -3.06 3.29 7.82
C LEU A 33 -3.63 3.18 9.25
N SER A 34 -4.66 2.35 9.41
CA SER A 34 -5.22 1.98 10.71
C SER A 34 -4.44 0.80 11.33
N TRP A 35 -4.43 0.70 12.66
CA TRP A 35 -3.94 -0.47 13.38
C TRP A 35 -4.82 -1.72 13.17
N GLN A 36 -5.94 -1.59 12.43
CA GLN A 36 -6.77 -2.71 11.97
C GLN A 36 -6.53 -3.05 10.48
N THR A 37 -5.70 -2.29 9.74
CA THR A 37 -5.43 -2.52 8.31
C THR A 37 -4.55 -3.76 8.12
N THR A 38 -4.84 -4.54 7.07
CA THR A 38 -4.08 -5.71 6.61
C THR A 38 -3.63 -5.51 5.17
N GLN A 39 -2.64 -6.29 4.72
CA GLN A 39 -2.14 -6.25 3.34
C GLN A 39 -3.15 -6.81 2.34
N GLU A 40 -4.00 -7.75 2.77
CA GLU A 40 -5.16 -8.21 2.01
C GLU A 40 -6.17 -7.04 1.85
N GLY A 41 -6.34 -6.23 2.89
CA GLY A 41 -7.15 -5.01 2.88
C GLY A 41 -6.57 -3.91 1.99
N LEU A 42 -5.23 -3.81 1.88
CA LEU A 42 -4.58 -2.94 0.90
C LEU A 42 -4.94 -3.37 -0.52
N ARG A 43 -4.79 -4.66 -0.88
CA ARG A 43 -5.22 -5.15 -2.21
C ARG A 43 -6.70 -4.86 -2.46
N GLU A 44 -7.55 -5.03 -1.44
CA GLU A 44 -8.99 -4.75 -1.53
C GLU A 44 -9.28 -3.27 -1.86
N TYR A 45 -8.44 -2.34 -1.40
CA TYR A 45 -8.55 -0.91 -1.66
C TYR A 45 -7.82 -0.44 -2.93
N PHE A 46 -6.75 -1.11 -3.32
CA PHE A 46 -5.87 -0.73 -4.44
C PHE A 46 -6.20 -1.43 -5.77
N GLY A 47 -6.94 -2.55 -5.74
CA GLY A 47 -7.36 -3.30 -6.94
C GLY A 47 -8.36 -2.56 -7.85
N GLN A 48 -8.92 -1.44 -7.39
CA GLN A 48 -9.76 -0.54 -8.20
C GLN A 48 -8.94 0.40 -9.12
N PHE A 49 -7.63 0.54 -8.88
CA PHE A 49 -6.72 1.32 -9.73
C PHE A 49 -5.90 0.41 -10.66
N GLY A 50 -5.56 -0.80 -10.18
CA GLY A 50 -4.92 -1.87 -10.94
C GLY A 50 -4.60 -3.07 -10.03
N GLU A 51 -4.51 -4.27 -10.61
CA GLU A 51 -4.13 -5.47 -9.85
C GLU A 51 -2.71 -5.32 -9.29
N VAL A 52 -2.47 -5.87 -8.10
CA VAL A 52 -1.24 -5.68 -7.33
C VAL A 52 -0.34 -6.91 -7.44
N LYS A 53 0.95 -6.65 -7.69
CA LYS A 53 2.03 -7.61 -7.83
C LYS A 53 2.63 -8.05 -6.48
N GLU A 54 2.45 -7.22 -5.45
CA GLU A 54 2.88 -7.42 -4.06
C GLU A 54 2.14 -6.41 -3.18
N CYS A 55 1.82 -6.80 -1.94
CA CYS A 55 1.22 -5.92 -0.92
C CYS A 55 1.74 -6.32 0.47
N LEU A 56 2.01 -5.32 1.31
CA LEU A 56 2.69 -5.46 2.60
C LEU A 56 2.15 -4.48 3.64
N VAL A 57 2.07 -4.92 4.89
CA VAL A 57 1.81 -4.08 6.07
C VAL A 57 2.83 -4.49 7.14
N MET A 58 3.55 -3.52 7.68
CA MET A 58 4.71 -3.73 8.56
C MET A 58 4.29 -3.93 10.03
N ARG A 59 3.37 -4.87 10.26
CA ARG A 59 2.75 -5.11 11.57
C ARG A 59 3.57 -6.01 12.50
N ASP A 60 3.43 -5.81 13.81
CA ASP A 60 3.95 -6.73 14.84
C ASP A 60 2.91 -7.84 15.09
N PRO A 61 3.29 -9.14 15.06
CA PRO A 61 2.35 -10.25 15.17
C PRO A 61 1.83 -10.49 16.60
N LEU A 62 2.48 -9.91 17.61
CA LEU A 62 2.11 -10.07 19.03
C LEU A 62 0.90 -9.19 19.43
N THR A 63 0.74 -8.04 18.77
CA THR A 63 -0.20 -6.95 19.12
C THR A 63 -1.08 -6.51 17.96
N LYS A 64 -0.74 -6.91 16.73
CA LYS A 64 -1.36 -6.53 15.45
C LYS A 64 -1.22 -5.02 15.11
N ARG A 65 -0.46 -4.24 15.90
CA ARG A 65 -0.07 -2.86 15.58
C ARG A 65 0.58 -2.81 14.20
N SER A 66 0.04 -2.01 13.28
CA SER A 66 0.48 -1.93 11.88
C SER A 66 1.60 -0.91 11.64
N ARG A 67 1.96 -0.13 12.68
CA ARG A 67 2.83 1.06 12.62
C ARG A 67 2.22 2.20 11.76
N GLY A 68 0.98 2.04 11.29
CA GLY A 68 0.30 2.99 10.41
C GLY A 68 0.86 3.04 8.99
N PHE A 69 1.58 2.01 8.53
CA PHE A 69 2.14 2.00 7.17
C PHE A 69 2.39 0.61 6.56
N GLY A 70 2.47 0.61 5.23
CA GLY A 70 2.83 -0.54 4.40
C GLY A 70 3.35 -0.15 3.02
N PHE A 71 3.29 -1.08 2.07
CA PHE A 71 3.77 -0.95 0.70
C PHE A 71 2.88 -1.72 -0.27
N VAL A 72 2.76 -1.24 -1.51
CA VAL A 72 2.04 -1.93 -2.60
C VAL A 72 2.82 -1.77 -3.92
N THR A 73 2.89 -2.86 -4.69
CA THR A 73 3.48 -2.93 -6.03
C THR A 73 2.38 -3.28 -7.00
N PHE A 74 2.32 -2.62 -8.16
CA PHE A 74 1.26 -2.82 -9.16
C PHE A 74 1.76 -3.65 -10.35
N MET A 75 0.83 -4.37 -11.02
CA MET A 75 1.11 -5.11 -12.26
C MET A 75 1.42 -4.19 -13.47
N ASP A 76 1.14 -2.89 -13.35
CA ASP A 76 1.49 -1.85 -14.32
C ASP A 76 1.54 -0.46 -13.65
N GLN A 77 2.34 0.44 -14.21
CA GLN A 77 2.44 1.83 -13.78
C GLN A 77 1.12 2.59 -13.91
N ALA A 78 0.22 2.16 -14.81
CA ALA A 78 -1.12 2.73 -14.99
C ALA A 78 -2.01 2.66 -13.74
N GLY A 79 -1.70 1.79 -12.76
CA GLY A 79 -2.35 1.78 -11.45
C GLY A 79 -1.71 2.77 -10.47
N VAL A 80 -0.38 2.91 -10.52
CA VAL A 80 0.37 3.91 -9.74
C VAL A 80 -0.10 5.32 -10.13
N ASP A 81 -0.19 5.60 -11.44
CA ASP A 81 -0.63 6.89 -11.98
C ASP A 81 -2.00 7.33 -11.42
N LYS A 82 -2.96 6.41 -11.38
CA LYS A 82 -4.32 6.70 -10.89
C LYS A 82 -4.35 6.98 -9.37
N VAL A 83 -3.49 6.33 -8.58
CA VAL A 83 -3.41 6.58 -7.14
C VAL A 83 -2.86 7.98 -6.86
N LEU A 84 -1.87 8.44 -7.63
CA LEU A 84 -1.30 9.78 -7.50
C LEU A 84 -2.26 10.87 -7.97
N ALA A 85 -3.02 10.57 -9.03
CA ALA A 85 -3.96 11.51 -9.65
C ALA A 85 -5.20 11.83 -8.79
N GLN A 86 -5.50 11.02 -7.76
CA GLN A 86 -6.64 11.22 -6.85
C GLN A 86 -6.24 12.04 -5.61
N SER A 87 -7.13 12.91 -5.15
CA SER A 87 -6.87 13.94 -4.12
C SER A 87 -6.85 13.42 -2.67
N ARG A 88 -7.55 12.31 -2.40
CA ARG A 88 -7.72 11.70 -1.07
C ARG A 88 -7.98 10.19 -1.17
N HIS A 89 -7.49 9.44 -0.19
CA HIS A 89 -7.74 8.01 -0.02
C HIS A 89 -8.11 7.69 1.44
N GLU A 90 -8.86 6.60 1.67
CA GLU A 90 -9.46 6.28 2.97
C GLU A 90 -9.76 4.79 3.06
N LEU A 91 -9.31 4.16 4.16
CA LEU A 91 -9.40 2.73 4.42
C LEU A 91 -9.51 2.52 5.94
N ASP A 92 -10.53 1.77 6.38
CA ASP A 92 -10.93 1.60 7.79
C ASP A 92 -11.30 2.94 8.48
N SER A 93 -11.87 3.88 7.71
CA SER A 93 -12.28 5.23 8.16
C SER A 93 -11.10 6.13 8.60
N LYS A 94 -9.88 5.81 8.15
CA LYS A 94 -8.66 6.59 8.34
C LYS A 94 -8.18 7.13 6.98
N THR A 95 -7.86 8.43 6.90
CA THR A 95 -7.27 9.06 5.71
C THR A 95 -5.87 8.47 5.50
N ILE A 96 -5.64 7.81 4.37
CA ILE A 96 -4.33 7.25 4.03
C ILE A 96 -3.59 8.13 3.02
N ASP A 97 -2.27 8.01 3.00
CA ASP A 97 -1.36 8.85 2.22
C ASP A 97 -0.39 7.97 1.39
N PRO A 98 -0.84 7.47 0.23
CA PRO A 98 -0.03 6.65 -0.66
C PRO A 98 0.77 7.53 -1.63
N LYS A 99 2.02 7.12 -1.89
CA LYS A 99 3.04 7.90 -2.60
C LYS A 99 4.11 6.99 -3.24
N VAL A 100 4.86 7.49 -4.23
CA VAL A 100 5.88 6.71 -4.95
C VAL A 100 6.99 6.24 -4.00
N ALA A 101 7.36 4.96 -4.10
CA ALA A 101 8.42 4.36 -3.29
C ALA A 101 9.82 4.87 -3.71
N PHE A 102 10.68 5.22 -2.75
CA PHE A 102 11.97 5.88 -3.00
C PHE A 102 12.85 5.15 -4.06
N PRO A 103 13.39 5.86 -5.07
CA PRO A 103 14.22 5.30 -6.12
C PRO A 103 15.68 5.13 -5.66
N ARG A 104 16.53 4.60 -6.54
CA ARG A 104 17.97 4.41 -6.34
C ARG A 104 18.77 4.78 -7.60
N ARG A 105 19.93 5.43 -7.41
CA ARG A 105 20.91 5.68 -8.47
C ARG A 105 21.67 4.37 -8.73
N ALA A 106 21.46 3.78 -9.92
CA ALA A 106 21.89 2.42 -10.30
C ALA A 106 21.25 1.35 -9.38
N GLN A 107 21.73 0.11 -9.43
CA GLN A 107 21.21 -1.03 -8.66
C GLN A 107 22.36 -1.93 -8.17
N PRO A 108 22.21 -2.59 -7.01
CA PRO A 108 23.24 -3.48 -6.45
C PRO A 108 23.34 -4.80 -7.23
N LYS A 109 24.55 -5.37 -7.26
CA LYS A 109 24.90 -6.62 -7.97
C LYS A 109 26.17 -7.27 -7.39
N CYS A 26 7.27 -0.16 -10.34
CA CYS A 26 5.86 0.30 -10.12
C CYS A 26 5.42 -0.01 -8.68
N LYS A 27 5.84 0.79 -7.68
CA LYS A 27 5.61 0.47 -6.26
C LYS A 27 5.40 1.72 -5.39
N MET A 28 4.58 1.57 -4.34
CA MET A 28 4.12 2.63 -3.44
C MET A 28 4.13 2.19 -1.98
N PHE A 29 4.60 3.10 -1.13
CA PHE A 29 4.48 3.03 0.33
C PHE A 29 3.10 3.60 0.70
N ILE A 30 2.40 2.94 1.60
CA ILE A 30 1.01 3.27 1.96
C ILE A 30 0.97 3.71 3.43
N GLY A 31 0.90 5.02 3.68
CA GLY A 31 0.89 5.60 5.04
C GLY A 31 -0.51 5.94 5.53
N GLY A 32 -0.65 6.16 6.85
CA GLY A 32 -1.90 6.62 7.48
C GLY A 32 -2.96 5.52 7.68
N LEU A 33 -2.59 4.24 7.58
CA LEU A 33 -3.48 3.09 7.73
C LEU A 33 -4.08 2.96 9.13
N SER A 34 -5.09 2.11 9.27
CA SER A 34 -5.64 1.69 10.56
C SER A 34 -4.83 0.50 11.12
N TRP A 35 -4.82 0.35 12.45
CA TRP A 35 -4.29 -0.85 13.11
C TRP A 35 -5.16 -2.10 12.86
N GLN A 36 -6.31 -1.96 12.21
CA GLN A 36 -7.14 -3.06 11.71
C GLN A 36 -6.87 -3.39 10.22
N THR A 37 -6.08 -2.58 9.49
CA THR A 37 -5.79 -2.80 8.06
C THR A 37 -4.87 -4.00 7.87
N THR A 38 -5.17 -4.82 6.85
CA THR A 38 -4.37 -5.97 6.40
C THR A 38 -3.93 -5.76 4.96
N GLN A 39 -2.94 -6.53 4.50
CA GLN A 39 -2.46 -6.49 3.12
C GLN A 39 -3.49 -7.04 2.11
N GLU A 40 -4.41 -7.89 2.56
CA GLU A 40 -5.59 -8.28 1.78
C GLU A 40 -6.55 -7.10 1.64
N GLY A 41 -6.71 -6.28 2.69
CA GLY A 41 -7.49 -5.04 2.68
C GLY A 41 -6.85 -3.96 1.81
N LEU A 42 -5.51 -3.89 1.74
CA LEU A 42 -4.81 -3.05 0.77
C LEU A 42 -5.16 -3.47 -0.65
N ARG A 43 -5.02 -4.76 -1.01
CA ARG A 43 -5.43 -5.26 -2.33
C ARG A 43 -6.90 -4.94 -2.65
N GLU A 44 -7.78 -5.04 -1.66
CA GLU A 44 -9.21 -4.75 -1.80
C GLU A 44 -9.48 -3.29 -2.19
N TYR A 45 -8.66 -2.34 -1.70
CA TYR A 45 -8.75 -0.92 -2.04
C TYR A 45 -7.96 -0.55 -3.32
N PHE A 46 -6.78 -1.14 -3.51
CA PHE A 46 -5.85 -0.79 -4.58
C PHE A 46 -6.15 -1.48 -5.92
N GLY A 47 -6.95 -2.54 -5.92
CA GLY A 47 -7.49 -3.19 -7.14
C GLY A 47 -8.46 -2.31 -7.93
N GLN A 48 -8.89 -1.17 -7.38
CA GLN A 48 -9.70 -0.16 -8.08
C GLN A 48 -8.87 0.62 -9.12
N PHE A 49 -7.56 0.72 -8.92
CA PHE A 49 -6.64 1.53 -9.74
C PHE A 49 -5.83 0.65 -10.71
N GLY A 50 -5.42 -0.55 -10.27
CA GLY A 50 -4.75 -1.56 -11.09
C GLY A 50 -4.54 -2.88 -10.33
N GLU A 51 -4.34 -3.97 -11.06
CA GLU A 51 -4.03 -5.27 -10.46
C GLU A 51 -2.69 -5.21 -9.71
N VAL A 52 -2.67 -5.64 -8.44
CA VAL A 52 -1.46 -5.56 -7.59
C VAL A 52 -0.57 -6.79 -7.81
N LYS A 53 0.74 -6.54 -7.89
CA LYS A 53 1.80 -7.54 -8.06
C LYS A 53 2.35 -8.08 -6.72
N GLU A 54 2.17 -7.31 -5.65
CA GLU A 54 2.60 -7.57 -4.27
C GLU A 54 1.89 -6.57 -3.35
N CYS A 55 1.50 -7.00 -2.16
CA CYS A 55 0.94 -6.15 -1.11
C CYS A 55 1.47 -6.60 0.27
N LEU A 56 1.69 -5.64 1.17
CA LEU A 56 2.39 -5.86 2.44
C LEU A 56 1.87 -4.91 3.53
N VAL A 57 1.81 -5.39 4.77
CA VAL A 57 1.59 -4.58 5.98
C VAL A 57 2.67 -4.95 6.99
N MET A 58 3.38 -3.94 7.48
CA MET A 58 4.62 -4.08 8.27
C MET A 58 4.35 -4.15 9.79
N ARG A 59 3.34 -4.93 10.17
CA ARG A 59 2.86 -5.06 11.56
C ARG A 59 3.89 -5.66 12.52
N ASP A 60 3.77 -5.31 13.80
CA ASP A 60 4.52 -5.92 14.90
C ASP A 60 3.89 -7.28 15.27
N PRO A 61 4.67 -8.38 15.37
CA PRO A 61 4.11 -9.72 15.58
C PRO A 61 3.72 -10.01 17.05
N LEU A 62 4.10 -9.17 18.02
CA LEU A 62 3.75 -9.35 19.43
C LEU A 62 2.41 -8.68 19.76
N THR A 63 2.20 -7.45 19.27
CA THR A 63 1.05 -6.59 19.63
C THR A 63 0.06 -6.40 18.49
N LYS A 64 0.41 -6.86 17.28
CA LYS A 64 -0.40 -6.89 16.06
C LYS A 64 -0.72 -5.49 15.48
N ARG A 65 -0.19 -4.40 16.06
CA ARG A 65 -0.29 -3.05 15.49
C ARG A 65 0.33 -3.00 14.09
N SER A 66 -0.34 -2.37 13.14
CA SER A 66 0.18 -2.19 11.77
C SER A 66 1.24 -1.08 11.67
N ARG A 67 1.41 -0.28 12.75
CA ARG A 67 2.19 0.96 12.79
C ARG A 67 1.65 2.02 11.80
N GLY A 68 0.44 1.82 11.26
CA GLY A 68 -0.23 2.74 10.35
C GLY A 68 0.37 2.75 8.95
N PHE A 69 1.07 1.70 8.51
CA PHE A 69 1.66 1.67 7.17
C PHE A 69 1.88 0.28 6.56
N GLY A 70 2.00 0.27 5.23
CA GLY A 70 2.35 -0.89 4.40
C GLY A 70 2.94 -0.49 3.05
N PHE A 71 2.86 -1.40 2.08
CA PHE A 71 3.41 -1.25 0.73
C PHE A 71 2.53 -1.98 -0.30
N VAL A 72 2.47 -1.47 -1.53
CA VAL A 72 1.77 -2.10 -2.67
C VAL A 72 2.56 -1.88 -3.97
N THR A 73 2.79 -2.97 -4.71
CA THR A 73 3.38 -3.01 -6.06
C THR A 73 2.26 -3.30 -7.05
N PHE A 74 2.32 -2.70 -8.24
CA PHE A 74 1.31 -2.85 -9.28
C PHE A 74 1.86 -3.59 -10.51
N MET A 75 0.99 -4.30 -11.23
CA MET A 75 1.32 -4.99 -12.49
C MET A 75 1.67 -4.03 -13.64
N ASP A 76 1.34 -2.74 -13.51
CA ASP A 76 1.66 -1.65 -14.44
C ASP A 76 1.67 -0.29 -13.71
N GLN A 77 2.40 0.67 -14.28
CA GLN A 77 2.49 2.04 -13.79
C GLN A 77 1.13 2.78 -13.81
N ALA A 78 0.20 2.37 -14.68
CA ALA A 78 -1.11 3.00 -14.82
C ALA A 78 -1.94 3.00 -13.52
N GLY A 79 -1.70 2.06 -12.59
CA GLY A 79 -2.32 2.08 -11.26
C GLY A 79 -1.61 3.03 -10.30
N VAL A 80 -0.28 3.10 -10.37
CA VAL A 80 0.54 4.05 -9.59
C VAL A 80 0.13 5.49 -9.95
N ASP A 81 0.05 5.79 -11.25
CA ASP A 81 -0.33 7.11 -11.78
C ASP A 81 -1.65 7.62 -11.19
N LYS A 82 -2.67 6.76 -11.14
CA LYS A 82 -3.99 7.12 -10.62
C LYS A 82 -3.97 7.43 -9.10
N VAL A 83 -3.17 6.69 -8.33
CA VAL A 83 -3.08 6.88 -6.87
C VAL A 83 -2.36 8.20 -6.52
N LEU A 84 -1.46 8.67 -7.39
CA LEU A 84 -0.82 9.98 -7.26
C LEU A 84 -1.74 11.11 -7.72
N ALA A 85 -2.47 10.88 -8.81
CA ALA A 85 -3.34 11.88 -9.44
C ALA A 85 -4.60 12.22 -8.61
N GLN A 86 -5.06 11.30 -7.76
CA GLN A 86 -6.19 11.50 -6.85
C GLN A 86 -5.72 12.15 -5.54
N SER A 87 -6.44 13.17 -5.04
CA SER A 87 -5.99 14.03 -3.93
C SER A 87 -6.17 13.46 -2.51
N ARG A 88 -6.92 12.36 -2.35
CA ARG A 88 -7.30 11.78 -1.05
C ARG A 88 -7.78 10.33 -1.19
N HIS A 89 -7.52 9.52 -0.17
CA HIS A 89 -7.87 8.09 -0.11
C HIS A 89 -8.29 7.69 1.33
N GLU A 90 -9.07 6.62 1.48
CA GLU A 90 -9.65 6.21 2.77
C GLU A 90 -9.92 4.70 2.81
N LEU A 91 -9.50 4.04 3.89
CA LEU A 91 -9.61 2.60 4.11
C LEU A 91 -9.74 2.33 5.62
N ASP A 92 -10.75 1.53 6.01
CA ASP A 92 -11.17 1.30 7.41
C ASP A 92 -11.58 2.61 8.13
N SER A 93 -12.17 3.55 7.39
CA SER A 93 -12.60 4.88 7.86
C SER A 93 -11.43 5.80 8.30
N LYS A 94 -10.20 5.49 7.88
CA LYS A 94 -8.97 6.25 8.14
C LYS A 94 -8.43 6.80 6.82
N THR A 95 -8.10 8.10 6.79
CA THR A 95 -7.56 8.79 5.61
C THR A 95 -6.12 8.33 5.38
N ILE A 96 -5.85 7.72 4.23
CA ILE A 96 -4.53 7.16 3.89
C ILE A 96 -3.78 8.08 2.92
N ASP A 97 -2.45 8.06 3.00
CA ASP A 97 -1.53 8.96 2.29
C ASP A 97 -0.45 8.17 1.53
N PRO A 98 -0.84 7.44 0.47
CA PRO A 98 0.06 6.64 -0.35
C PRO A 98 0.93 7.51 -1.26
N LYS A 99 2.14 7.04 -1.53
CA LYS A 99 3.24 7.77 -2.20
C LYS A 99 4.28 6.81 -2.80
N VAL A 100 5.16 7.29 -3.69
CA VAL A 100 6.17 6.45 -4.39
C VAL A 100 7.13 5.80 -3.38
N ALA A 101 7.38 4.50 -3.55
CA ALA A 101 8.21 3.70 -2.65
C ALA A 101 9.72 3.86 -2.93
N PHE A 102 10.52 3.93 -1.86
CA PHE A 102 11.98 3.82 -1.93
C PHE A 102 12.38 2.41 -2.42
N PRO A 103 13.48 2.26 -3.19
CA PRO A 103 13.88 1.00 -3.81
C PRO A 103 14.27 -0.07 -2.77
N ARG A 104 14.34 -1.32 -3.23
CA ARG A 104 14.75 -2.47 -2.41
C ARG A 104 16.24 -2.38 -2.03
N ARG A 105 16.56 -2.72 -0.77
CA ARG A 105 17.93 -2.83 -0.26
C ARG A 105 18.48 -4.21 -0.64
N ALA A 106 19.36 -4.24 -1.64
CA ALA A 106 19.89 -5.44 -2.30
C ALA A 106 18.78 -6.30 -2.94
N GLN A 107 19.09 -7.55 -3.33
CA GLN A 107 18.12 -8.48 -3.91
C GLN A 107 17.21 -9.07 -2.81
N PRO A 108 15.88 -9.19 -3.03
CA PRO A 108 14.94 -9.70 -2.04
C PRO A 108 14.99 -11.24 -1.93
N LYS A 109 14.37 -11.75 -0.85
CA LYS A 109 14.29 -13.18 -0.50
C LYS A 109 13.03 -13.49 0.33
N CYS A 26 7.10 -0.20 -10.53
CA CYS A 26 5.68 0.18 -10.27
C CYS A 26 5.30 -0.05 -8.80
N LYS A 27 5.85 0.71 -7.84
CA LYS A 27 5.70 0.44 -6.40
C LYS A 27 5.52 1.70 -5.54
N MET A 28 4.76 1.57 -4.46
CA MET A 28 4.29 2.66 -3.59
C MET A 28 4.32 2.27 -2.12
N PHE A 29 4.78 3.20 -1.28
CA PHE A 29 4.68 3.19 0.17
C PHE A 29 3.29 3.73 0.53
N ILE A 30 2.63 3.10 1.51
CA ILE A 30 1.26 3.44 1.93
C ILE A 30 1.27 3.85 3.40
N GLY A 31 1.27 5.15 3.69
CA GLY A 31 1.22 5.70 5.05
C GLY A 31 -0.20 5.94 5.56
N GLY A 32 -0.34 6.27 6.84
CA GLY A 32 -1.61 6.72 7.44
C GLY A 32 -2.65 5.61 7.64
N LEU A 33 -2.26 4.33 7.57
CA LEU A 33 -3.13 3.17 7.73
C LEU A 33 -3.71 3.06 9.15
N SER A 34 -4.77 2.27 9.30
CA SER A 34 -5.31 1.89 10.60
C SER A 34 -4.48 0.76 11.23
N TRP A 35 -4.44 0.68 12.56
CA TRP A 35 -3.90 -0.48 13.28
C TRP A 35 -4.67 -1.79 13.00
N GLN A 36 -5.85 -1.71 12.37
CA GLN A 36 -6.65 -2.85 11.93
C GLN A 36 -6.42 -3.21 10.44
N THR A 37 -5.68 -2.40 9.67
CA THR A 37 -5.44 -2.64 8.24
C THR A 37 -4.53 -3.85 8.03
N THR A 38 -4.87 -4.68 7.04
CA THR A 38 -4.08 -5.84 6.58
C THR A 38 -3.69 -5.67 5.12
N GLN A 39 -2.72 -6.44 4.65
CA GLN A 39 -2.26 -6.42 3.25
C GLN A 39 -3.30 -6.99 2.27
N GLU A 40 -4.22 -7.83 2.76
CA GLU A 40 -5.41 -8.24 2.00
C GLU A 40 -6.40 -7.07 1.88
N GLY A 41 -6.51 -6.25 2.94
CA GLY A 41 -7.30 -5.01 2.94
C GLY A 41 -6.70 -3.93 2.02
N LEU A 42 -5.37 -3.87 1.91
CA LEU A 42 -4.71 -3.04 0.89
C LEU A 42 -5.10 -3.49 -0.51
N ARG A 43 -5.00 -4.78 -0.84
CA ARG A 43 -5.44 -5.29 -2.15
C ARG A 43 -6.91 -4.96 -2.42
N GLU A 44 -7.76 -5.06 -1.41
CA GLU A 44 -9.19 -4.76 -1.49
C GLU A 44 -9.47 -3.30 -1.89
N TYR A 45 -8.62 -2.36 -1.46
CA TYR A 45 -8.71 -0.94 -1.80
C TYR A 45 -7.97 -0.57 -3.10
N PHE A 46 -6.80 -1.19 -3.34
CA PHE A 46 -5.91 -0.86 -4.45
C PHE A 46 -6.23 -1.57 -5.76
N GLY A 47 -7.05 -2.64 -5.72
CA GLY A 47 -7.61 -3.29 -6.91
C GLY A 47 -8.58 -2.42 -7.72
N GLN A 48 -8.98 -1.25 -7.19
CA GLN A 48 -9.78 -0.24 -7.89
C GLN A 48 -8.99 0.51 -8.98
N PHE A 49 -7.66 0.59 -8.83
CA PHE A 49 -6.76 1.37 -9.69
C PHE A 49 -6.00 0.48 -10.68
N GLY A 50 -5.67 -0.74 -10.28
CA GLY A 50 -5.01 -1.76 -11.12
C GLY A 50 -4.78 -3.08 -10.38
N GLU A 51 -4.47 -4.14 -11.13
CA GLU A 51 -4.11 -5.43 -10.54
C GLU A 51 -2.77 -5.32 -9.80
N VAL A 52 -2.74 -5.73 -8.52
CA VAL A 52 -1.55 -5.63 -7.67
C VAL A 52 -0.64 -6.86 -7.86
N LYS A 53 0.67 -6.60 -7.93
CA LYS A 53 1.74 -7.60 -8.02
C LYS A 53 2.19 -8.10 -6.63
N GLU A 54 2.02 -7.27 -5.60
CA GLU A 54 2.43 -7.51 -4.21
C GLU A 54 1.77 -6.47 -3.30
N CYS A 55 1.24 -6.91 -2.15
CA CYS A 55 0.76 -6.05 -1.06
C CYS A 55 1.45 -6.45 0.25
N LEU A 56 1.79 -5.48 1.09
CA LEU A 56 2.52 -5.69 2.36
C LEU A 56 2.04 -4.73 3.46
N VAL A 57 1.99 -5.21 4.70
CA VAL A 57 1.79 -4.40 5.91
C VAL A 57 2.85 -4.83 6.94
N MET A 58 3.56 -3.84 7.49
CA MET A 58 4.75 -4.03 8.31
C MET A 58 4.41 -4.18 9.82
N ARG A 59 3.38 -4.98 10.12
CA ARG A 59 2.83 -5.12 11.47
C ARG A 59 3.79 -5.79 12.47
N ASP A 60 3.67 -5.42 13.74
CA ASP A 60 4.33 -6.07 14.87
C ASP A 60 3.65 -7.43 15.16
N PRO A 61 4.39 -8.55 15.27
CA PRO A 61 3.78 -9.87 15.42
C PRO A 61 3.34 -10.20 16.85
N LEU A 62 3.74 -9.42 17.87
CA LEU A 62 3.33 -9.60 19.26
C LEU A 62 2.07 -8.78 19.57
N THR A 63 2.00 -7.52 19.13
CA THR A 63 0.94 -6.57 19.48
C THR A 63 -0.07 -6.35 18.36
N LYS A 64 0.22 -6.85 17.17
CA LYS A 64 -0.59 -6.85 15.94
C LYS A 64 -0.81 -5.44 15.33
N ARG A 65 -0.23 -4.39 15.92
CA ARG A 65 -0.24 -3.02 15.39
C ARG A 65 0.45 -2.97 14.03
N SER A 66 -0.19 -2.35 13.06
CA SER A 66 0.30 -2.22 11.66
C SER A 66 1.48 -1.25 11.50
N ARG A 67 1.85 -0.53 12.58
CA ARG A 67 2.78 0.61 12.60
C ARG A 67 2.25 1.81 11.77
N GLY A 68 1.01 1.74 11.28
CA GLY A 68 0.36 2.79 10.49
C GLY A 68 0.81 2.85 9.03
N PHE A 69 1.49 1.83 8.50
CA PHE A 69 1.98 1.83 7.12
C PHE A 69 2.20 0.44 6.50
N GLY A 70 2.28 0.43 5.17
CA GLY A 70 2.65 -0.73 4.34
C GLY A 70 3.19 -0.33 2.97
N PHE A 71 3.08 -1.25 2.01
CA PHE A 71 3.55 -1.09 0.63
C PHE A 71 2.63 -1.83 -0.37
N VAL A 72 2.53 -1.32 -1.59
CA VAL A 72 1.77 -1.96 -2.70
C VAL A 72 2.53 -1.78 -4.02
N THR A 73 2.61 -2.87 -4.79
CA THR A 73 3.22 -2.96 -6.13
C THR A 73 2.13 -3.31 -7.12
N PHE A 74 2.17 -2.73 -8.32
CA PHE A 74 1.19 -2.95 -9.39
C PHE A 74 1.78 -3.74 -10.55
N MET A 75 0.92 -4.44 -11.31
CA MET A 75 1.28 -5.11 -12.57
C MET A 75 1.60 -4.12 -13.70
N ASP A 76 1.15 -2.86 -13.58
CA ASP A 76 1.34 -1.77 -14.55
C ASP A 76 1.42 -0.41 -13.83
N GLN A 77 2.22 0.50 -14.37
CA GLN A 77 2.39 1.87 -13.84
C GLN A 77 1.08 2.69 -13.92
N ALA A 78 0.16 2.29 -14.79
CA ALA A 78 -1.16 2.93 -14.94
C ALA A 78 -2.00 2.90 -13.65
N GLY A 79 -1.77 1.97 -12.73
CA GLY A 79 -2.41 1.97 -11.40
C GLY A 79 -1.71 2.92 -10.43
N VAL A 80 -0.37 2.99 -10.47
CA VAL A 80 0.43 3.94 -9.71
C VAL A 80 0.02 5.37 -10.06
N ASP A 81 -0.07 5.68 -11.37
CA ASP A 81 -0.47 7.00 -11.89
C ASP A 81 -1.79 7.49 -11.29
N LYS A 82 -2.82 6.64 -11.23
CA LYS A 82 -4.13 6.99 -10.68
C LYS A 82 -4.08 7.30 -9.18
N VAL A 83 -3.27 6.55 -8.42
CA VAL A 83 -3.15 6.74 -6.96
C VAL A 83 -2.44 8.06 -6.61
N LEU A 84 -1.54 8.54 -7.49
CA LEU A 84 -0.91 9.85 -7.34
C LEU A 84 -1.82 10.99 -7.79
N ALA A 85 -2.59 10.76 -8.88
CA ALA A 85 -3.46 11.75 -9.49
C ALA A 85 -4.70 12.09 -8.64
N GLN A 86 -5.15 11.19 -7.76
CA GLN A 86 -6.26 11.40 -6.83
C GLN A 86 -5.75 12.08 -5.54
N SER A 87 -6.48 13.08 -5.05
CA SER A 87 -6.01 13.97 -3.96
C SER A 87 -6.19 13.43 -2.53
N ARG A 88 -6.91 12.32 -2.32
CA ARG A 88 -7.28 11.77 -1.01
C ARG A 88 -7.72 10.30 -1.10
N HIS A 89 -7.41 9.52 -0.08
CA HIS A 89 -7.72 8.08 0.01
C HIS A 89 -8.08 7.70 1.47
N GLU A 90 -8.87 6.65 1.67
CA GLU A 90 -9.41 6.25 2.99
C GLU A 90 -9.70 4.74 3.03
N LEU A 91 -9.25 4.09 4.12
CA LEU A 91 -9.37 2.64 4.34
C LEU A 91 -9.47 2.38 5.85
N ASP A 92 -10.47 1.59 6.26
CA ASP A 92 -10.86 1.36 7.66
C ASP A 92 -11.22 2.68 8.40
N SER A 93 -11.84 3.62 7.68
CA SER A 93 -12.25 4.95 8.17
C SER A 93 -11.07 5.86 8.57
N LYS A 94 -9.85 5.57 8.10
CA LYS A 94 -8.63 6.33 8.33
C LYS A 94 -8.09 6.86 6.99
N THR A 95 -7.73 8.15 6.96
CA THR A 95 -7.24 8.84 5.76
C THR A 95 -5.80 8.40 5.51
N ILE A 96 -5.56 7.75 4.37
CA ILE A 96 -4.25 7.16 4.03
C ILE A 96 -3.45 8.08 3.09
N ASP A 97 -2.13 7.89 3.07
CA ASP A 97 -1.15 8.72 2.34
C ASP A 97 -0.24 7.82 1.46
N PRO A 98 -0.74 7.39 0.29
CA PRO A 98 -0.01 6.54 -0.65
C PRO A 98 0.83 7.39 -1.61
N LYS A 99 2.08 6.98 -1.80
CA LYS A 99 3.12 7.76 -2.49
C LYS A 99 4.27 6.88 -3.01
N VAL A 100 5.09 7.38 -3.93
CA VAL A 100 6.12 6.59 -4.66
C VAL A 100 7.14 5.98 -3.68
N ALA A 101 7.42 4.68 -3.85
CA ALA A 101 8.39 3.95 -3.03
C ALA A 101 9.85 4.29 -3.42
N PHE A 102 10.72 4.49 -2.43
CA PHE A 102 12.15 4.77 -2.64
C PHE A 102 12.83 3.66 -3.48
N PRO A 103 13.74 4.02 -4.41
CA PRO A 103 14.38 3.08 -5.34
C PRO A 103 15.40 2.17 -4.64
N ARG A 104 15.78 1.09 -5.34
CA ARG A 104 16.65 0.02 -4.87
C ARG A 104 17.42 -0.64 -6.02
N ARG A 105 18.21 -1.68 -5.73
CA ARG A 105 19.04 -2.43 -6.70
C ARG A 105 19.02 -3.95 -6.41
N ALA A 106 19.15 -4.75 -7.47
CA ALA A 106 19.13 -6.22 -7.46
C ALA A 106 19.72 -6.80 -8.76
N GLN A 107 20.08 -8.09 -8.76
CA GLN A 107 20.57 -8.81 -9.94
C GLN A 107 19.42 -9.30 -10.85
N PRO A 108 19.69 -9.58 -12.14
CA PRO A 108 18.75 -10.29 -13.01
C PRO A 108 18.67 -11.77 -12.62
N LYS A 109 17.55 -12.42 -12.94
CA LYS A 109 17.24 -13.82 -12.62
C LYS A 109 16.13 -14.38 -13.52
N CYS A 26 7.34 0.54 -11.00
CA CYS A 26 6.23 0.61 -10.01
C CYS A 26 6.68 0.19 -8.61
N LYS A 27 5.96 0.67 -7.58
CA LYS A 27 5.95 0.35 -6.12
C LYS A 27 5.73 1.61 -5.27
N MET A 28 4.91 1.49 -4.22
CA MET A 28 4.42 2.60 -3.39
C MET A 28 4.36 2.22 -1.90
N PHE A 29 4.79 3.16 -1.06
CA PHE A 29 4.62 3.15 0.40
C PHE A 29 3.22 3.68 0.72
N ILE A 30 2.53 3.06 1.67
CA ILE A 30 1.14 3.38 2.02
C ILE A 30 1.10 3.80 3.50
N GLY A 31 1.09 5.11 3.77
CA GLY A 31 1.05 5.66 5.14
C GLY A 31 -0.35 5.94 5.65
N GLY A 32 -0.48 6.21 6.96
CA GLY A 32 -1.74 6.65 7.59
C GLY A 32 -2.79 5.56 7.78
N LEU A 33 -2.40 4.28 7.70
CA LEU A 33 -3.29 3.12 7.85
C LEU A 33 -3.87 3.00 9.27
N SER A 34 -4.98 2.26 9.38
CA SER A 34 -5.55 1.81 10.65
C SER A 34 -4.74 0.62 11.20
N TRP A 35 -4.66 0.48 12.54
CA TRP A 35 -4.12 -0.72 13.19
C TRP A 35 -4.92 -2.01 12.93
N GLN A 36 -6.09 -1.91 12.30
CA GLN A 36 -6.91 -3.07 11.88
C GLN A 36 -6.65 -3.49 10.42
N THR A 37 -5.79 -2.76 9.68
CA THR A 37 -5.57 -2.96 8.24
C THR A 37 -4.79 -4.25 7.97
N THR A 38 -5.14 -4.94 6.89
CA THR A 38 -4.42 -6.12 6.36
C THR A 38 -3.98 -5.85 4.93
N GLN A 39 -2.98 -6.60 4.46
CA GLN A 39 -2.48 -6.48 3.08
C GLN A 39 -3.48 -6.98 2.03
N GLU A 40 -4.37 -7.90 2.41
CA GLU A 40 -5.54 -8.26 1.59
C GLU A 40 -6.54 -7.10 1.52
N GLY A 41 -6.68 -6.33 2.61
CA GLY A 41 -7.47 -5.09 2.66
C GLY A 41 -6.86 -3.97 1.82
N LEU A 42 -5.52 -3.88 1.73
CA LEU A 42 -4.86 -2.99 0.78
C LEU A 42 -5.20 -3.37 -0.66
N ARG A 43 -5.08 -4.64 -1.04
CA ARG A 43 -5.50 -5.11 -2.37
C ARG A 43 -6.97 -4.81 -2.66
N GLU A 44 -7.85 -4.95 -1.66
CA GLU A 44 -9.27 -4.65 -1.77
C GLU A 44 -9.54 -3.17 -2.15
N TYR A 45 -8.73 -2.25 -1.63
CA TYR A 45 -8.81 -0.81 -1.93
C TYR A 45 -8.07 -0.41 -3.22
N PHE A 46 -6.88 -0.97 -3.44
CA PHE A 46 -5.99 -0.62 -4.56
C PHE A 46 -6.34 -1.33 -5.87
N GLY A 47 -7.03 -2.47 -5.80
CA GLY A 47 -7.57 -3.21 -6.95
C GLY A 47 -8.68 -2.45 -7.70
N GLN A 48 -9.21 -1.38 -7.13
CA GLN A 48 -10.17 -0.46 -7.78
C GLN A 48 -9.48 0.46 -8.81
N PHE A 49 -8.16 0.64 -8.71
CA PHE A 49 -7.33 1.39 -9.67
C PHE A 49 -6.63 0.43 -10.66
N GLY A 50 -6.12 -0.69 -10.16
CA GLY A 50 -5.48 -1.76 -10.94
C GLY A 50 -5.00 -2.92 -10.07
N GLU A 51 -4.90 -4.12 -10.65
CA GLU A 51 -4.46 -5.32 -9.92
C GLU A 51 -3.03 -5.16 -9.39
N VAL A 52 -2.75 -5.75 -8.22
CA VAL A 52 -1.50 -5.60 -7.49
C VAL A 52 -0.59 -6.81 -7.65
N LYS A 53 0.68 -6.53 -7.93
CA LYS A 53 1.80 -7.46 -8.08
C LYS A 53 2.39 -7.90 -6.72
N GLU A 54 2.23 -7.08 -5.69
CA GLU A 54 2.69 -7.29 -4.32
C GLU A 54 1.92 -6.36 -3.38
N CYS A 55 1.66 -6.81 -2.15
CA CYS A 55 1.04 -6.02 -1.09
C CYS A 55 1.56 -6.48 0.29
N LEU A 56 1.75 -5.53 1.20
CA LEU A 56 2.39 -5.72 2.51
C LEU A 56 1.80 -4.76 3.55
N VAL A 57 1.68 -5.24 4.79
CA VAL A 57 1.42 -4.42 5.97
C VAL A 57 2.52 -4.75 6.96
N MET A 58 3.27 -3.72 7.37
CA MET A 58 4.53 -3.86 8.12
C MET A 58 4.30 -3.94 9.64
N ARG A 59 3.42 -4.85 10.05
CA ARG A 59 2.90 -4.96 11.41
C ARG A 59 3.92 -5.53 12.41
N ASP A 60 3.74 -5.17 13.69
CA ASP A 60 4.45 -5.75 14.83
C ASP A 60 3.91 -7.19 15.09
N PRO A 61 4.78 -8.22 15.22
CA PRO A 61 4.33 -9.60 15.31
C PRO A 61 3.82 -10.00 16.71
N LEU A 62 4.01 -9.19 17.75
CA LEU A 62 3.54 -9.47 19.11
C LEU A 62 2.12 -8.92 19.33
N THR A 63 1.86 -7.71 18.83
CA THR A 63 0.61 -6.94 19.07
C THR A 63 -0.30 -6.86 17.85
N LYS A 64 0.21 -7.23 16.67
CA LYS A 64 -0.45 -7.21 15.36
C LYS A 64 -0.79 -5.79 14.85
N ARG A 65 -0.39 -4.74 15.59
CA ARG A 65 -0.48 -3.32 15.21
C ARG A 65 0.27 -3.09 13.90
N SER A 66 -0.40 -2.49 12.92
CA SER A 66 0.12 -2.25 11.56
C SER A 66 1.27 -1.23 11.50
N ARG A 67 1.58 -0.56 12.62
CA ARG A 67 2.48 0.61 12.72
C ARG A 67 1.95 1.81 11.90
N GLY A 68 0.73 1.72 11.37
CA GLY A 68 0.08 2.73 10.52
C GLY A 68 0.62 2.79 9.10
N PHE A 69 1.30 1.75 8.58
CA PHE A 69 1.81 1.75 7.21
C PHE A 69 2.03 0.36 6.58
N GLY A 70 2.06 0.36 5.25
CA GLY A 70 2.35 -0.79 4.40
C GLY A 70 3.02 -0.41 3.08
N PHE A 71 2.97 -1.34 2.12
CA PHE A 71 3.52 -1.18 0.76
C PHE A 71 2.64 -1.91 -0.26
N VAL A 72 2.57 -1.39 -1.50
CA VAL A 72 1.83 -2.00 -2.62
C VAL A 72 2.60 -1.77 -3.93
N THR A 73 2.63 -2.80 -4.80
CA THR A 73 3.18 -2.74 -6.16
C THR A 73 2.08 -3.15 -7.13
N PHE A 74 1.96 -2.45 -8.26
CA PHE A 74 0.93 -2.70 -9.27
C PHE A 74 1.44 -3.59 -10.42
N MET A 75 0.53 -4.29 -11.10
CA MET A 75 0.82 -5.08 -12.30
C MET A 75 1.30 -4.25 -13.49
N ASP A 76 1.10 -2.93 -13.45
CA ASP A 76 1.62 -1.94 -14.40
C ASP A 76 1.77 -0.57 -13.72
N GLN A 77 2.65 0.28 -14.25
CA GLN A 77 2.86 1.66 -13.79
C GLN A 77 1.58 2.50 -13.86
N ALA A 78 0.64 2.20 -14.76
CA ALA A 78 -0.66 2.86 -14.84
C ALA A 78 -1.45 2.81 -13.51
N GLY A 79 -1.26 1.79 -12.67
CA GLY A 79 -1.88 1.72 -11.34
C GLY A 79 -1.23 2.68 -10.34
N VAL A 80 0.07 2.95 -10.49
CA VAL A 80 0.77 3.98 -9.70
C VAL A 80 0.26 5.36 -10.13
N ASP A 81 0.17 5.62 -11.44
CA ASP A 81 -0.29 6.90 -11.98
C ASP A 81 -1.68 7.29 -11.45
N LYS A 82 -2.61 6.32 -11.41
CA LYS A 82 -3.98 6.53 -10.93
C LYS A 82 -4.06 6.90 -9.45
N VAL A 83 -3.16 6.36 -8.62
CA VAL A 83 -3.12 6.67 -7.19
C VAL A 83 -2.58 8.09 -6.93
N LEU A 84 -1.52 8.49 -7.64
CA LEU A 84 -0.94 9.83 -7.54
C LEU A 84 -1.88 10.92 -8.05
N ALA A 85 -2.64 10.58 -9.11
CA ALA A 85 -3.60 11.49 -9.74
C ALA A 85 -4.83 11.83 -8.87
N GLN A 86 -5.03 11.16 -7.73
CA GLN A 86 -6.12 11.42 -6.78
C GLN A 86 -5.56 12.08 -5.50
N SER A 87 -6.25 13.10 -4.97
CA SER A 87 -5.73 13.98 -3.91
C SER A 87 -5.93 13.46 -2.47
N ARG A 88 -6.70 12.37 -2.27
CA ARG A 88 -7.09 11.84 -0.95
C ARG A 88 -7.60 10.39 -1.06
N HIS A 89 -7.34 9.59 -0.03
CA HIS A 89 -7.68 8.17 0.05
C HIS A 89 -8.10 7.78 1.48
N GLU A 90 -8.89 6.71 1.66
CA GLU A 90 -9.45 6.31 2.95
C GLU A 90 -9.74 4.80 2.97
N LEU A 91 -9.33 4.13 4.05
CA LEU A 91 -9.49 2.68 4.26
C LEU A 91 -9.63 2.41 5.78
N ASP A 92 -10.66 1.65 6.16
CA ASP A 92 -11.07 1.39 7.55
C ASP A 92 -11.40 2.69 8.33
N SER A 93 -12.00 3.66 7.64
CA SER A 93 -12.41 4.98 8.16
C SER A 93 -11.23 5.88 8.58
N LYS A 94 -10.02 5.59 8.07
CA LYS A 94 -8.78 6.33 8.33
C LYS A 94 -8.24 6.87 6.99
N THR A 95 -7.90 8.17 6.95
CA THR A 95 -7.36 8.85 5.76
C THR A 95 -5.93 8.38 5.54
N ILE A 96 -5.67 7.75 4.40
CA ILE A 96 -4.35 7.17 4.07
C ILE A 96 -3.57 8.08 3.11
N ASP A 97 -2.26 7.92 3.08
CA ASP A 97 -1.31 8.76 2.35
C ASP A 97 -0.32 7.89 1.54
N PRO A 98 -0.74 7.43 0.34
CA PRO A 98 0.08 6.59 -0.53
C PRO A 98 0.96 7.45 -1.45
N LYS A 99 2.20 6.99 -1.66
CA LYS A 99 3.29 7.74 -2.31
C LYS A 99 4.36 6.80 -2.91
N VAL A 100 5.20 7.29 -3.83
CA VAL A 100 6.24 6.49 -4.50
C VAL A 100 7.25 5.94 -3.47
N ALA A 101 7.57 4.65 -3.58
CA ALA A 101 8.45 3.95 -2.64
C ALA A 101 9.94 4.21 -2.88
N PHE A 102 10.70 4.38 -1.80
CA PHE A 102 12.17 4.40 -1.80
C PHE A 102 12.72 3.04 -2.28
N PRO A 103 13.87 3.00 -2.99
CA PRO A 103 14.43 1.80 -3.61
C PRO A 103 14.78 0.72 -2.59
N ARG A 104 14.99 -0.50 -3.10
CA ARG A 104 15.12 -1.73 -2.31
C ARG A 104 16.32 -2.61 -2.73
N ARG A 105 16.92 -3.30 -1.75
CA ARG A 105 18.13 -4.13 -1.90
C ARG A 105 18.03 -5.36 -0.97
N ALA A 106 17.66 -6.51 -1.56
CA ALA A 106 17.54 -7.83 -0.90
C ALA A 106 17.30 -8.93 -1.96
N GLN A 107 17.47 -10.19 -1.58
CA GLN A 107 17.27 -11.37 -2.44
C GLN A 107 16.31 -12.37 -1.77
N PRO A 108 15.46 -13.09 -2.54
CA PRO A 108 14.58 -14.12 -2.01
C PRO A 108 15.38 -15.37 -1.64
N LYS A 109 15.43 -15.69 -0.34
CA LYS A 109 16.26 -16.75 0.26
C LYS A 109 15.57 -17.39 1.47
N CYS A 26 6.79 0.53 -10.44
CA CYS A 26 5.37 0.39 -10.04
C CYS A 26 5.14 0.15 -8.53
N LYS A 27 6.05 0.51 -7.62
CA LYS A 27 5.92 0.27 -6.16
C LYS A 27 5.69 1.56 -5.35
N MET A 28 4.88 1.45 -4.29
CA MET A 28 4.40 2.56 -3.46
C MET A 28 4.38 2.19 -1.97
N PHE A 29 4.81 3.14 -1.14
CA PHE A 29 4.67 3.15 0.30
C PHE A 29 3.27 3.67 0.63
N ILE A 30 2.57 3.05 1.59
CA ILE A 30 1.20 3.38 1.96
C ILE A 30 1.16 3.80 3.44
N GLY A 31 1.13 5.11 3.71
CA GLY A 31 1.07 5.67 5.07
C GLY A 31 -0.36 5.90 5.56
N GLY A 32 -0.51 6.21 6.85
CA GLY A 32 -1.78 6.67 7.45
C GLY A 32 -2.84 5.57 7.66
N LEU A 33 -2.45 4.29 7.59
CA LEU A 33 -3.34 3.13 7.77
C LEU A 33 -3.90 3.03 9.19
N SER A 34 -4.92 2.19 9.38
CA SER A 34 -5.42 1.81 10.71
C SER A 34 -4.51 0.74 11.34
N TRP A 35 -4.44 0.69 12.67
CA TRP A 35 -3.78 -0.39 13.43
C TRP A 35 -4.39 -1.78 13.19
N GLN A 36 -5.51 -1.88 12.47
CA GLN A 36 -6.17 -3.13 12.08
C GLN A 36 -6.30 -3.30 10.55
N THR A 37 -5.64 -2.46 9.74
CA THR A 37 -5.52 -2.66 8.29
C THR A 37 -4.65 -3.89 8.01
N THR A 38 -5.01 -4.67 6.98
CA THR A 38 -4.28 -5.85 6.48
C THR A 38 -3.85 -5.63 5.04
N GLN A 39 -2.85 -6.39 4.59
CA GLN A 39 -2.35 -6.34 3.20
C GLN A 39 -3.36 -6.90 2.18
N GLU A 40 -4.25 -7.78 2.61
CA GLU A 40 -5.41 -8.19 1.80
C GLU A 40 -6.41 -7.03 1.68
N GLY A 41 -6.59 -6.24 2.75
CA GLY A 41 -7.39 -5.01 2.75
C GLY A 41 -6.78 -3.91 1.87
N LEU A 42 -5.43 -3.83 1.79
CA LEU A 42 -4.76 -2.97 0.82
C LEU A 42 -5.10 -3.37 -0.61
N ARG A 43 -4.97 -4.66 -0.97
CA ARG A 43 -5.39 -5.14 -2.30
C ARG A 43 -6.87 -4.84 -2.59
N GLU A 44 -7.73 -4.99 -1.59
CA GLU A 44 -9.16 -4.71 -1.70
C GLU A 44 -9.46 -3.25 -2.07
N TYR A 45 -8.64 -2.30 -1.59
CA TYR A 45 -8.75 -0.87 -1.91
C TYR A 45 -8.01 -0.49 -3.21
N PHE A 46 -6.81 -1.05 -3.42
CA PHE A 46 -5.92 -0.68 -4.53
C PHE A 46 -6.25 -1.37 -5.85
N GLY A 47 -7.01 -2.48 -5.82
CA GLY A 47 -7.56 -3.16 -7.00
C GLY A 47 -8.60 -2.34 -7.78
N GLN A 48 -9.06 -1.21 -7.22
CA GLN A 48 -9.89 -0.21 -7.91
C GLN A 48 -9.12 0.56 -8.99
N PHE A 49 -7.79 0.69 -8.81
CA PHE A 49 -6.89 1.44 -9.69
C PHE A 49 -6.12 0.50 -10.64
N GLY A 50 -5.76 -0.69 -10.15
CA GLY A 50 -5.16 -1.79 -10.90
C GLY A 50 -4.84 -2.98 -10.02
N GLU A 51 -4.81 -4.19 -10.58
CA GLU A 51 -4.40 -5.39 -9.84
C GLU A 51 -2.97 -5.27 -9.32
N VAL A 52 -2.68 -5.90 -8.18
CA VAL A 52 -1.44 -5.71 -7.43
C VAL A 52 -0.52 -6.94 -7.56
N LYS A 53 0.75 -6.66 -7.83
CA LYS A 53 1.87 -7.61 -7.95
C LYS A 53 2.39 -8.08 -6.58
N GLU A 54 2.23 -7.24 -5.55
CA GLU A 54 2.69 -7.45 -4.17
C GLU A 54 1.94 -6.47 -3.26
N CYS A 55 1.65 -6.89 -2.03
CA CYS A 55 1.10 -6.03 -0.97
C CYS A 55 1.63 -6.47 0.41
N LEU A 56 1.86 -5.52 1.29
CA LEU A 56 2.51 -5.70 2.59
C LEU A 56 1.96 -4.73 3.64
N VAL A 57 1.91 -5.17 4.89
CA VAL A 57 1.65 -4.32 6.08
C VAL A 57 2.68 -4.69 7.14
N MET A 58 3.42 -3.70 7.63
CA MET A 58 4.60 -3.86 8.50
C MET A 58 4.24 -4.01 9.98
N ARG A 59 3.32 -4.95 10.25
CA ARG A 59 2.71 -5.18 11.57
C ARG A 59 3.65 -5.87 12.57
N ASP A 60 3.49 -5.52 13.84
CA ASP A 60 4.11 -6.18 14.99
C ASP A 60 3.42 -7.54 15.27
N PRO A 61 4.15 -8.66 15.43
CA PRO A 61 3.55 -9.99 15.56
C PRO A 61 3.04 -10.32 16.96
N LEU A 62 3.35 -9.52 18.00
CA LEU A 62 2.89 -9.74 19.37
C LEU A 62 1.56 -9.01 19.64
N THR A 63 1.38 -7.83 19.05
CA THR A 63 0.25 -6.91 19.30
C THR A 63 -0.65 -6.69 18.09
N LYS A 64 -0.21 -7.14 16.92
CA LYS A 64 -0.90 -7.04 15.62
C LYS A 64 -1.08 -5.58 15.12
N ARG A 65 -0.50 -4.60 15.83
CA ARG A 65 -0.42 -3.18 15.43
C ARG A 65 0.31 -3.05 14.10
N SER A 66 -0.33 -2.42 13.12
CA SER A 66 0.19 -2.26 11.75
C SER A 66 1.35 -1.23 11.63
N ARG A 67 1.65 -0.50 12.71
CA ARG A 67 2.53 0.68 12.75
C ARG A 67 2.00 1.86 11.91
N GLY A 68 0.78 1.75 11.36
CA GLY A 68 0.13 2.78 10.55
C GLY A 68 0.59 2.83 9.10
N PHE A 69 1.29 1.82 8.58
CA PHE A 69 1.80 1.83 7.20
C PHE A 69 2.07 0.44 6.60
N GLY A 70 2.18 0.42 5.26
CA GLY A 70 2.56 -0.74 4.45
C GLY A 70 3.14 -0.36 3.10
N PHE A 71 3.06 -1.29 2.13
CA PHE A 71 3.55 -1.14 0.76
C PHE A 71 2.64 -1.89 -0.23
N VAL A 72 2.57 -1.40 -1.48
CA VAL A 72 1.86 -2.06 -2.59
C VAL A 72 2.64 -1.87 -3.90
N THR A 73 2.73 -2.92 -4.70
CA THR A 73 3.28 -2.90 -6.07
C THR A 73 2.17 -3.28 -7.03
N PHE A 74 2.05 -2.58 -8.15
CA PHE A 74 1.00 -2.80 -9.14
C PHE A 74 1.49 -3.69 -10.31
N MET A 75 0.56 -4.40 -10.97
CA MET A 75 0.83 -5.19 -12.17
C MET A 75 1.19 -4.32 -13.40
N ASP A 76 0.92 -3.00 -13.33
CA ASP A 76 1.35 -1.99 -14.30
C ASP A 76 1.43 -0.61 -13.62
N GLN A 77 2.27 0.27 -14.17
CA GLN A 77 2.43 1.66 -13.72
C GLN A 77 1.13 2.48 -13.82
N ALA A 78 0.21 2.11 -14.72
CA ALA A 78 -1.07 2.79 -14.90
C ALA A 78 -1.95 2.83 -13.63
N GLY A 79 -1.75 1.91 -12.67
CA GLY A 79 -2.40 1.97 -11.36
C GLY A 79 -1.71 2.95 -10.41
N VAL A 80 -0.39 3.05 -10.47
CA VAL A 80 0.39 4.05 -9.71
C VAL A 80 -0.03 5.46 -10.14
N ASP A 81 -0.09 5.72 -11.46
CA ASP A 81 -0.49 7.00 -12.03
C ASP A 81 -1.82 7.52 -11.46
N LYS A 82 -2.83 6.65 -11.35
CA LYS A 82 -4.14 7.00 -10.80
C LYS A 82 -4.09 7.34 -9.31
N VAL A 83 -3.27 6.62 -8.53
CA VAL A 83 -3.15 6.83 -7.07
C VAL A 83 -2.45 8.16 -6.74
N LEU A 84 -1.53 8.62 -7.61
CA LEU A 84 -0.89 9.92 -7.48
C LEU A 84 -1.82 11.06 -7.93
N ALA A 85 -2.58 10.83 -9.00
CA ALA A 85 -3.46 11.83 -9.61
C ALA A 85 -4.72 12.17 -8.76
N GLN A 86 -5.07 11.36 -7.77
CA GLN A 86 -6.22 11.56 -6.86
C GLN A 86 -5.79 12.27 -5.57
N SER A 87 -6.58 13.25 -5.10
CA SER A 87 -6.19 14.17 -4.02
C SER A 87 -6.33 13.63 -2.58
N ARG A 88 -6.99 12.47 -2.39
CA ARG A 88 -7.28 11.85 -1.08
C ARG A 88 -7.65 10.37 -1.22
N HIS A 89 -7.30 9.56 -0.23
CA HIS A 89 -7.63 8.13 -0.11
C HIS A 89 -8.04 7.80 1.34
N GLU A 90 -8.85 6.74 1.54
CA GLU A 90 -9.42 6.38 2.83
C GLU A 90 -9.69 4.87 2.89
N LEU A 91 -9.26 4.23 3.98
CA LEU A 91 -9.37 2.78 4.21
C LEU A 91 -9.39 2.53 5.73
N ASP A 92 -10.34 1.70 6.18
CA ASP A 92 -10.59 1.39 7.60
C ASP A 92 -10.92 2.66 8.45
N SER A 93 -11.67 3.59 7.86
CA SER A 93 -12.14 4.85 8.46
C SER A 93 -11.00 5.84 8.79
N LYS A 94 -9.87 5.74 8.09
CA LYS A 94 -8.66 6.54 8.28
C LYS A 94 -8.17 7.08 6.92
N THR A 95 -7.81 8.37 6.86
CA THR A 95 -7.22 9.02 5.67
C THR A 95 -5.84 8.42 5.44
N ILE A 96 -5.62 7.77 4.30
CA ILE A 96 -4.33 7.16 3.96
C ILE A 96 -3.53 8.06 3.01
N ASP A 97 -2.21 7.90 3.01
CA ASP A 97 -1.25 8.73 2.29
C ASP A 97 -0.28 7.86 1.47
N PRO A 98 -0.71 7.39 0.27
CA PRO A 98 0.09 6.56 -0.61
C PRO A 98 0.97 7.41 -1.53
N LYS A 99 2.21 6.97 -1.73
CA LYS A 99 3.29 7.71 -2.40
C LYS A 99 4.35 6.76 -3.01
N VAL A 100 5.17 7.25 -3.95
CA VAL A 100 6.20 6.44 -4.62
C VAL A 100 7.21 5.90 -3.60
N ALA A 101 7.52 4.60 -3.69
CA ALA A 101 8.44 3.91 -2.79
C ALA A 101 9.91 4.21 -3.12
N PHE A 102 10.75 4.39 -2.09
CA PHE A 102 12.20 4.49 -2.25
C PHE A 102 12.75 3.21 -2.93
N PRO A 103 13.51 3.32 -4.04
CA PRO A 103 13.88 2.20 -4.89
C PRO A 103 14.95 1.31 -4.23
N ARG A 104 14.79 0.00 -4.40
CA ARG A 104 15.65 -1.06 -3.83
C ARG A 104 15.93 -2.20 -4.82
N ARG A 105 15.69 -1.97 -6.12
CA ARG A 105 15.84 -2.94 -7.21
C ARG A 105 17.31 -3.30 -7.45
N ALA A 106 17.58 -4.60 -7.59
CA ALA A 106 18.87 -5.19 -7.96
C ALA A 106 18.67 -6.47 -8.79
N GLN A 107 19.72 -6.91 -9.49
CA GLN A 107 19.70 -8.01 -10.45
C GLN A 107 21.13 -8.52 -10.73
N PRO A 108 21.33 -9.80 -11.07
CA PRO A 108 22.63 -10.33 -11.48
C PRO A 108 23.04 -9.78 -12.85
N LYS A 109 24.33 -9.43 -12.99
CA LYS A 109 24.91 -8.80 -14.19
C LYS A 109 26.45 -8.97 -14.22
N CYS A 26 7.00 -0.14 -10.73
CA CYS A 26 5.60 0.25 -10.40
C CYS A 26 5.29 -0.05 -8.92
N LYS A 27 5.74 0.77 -7.97
CA LYS A 27 5.62 0.48 -6.52
C LYS A 27 5.39 1.74 -5.67
N MET A 28 4.64 1.57 -4.58
CA MET A 28 4.21 2.64 -3.67
C MET A 28 4.32 2.22 -2.20
N PHE A 29 4.83 3.15 -1.39
CA PHE A 29 4.83 3.10 0.07
C PHE A 29 3.48 3.65 0.54
N ILE A 30 2.82 2.95 1.46
CA ILE A 30 1.45 3.24 1.89
C ILE A 30 1.50 3.69 3.36
N GLY A 31 1.55 4.99 3.61
CA GLY A 31 1.58 5.57 4.96
C GLY A 31 0.20 5.94 5.49
N GLY A 32 0.10 6.18 6.80
CA GLY A 32 -1.12 6.69 7.45
C GLY A 32 -2.23 5.65 7.65
N LEU A 33 -1.91 4.35 7.58
CA LEU A 33 -2.87 3.24 7.73
C LEU A 33 -3.45 3.16 9.15
N SER A 34 -4.54 2.40 9.29
CA SER A 34 -5.09 2.04 10.60
C SER A 34 -4.30 0.88 11.20
N TRP A 35 -4.22 0.78 12.53
CA TRP A 35 -3.68 -0.41 13.22
C TRP A 35 -4.44 -1.71 12.88
N GLN A 36 -5.65 -1.60 12.34
CA GLN A 36 -6.50 -2.71 11.90
C GLN A 36 -6.36 -3.03 10.39
N THR A 37 -5.63 -2.22 9.61
CA THR A 37 -5.40 -2.47 8.17
C THR A 37 -4.51 -3.71 7.97
N THR A 38 -4.85 -4.52 6.96
CA THR A 38 -4.10 -5.72 6.53
C THR A 38 -3.70 -5.57 5.06
N GLN A 39 -2.75 -6.38 4.59
CA GLN A 39 -2.29 -6.38 3.20
C GLN A 39 -3.34 -6.92 2.22
N GLU A 40 -4.27 -7.76 2.69
CA GLU A 40 -5.45 -8.15 1.92
C GLU A 40 -6.42 -6.95 1.79
N GLY A 41 -6.54 -6.13 2.84
CA GLY A 41 -7.29 -4.86 2.82
C GLY A 41 -6.64 -3.82 1.91
N LEU A 42 -5.29 -3.79 1.82
CA LEU A 42 -4.59 -2.97 0.83
C LEU A 42 -4.97 -3.39 -0.58
N ARG A 43 -4.86 -4.67 -0.95
CA ARG A 43 -5.31 -5.17 -2.25
C ARG A 43 -6.78 -4.82 -2.53
N GLU A 44 -7.64 -4.92 -1.53
CA GLU A 44 -9.07 -4.59 -1.64
C GLU A 44 -9.33 -3.13 -2.07
N TYR A 45 -8.49 -2.20 -1.61
CA TYR A 45 -8.56 -0.78 -1.95
C TYR A 45 -7.77 -0.43 -3.22
N PHE A 46 -6.58 -0.99 -3.39
CA PHE A 46 -5.64 -0.64 -4.46
C PHE A 46 -5.92 -1.35 -5.79
N GLY A 47 -6.59 -2.50 -5.75
CA GLY A 47 -7.07 -3.24 -6.94
C GLY A 47 -8.15 -2.48 -7.73
N GLN A 48 -8.72 -1.41 -7.16
CA GLN A 48 -9.70 -0.54 -7.82
C GLN A 48 -9.05 0.44 -8.81
N PHE A 49 -7.73 0.70 -8.67
CA PHE A 49 -6.96 1.60 -9.53
C PHE A 49 -6.17 0.83 -10.61
N GLY A 50 -5.71 -0.37 -10.28
CA GLY A 50 -5.00 -1.32 -11.14
C GLY A 50 -4.61 -2.58 -10.36
N GLU A 51 -4.44 -3.71 -11.03
CA GLU A 51 -4.12 -4.98 -10.36
C GLU A 51 -2.76 -4.91 -9.65
N VAL A 52 -2.68 -5.47 -8.44
CA VAL A 52 -1.49 -5.45 -7.59
C VAL A 52 -0.65 -6.71 -7.83
N LYS A 53 0.65 -6.50 -8.06
CA LYS A 53 1.69 -7.52 -8.20
C LYS A 53 2.17 -8.05 -6.82
N GLU A 54 2.05 -7.22 -5.78
CA GLU A 54 2.48 -7.50 -4.41
C GLU A 54 1.78 -6.53 -3.44
N CYS A 55 1.49 -6.98 -2.22
CA CYS A 55 1.01 -6.14 -1.12
C CYS A 55 1.61 -6.62 0.21
N LEU A 56 1.93 -5.68 1.11
CA LEU A 56 2.62 -5.92 2.38
C LEU A 56 2.12 -4.96 3.47
N VAL A 57 2.05 -5.46 4.70
CA VAL A 57 1.83 -4.67 5.93
C VAL A 57 2.82 -5.16 6.98
N MET A 58 3.55 -4.23 7.59
CA MET A 58 4.71 -4.48 8.46
C MET A 58 4.32 -4.60 9.94
N ARG A 59 3.21 -5.31 10.22
CA ARG A 59 2.62 -5.39 11.56
C ARG A 59 3.53 -6.08 12.60
N ASP A 60 3.45 -5.62 13.85
CA ASP A 60 4.13 -6.23 14.99
C ASP A 60 3.34 -7.45 15.49
N PRO A 61 3.97 -8.64 15.66
CA PRO A 61 3.28 -9.85 16.12
C PRO A 61 2.95 -9.84 17.63
N LEU A 62 3.54 -8.92 18.42
CA LEU A 62 3.30 -8.80 19.86
C LEU A 62 1.97 -8.08 20.19
N THR A 63 1.49 -7.21 19.28
CA THR A 63 0.36 -6.29 19.51
C THR A 63 -0.63 -6.25 18.36
N LYS A 64 -0.29 -6.83 17.21
CA LYS A 64 -1.03 -6.85 15.95
C LYS A 64 -1.21 -5.46 15.29
N ARG A 65 -0.62 -4.39 15.85
CA ARG A 65 -0.56 -3.06 15.24
C ARG A 65 0.19 -3.11 13.91
N SER A 66 -0.39 -2.52 12.88
CA SER A 66 0.19 -2.41 11.51
C SER A 66 1.43 -1.49 11.42
N ARG A 67 1.74 -0.75 12.50
CA ARG A 67 2.73 0.34 12.56
C ARG A 67 2.29 1.58 11.74
N GLY A 68 1.06 1.58 11.20
CA GLY A 68 0.50 2.67 10.40
C GLY A 68 1.03 2.71 8.96
N PHE A 69 1.66 1.62 8.46
CA PHE A 69 2.20 1.61 7.10
C PHE A 69 2.34 0.21 6.46
N GLY A 70 2.44 0.21 5.14
CA GLY A 70 2.79 -0.94 4.31
C GLY A 70 3.32 -0.55 2.93
N PHE A 71 3.22 -1.47 1.98
CA PHE A 71 3.71 -1.32 0.60
C PHE A 71 2.78 -2.02 -0.39
N VAL A 72 2.68 -1.50 -1.62
CA VAL A 72 1.95 -2.14 -2.73
C VAL A 72 2.73 -1.96 -4.04
N THR A 73 2.94 -3.05 -4.77
CA THR A 73 3.49 -3.09 -6.14
C THR A 73 2.35 -3.39 -7.09
N PHE A 74 2.31 -2.74 -8.24
CA PHE A 74 1.27 -2.88 -9.26
C PHE A 74 1.80 -3.65 -10.48
N MET A 75 0.89 -4.34 -11.19
CA MET A 75 1.19 -5.02 -12.45
C MET A 75 1.35 -4.06 -13.65
N ASP A 76 1.07 -2.78 -13.44
CA ASP A 76 1.08 -1.70 -14.41
C ASP A 76 1.28 -0.32 -13.74
N GLN A 77 1.83 0.64 -14.48
CA GLN A 77 2.02 2.01 -13.99
C GLN A 77 0.71 2.82 -13.99
N ALA A 78 -0.27 2.41 -14.80
CA ALA A 78 -1.55 3.12 -14.92
C ALA A 78 -2.37 3.12 -13.62
N GLY A 79 -2.19 2.17 -12.71
CA GLY A 79 -2.79 2.21 -11.36
C GLY A 79 -2.00 3.09 -10.39
N VAL A 80 -0.67 3.10 -10.51
CA VAL A 80 0.20 4.02 -9.75
C VAL A 80 -0.17 5.47 -10.09
N ASP A 81 -0.33 5.78 -11.38
CA ASP A 81 -0.72 7.11 -11.88
C ASP A 81 -1.99 7.65 -11.21
N LYS A 82 -3.04 6.83 -11.11
CA LYS A 82 -4.31 7.23 -10.49
C LYS A 82 -4.19 7.53 -8.99
N VAL A 83 -3.35 6.78 -8.27
CA VAL A 83 -3.15 6.96 -6.82
C VAL A 83 -2.37 8.27 -6.52
N LEU A 84 -1.54 8.73 -7.45
CA LEU A 84 -0.88 10.04 -7.36
C LEU A 84 -1.82 11.18 -7.77
N ALA A 85 -2.63 10.95 -8.80
CA ALA A 85 -3.52 11.95 -9.39
C ALA A 85 -4.74 12.31 -8.52
N GLN A 86 -5.19 11.40 -7.65
CA GLN A 86 -6.35 11.60 -6.77
C GLN A 86 -5.95 12.33 -5.46
N SER A 87 -6.77 13.29 -5.01
CA SER A 87 -6.44 14.22 -3.93
C SER A 87 -6.64 13.69 -2.49
N ARG A 88 -7.18 12.47 -2.32
CA ARG A 88 -7.53 11.85 -1.03
C ARG A 88 -7.70 10.34 -1.18
N HIS A 89 -7.31 9.59 -0.14
CA HIS A 89 -7.51 8.14 -0.03
C HIS A 89 -7.91 7.75 1.41
N GLU A 90 -8.70 6.69 1.57
CA GLU A 90 -9.32 6.30 2.84
C GLU A 90 -9.59 4.80 2.88
N LEU A 91 -9.16 4.16 3.98
CA LEU A 91 -9.26 2.71 4.22
C LEU A 91 -9.35 2.46 5.73
N ASP A 92 -10.29 1.61 6.16
CA ASP A 92 -10.65 1.36 7.57
C ASP A 92 -11.14 2.65 8.29
N SER A 93 -11.75 3.57 7.51
CA SER A 93 -12.21 4.91 7.96
C SER A 93 -11.08 5.85 8.40
N LYS A 94 -9.83 5.58 7.97
CA LYS A 94 -8.64 6.42 8.23
C LYS A 94 -8.11 6.99 6.91
N THR A 95 -7.71 8.26 6.94
CA THR A 95 -7.12 8.96 5.78
C THR A 95 -5.72 8.41 5.55
N ILE A 96 -5.46 7.80 4.39
CA ILE A 96 -4.15 7.22 4.06
C ILE A 96 -3.38 8.12 3.09
N ASP A 97 -2.05 8.00 3.11
CA ASP A 97 -1.11 8.89 2.40
C ASP A 97 -0.08 8.08 1.57
N PRO A 98 -0.55 7.39 0.50
CA PRO A 98 0.29 6.60 -0.39
C PRO A 98 1.09 7.48 -1.36
N LYS A 99 2.30 7.03 -1.69
CA LYS A 99 3.31 7.79 -2.45
C LYS A 99 4.34 6.87 -3.14
N VAL A 100 5.09 7.39 -4.12
CA VAL A 100 6.07 6.61 -4.92
C VAL A 100 7.15 6.00 -4.01
N ALA A 101 7.44 4.72 -4.21
CA ALA A 101 8.40 3.97 -3.38
C ALA A 101 9.86 4.11 -3.84
N PHE A 102 10.79 4.15 -2.88
CA PHE A 102 12.22 4.02 -3.13
C PHE A 102 12.54 2.65 -3.78
N PRO A 103 13.54 2.55 -4.68
CA PRO A 103 13.87 1.30 -5.36
C PRO A 103 14.50 0.28 -4.40
N ARG A 104 14.14 -0.99 -4.58
CA ARG A 104 14.70 -2.12 -3.82
C ARG A 104 16.13 -2.44 -4.26
N ARG A 105 16.99 -2.79 -3.29
CA ARG A 105 18.37 -3.25 -3.52
C ARG A 105 18.40 -4.55 -4.34
N ALA A 106 19.38 -4.69 -5.23
CA ALA A 106 19.70 -5.96 -5.90
C ALA A 106 20.10 -7.02 -4.85
N GLN A 107 19.65 -8.27 -5.05
CA GLN A 107 19.73 -9.36 -4.07
C GLN A 107 19.97 -10.70 -4.80
N PRO A 108 20.67 -11.68 -4.16
CA PRO A 108 20.93 -13.00 -4.75
C PRO A 108 19.69 -13.91 -4.65
N LYS A 109 19.53 -14.79 -5.65
CA LYS A 109 18.49 -15.84 -5.76
C LYS A 109 18.81 -16.85 -6.88
N CYS A 26 7.12 -0.22 -10.44
CA CYS A 26 5.68 0.10 -10.22
C CYS A 26 5.28 -0.13 -8.75
N LYS A 27 5.72 0.72 -7.82
CA LYS A 27 5.54 0.47 -6.38
C LYS A 27 5.34 1.75 -5.54
N MET A 28 4.56 1.62 -4.45
CA MET A 28 4.12 2.69 -3.57
C MET A 28 4.18 2.30 -2.10
N PHE A 29 4.65 3.23 -1.28
CA PHE A 29 4.56 3.22 0.18
C PHE A 29 3.18 3.73 0.56
N ILE A 30 2.53 3.13 1.57
CA ILE A 30 1.15 3.47 1.97
C ILE A 30 1.16 3.88 3.45
N GLY A 31 1.16 5.18 3.75
CA GLY A 31 1.12 5.72 5.12
C GLY A 31 -0.30 5.98 5.61
N GLY A 32 -0.45 6.24 6.91
CA GLY A 32 -1.72 6.70 7.51
C GLY A 32 -2.78 5.60 7.71
N LEU A 33 -2.40 4.33 7.64
CA LEU A 33 -3.29 3.17 7.79
C LEU A 33 -3.87 3.06 9.22
N SER A 34 -4.95 2.29 9.35
CA SER A 34 -5.50 1.88 10.64
C SER A 34 -4.67 0.74 11.27
N TRP A 35 -4.58 0.68 12.61
CA TRP A 35 -3.80 -0.33 13.34
C TRP A 35 -4.19 -1.78 13.08
N GLN A 36 -5.37 -2.03 12.50
CA GLN A 36 -5.92 -3.36 12.19
C GLN A 36 -5.94 -3.66 10.68
N THR A 37 -5.32 -2.81 9.85
CA THR A 37 -5.22 -3.00 8.39
C THR A 37 -4.37 -4.23 8.08
N THR A 38 -4.76 -4.99 7.05
CA THR A 38 -4.03 -6.15 6.52
C THR A 38 -3.63 -5.89 5.07
N GLN A 39 -2.64 -6.63 4.58
CA GLN A 39 -2.20 -6.56 3.18
C GLN A 39 -3.23 -7.13 2.18
N GLU A 40 -4.12 -8.00 2.66
CA GLU A 40 -5.31 -8.42 1.89
C GLU A 40 -6.32 -7.27 1.82
N GLY A 41 -6.45 -6.46 2.89
CA GLY A 41 -7.25 -5.24 2.92
C GLY A 41 -6.67 -4.14 2.04
N LEU A 42 -5.33 -4.04 1.92
CA LEU A 42 -4.70 -3.16 0.93
C LEU A 42 -5.08 -3.60 -0.48
N ARG A 43 -4.93 -4.88 -0.84
CA ARG A 43 -5.37 -5.39 -2.14
C ARG A 43 -6.85 -5.09 -2.42
N GLU A 44 -7.70 -5.21 -1.41
CA GLU A 44 -9.13 -4.92 -1.49
C GLU A 44 -9.43 -3.45 -1.86
N TYR A 45 -8.61 -2.51 -1.38
CA TYR A 45 -8.71 -1.07 -1.68
C TYR A 45 -7.97 -0.67 -2.96
N PHE A 46 -6.82 -1.28 -3.24
CA PHE A 46 -5.93 -0.91 -4.34
C PHE A 46 -6.25 -1.61 -5.68
N GLY A 47 -7.07 -2.66 -5.66
CA GLY A 47 -7.65 -3.29 -6.86
C GLY A 47 -8.61 -2.38 -7.64
N GLN A 48 -9.00 -1.24 -7.07
CA GLN A 48 -9.78 -0.18 -7.75
C GLN A 48 -8.97 0.56 -8.81
N PHE A 49 -7.64 0.60 -8.68
CA PHE A 49 -6.73 1.39 -9.52
C PHE A 49 -5.94 0.53 -10.51
N GLY A 50 -5.67 -0.73 -10.17
CA GLY A 50 -5.00 -1.72 -11.03
C GLY A 50 -4.78 -3.05 -10.31
N GLU A 51 -4.44 -4.09 -11.07
CA GLU A 51 -4.12 -5.41 -10.51
C GLU A 51 -2.78 -5.34 -9.73
N VAL A 52 -2.80 -5.74 -8.45
CA VAL A 52 -1.63 -5.66 -7.57
C VAL A 52 -0.73 -6.89 -7.72
N LYS A 53 0.57 -6.68 -7.55
CA LYS A 53 1.65 -7.66 -7.75
C LYS A 53 2.22 -8.23 -6.45
N GLU A 54 1.95 -7.57 -5.32
CA GLU A 54 2.57 -7.87 -4.02
C GLU A 54 1.61 -7.62 -2.83
N CYS A 55 1.53 -6.37 -2.35
CA CYS A 55 0.87 -5.90 -1.12
C CYS A 55 1.60 -6.36 0.17
N LEU A 56 1.87 -5.43 1.08
CA LEU A 56 2.57 -5.66 2.36
C LEU A 56 2.04 -4.72 3.45
N VAL A 57 2.00 -5.20 4.70
CA VAL A 57 1.77 -4.37 5.90
C VAL A 57 2.83 -4.74 6.94
N MET A 58 3.53 -3.74 7.45
CA MET A 58 4.71 -3.87 8.31
C MET A 58 4.34 -4.02 9.79
N ARG A 59 3.41 -4.93 10.06
CA ARG A 59 2.83 -5.18 11.39
C ARG A 59 3.80 -5.88 12.36
N ASP A 60 3.66 -5.57 13.66
CA ASP A 60 4.37 -6.25 14.75
C ASP A 60 3.62 -7.53 15.15
N PRO A 61 4.28 -8.72 15.19
CA PRO A 61 3.60 -9.98 15.50
C PRO A 61 3.25 -10.16 16.98
N LEU A 62 3.81 -9.34 17.88
CA LEU A 62 3.55 -9.39 19.33
C LEU A 62 2.19 -8.76 19.72
N THR A 63 1.69 -7.82 18.90
CA THR A 63 0.52 -6.96 19.20
C THR A 63 -0.46 -6.81 18.04
N LYS A 64 -0.06 -7.27 16.83
CA LYS A 64 -0.79 -7.17 15.57
C LYS A 64 -1.00 -5.71 15.08
N ARG A 65 -0.42 -4.71 15.76
CA ARG A 65 -0.36 -3.31 15.32
C ARG A 65 0.34 -3.20 13.98
N SER A 66 -0.32 -2.51 13.05
CA SER A 66 0.16 -2.32 11.66
C SER A 66 1.32 -1.31 11.51
N ARG A 67 1.68 -0.61 12.61
CA ARG A 67 2.59 0.55 12.63
C ARG A 67 2.03 1.76 11.84
N GLY A 68 0.81 1.68 11.32
CA GLY A 68 0.15 2.73 10.54
C GLY A 68 0.63 2.82 9.09
N PHE A 69 1.32 1.81 8.55
CA PHE A 69 1.82 1.85 7.17
C PHE A 69 2.09 0.47 6.55
N GLY A 70 2.17 0.46 5.22
CA GLY A 70 2.55 -0.69 4.39
C GLY A 70 3.08 -0.28 3.01
N PHE A 71 2.95 -1.18 2.04
CA PHE A 71 3.40 -1.01 0.65
C PHE A 71 2.47 -1.75 -0.32
N VAL A 72 2.37 -1.26 -1.56
CA VAL A 72 1.64 -1.91 -2.67
C VAL A 72 2.42 -1.76 -3.97
N THR A 73 2.58 -2.88 -4.68
CA THR A 73 3.21 -3.02 -5.99
C THR A 73 2.13 -3.37 -6.99
N PHE A 74 2.22 -2.87 -8.22
CA PHE A 74 1.23 -3.07 -9.28
C PHE A 74 1.81 -3.86 -10.46
N MET A 75 0.94 -4.56 -11.20
CA MET A 75 1.30 -5.27 -12.45
C MET A 75 1.64 -4.32 -13.61
N ASP A 76 1.31 -3.04 -13.49
CA ASP A 76 1.65 -1.96 -14.43
C ASP A 76 1.65 -0.59 -13.71
N GLN A 77 2.42 0.35 -14.25
CA GLN A 77 2.52 1.72 -13.74
C GLN A 77 1.18 2.48 -13.80
N ALA A 78 0.28 2.10 -14.70
CA ALA A 78 -1.02 2.75 -14.88
C ALA A 78 -1.92 2.72 -13.63
N GLY A 79 -1.69 1.82 -12.66
CA GLY A 79 -2.36 1.86 -11.36
C GLY A 79 -1.62 2.69 -10.32
N VAL A 80 -0.31 2.87 -10.46
CA VAL A 80 0.48 3.83 -9.65
C VAL A 80 0.04 5.25 -10.02
N ASP A 81 -0.07 5.54 -11.33
CA ASP A 81 -0.50 6.83 -11.88
C ASP A 81 -1.81 7.34 -11.27
N LYS A 82 -2.83 6.48 -11.19
CA LYS A 82 -4.15 6.86 -10.65
C LYS A 82 -4.10 7.22 -9.16
N VAL A 83 -3.27 6.54 -8.37
CA VAL A 83 -3.13 6.79 -6.92
C VAL A 83 -2.42 8.12 -6.65
N LEU A 84 -1.53 8.56 -7.55
CA LEU A 84 -0.90 9.88 -7.46
C LEU A 84 -1.84 11.00 -7.94
N ALA A 85 -2.61 10.72 -8.99
CA ALA A 85 -3.51 11.68 -9.63
C ALA A 85 -4.76 12.03 -8.77
N GLN A 86 -5.13 11.17 -7.82
CA GLN A 86 -6.25 11.39 -6.89
C GLN A 86 -5.75 12.10 -5.61
N SER A 87 -6.53 13.06 -5.09
CA SER A 87 -6.10 13.98 -4.03
C SER A 87 -6.26 13.45 -2.58
N ARG A 88 -6.98 12.35 -2.37
CA ARG A 88 -7.31 11.79 -1.04
C ARG A 88 -7.78 10.33 -1.14
N HIS A 89 -7.47 9.53 -0.12
CA HIS A 89 -7.79 8.10 -0.01
C HIS A 89 -8.14 7.75 1.45
N GLU A 90 -8.98 6.73 1.69
CA GLU A 90 -9.48 6.37 3.03
C GLU A 90 -9.80 4.88 3.10
N LEU A 91 -9.25 4.20 4.11
CA LEU A 91 -9.36 2.75 4.31
C LEU A 91 -9.48 2.45 5.82
N ASP A 92 -10.53 1.74 6.21
CA ASP A 92 -10.91 1.42 7.60
C ASP A 92 -11.14 2.71 8.45
N SER A 93 -11.81 3.70 7.86
CA SER A 93 -12.21 4.97 8.50
C SER A 93 -11.01 5.89 8.84
N LYS A 94 -9.85 5.67 8.20
CA LYS A 94 -8.60 6.44 8.38
C LYS A 94 -8.14 6.96 7.02
N THR A 95 -7.87 8.27 6.93
CA THR A 95 -7.36 8.93 5.71
C THR A 95 -5.91 8.50 5.51
N ILE A 96 -5.62 7.86 4.37
CA ILE A 96 -4.30 7.30 4.07
C ILE A 96 -3.50 8.24 3.15
N ASP A 97 -2.18 8.08 3.16
CA ASP A 97 -1.22 8.94 2.46
C ASP A 97 -0.24 8.07 1.65
N PRO A 98 -0.62 7.65 0.44
CA PRO A 98 0.22 6.84 -0.43
C PRO A 98 1.20 7.71 -1.24
N LYS A 99 2.40 7.17 -1.45
CA LYS A 99 3.59 7.85 -1.99
C LYS A 99 4.37 6.92 -2.93
N VAL A 100 5.21 7.46 -3.82
CA VAL A 100 6.16 6.65 -4.62
C VAL A 100 7.17 5.97 -3.67
N ALA A 101 7.40 4.67 -3.86
CA ALA A 101 8.27 3.87 -2.99
C ALA A 101 9.76 4.06 -3.31
N PHE A 102 10.59 4.12 -2.25
CA PHE A 102 12.05 4.07 -2.35
C PHE A 102 12.54 2.72 -2.96
N PRO A 103 13.76 2.65 -3.52
CA PRO A 103 14.33 1.44 -4.12
C PRO A 103 14.33 0.19 -3.23
N ARG A 104 14.54 -0.98 -3.86
CA ARG A 104 14.43 -2.29 -3.23
C ARG A 104 15.54 -3.27 -3.66
N ARG A 105 15.68 -4.36 -2.90
CA ARG A 105 16.59 -5.48 -3.15
C ARG A 105 15.90 -6.81 -2.78
N ALA A 106 15.92 -7.75 -3.73
CA ALA A 106 15.42 -9.12 -3.61
C ALA A 106 16.15 -10.01 -4.63
N GLN A 107 16.49 -11.25 -4.26
CA GLN A 107 17.38 -12.13 -5.03
C GLN A 107 17.21 -13.59 -4.55
N PRO A 108 17.18 -14.58 -5.47
CA PRO A 108 17.14 -16.00 -5.12
C PRO A 108 18.51 -16.45 -4.59
N LYS A 109 18.51 -17.15 -3.45
CA LYS A 109 19.70 -17.63 -2.73
C LYS A 109 19.46 -18.98 -2.04
N CYS A 26 7.11 -0.17 -10.59
CA CYS A 26 5.70 0.24 -10.31
C CYS A 26 5.34 -0.07 -8.84
N LYS A 27 5.76 0.73 -7.87
CA LYS A 27 5.57 0.44 -6.43
C LYS A 27 5.38 1.69 -5.57
N MET A 28 4.57 1.55 -4.50
CA MET A 28 4.14 2.64 -3.62
C MET A 28 4.16 2.21 -2.15
N PHE A 29 4.70 3.09 -1.31
CA PHE A 29 4.64 3.04 0.15
C PHE A 29 3.29 3.64 0.56
N ILE A 30 2.58 2.99 1.48
CA ILE A 30 1.22 3.35 1.89
C ILE A 30 1.25 3.77 3.36
N GLY A 31 1.28 5.07 3.63
CA GLY A 31 1.30 5.63 4.99
C GLY A 31 -0.09 5.92 5.54
N GLY A 32 -0.19 6.14 6.85
CA GLY A 32 -1.42 6.58 7.52
C GLY A 32 -2.51 5.50 7.66
N LEU A 33 -2.15 4.22 7.49
CA LEU A 33 -3.08 3.07 7.64
C LEU A 33 -3.67 2.98 9.05
N SER A 34 -4.75 2.21 9.19
CA SER A 34 -5.30 1.83 10.48
C SER A 34 -4.48 0.70 11.12
N TRP A 35 -4.44 0.62 12.45
CA TRP A 35 -3.87 -0.54 13.16
C TRP A 35 -4.60 -1.86 12.85
N GLN A 36 -5.79 -1.80 12.27
CA GLN A 36 -6.60 -2.95 11.83
C GLN A 36 -6.53 -3.20 10.31
N THR A 37 -5.77 -2.40 9.54
CA THR A 37 -5.57 -2.62 8.09
C THR A 37 -4.69 -3.84 7.86
N THR A 38 -5.03 -4.65 6.85
CA THR A 38 -4.28 -5.84 6.38
C THR A 38 -3.87 -5.66 4.93
N GLN A 39 -2.89 -6.45 4.48
CA GLN A 39 -2.42 -6.43 3.08
C GLN A 39 -3.43 -6.98 2.08
N GLU A 40 -4.38 -7.81 2.53
CA GLU A 40 -5.55 -8.20 1.75
C GLU A 40 -6.53 -7.02 1.62
N GLY A 41 -6.66 -6.20 2.68
CA GLY A 41 -7.44 -4.96 2.68
C GLY A 41 -6.81 -3.89 1.79
N LEU A 42 -5.47 -3.83 1.71
CA LEU A 42 -4.79 -2.99 0.71
C LEU A 42 -5.16 -3.41 -0.70
N ARG A 43 -5.04 -4.69 -1.06
CA ARG A 43 -5.47 -5.18 -2.38
C ARG A 43 -6.93 -4.86 -2.68
N GLU A 44 -7.80 -4.97 -1.67
CA GLU A 44 -9.23 -4.67 -1.78
C GLU A 44 -9.51 -3.20 -2.18
N TYR A 45 -8.68 -2.26 -1.70
CA TYR A 45 -8.76 -0.84 -2.03
C TYR A 45 -7.98 -0.45 -3.30
N PHE A 46 -6.80 -1.04 -3.50
CA PHE A 46 -5.87 -0.69 -4.56
C PHE A 46 -6.15 -1.38 -5.91
N GLY A 47 -6.97 -2.44 -5.92
CA GLY A 47 -7.51 -3.08 -7.12
C GLY A 47 -8.47 -2.20 -7.94
N GLN A 48 -8.87 -1.04 -7.40
CA GLN A 48 -9.70 -0.04 -8.08
C GLN A 48 -8.91 0.76 -9.13
N PHE A 49 -7.59 0.90 -8.95
CA PHE A 49 -6.72 1.76 -9.75
C PHE A 49 -5.94 0.98 -10.82
N GLY A 50 -5.51 -0.23 -10.49
CA GLY A 50 -4.78 -1.17 -11.37
C GLY A 50 -4.65 -2.55 -10.73
N GLU A 51 -4.13 -3.53 -11.47
CA GLU A 51 -3.94 -4.89 -10.94
C GLU A 51 -2.67 -4.94 -10.08
N VAL A 52 -2.81 -5.31 -8.79
CA VAL A 52 -1.67 -5.36 -7.86
C VAL A 52 -0.82 -6.61 -8.07
N LYS A 53 0.50 -6.48 -7.88
CA LYS A 53 1.50 -7.54 -8.02
C LYS A 53 2.01 -8.09 -6.67
N GLU A 54 2.01 -7.25 -5.62
CA GLU A 54 2.65 -7.51 -4.32
C GLU A 54 2.18 -6.46 -3.32
N CYS A 55 1.25 -6.85 -2.43
CA CYS A 55 0.75 -6.04 -1.31
C CYS A 55 1.40 -6.49 0.00
N LEU A 56 1.73 -5.56 0.90
CA LEU A 56 2.39 -5.83 2.19
C LEU A 56 1.90 -4.90 3.30
N VAL A 57 1.87 -5.39 4.53
CA VAL A 57 1.66 -4.60 5.77
C VAL A 57 2.72 -5.04 6.79
N MET A 58 3.42 -4.06 7.36
CA MET A 58 4.62 -4.24 8.19
C MET A 58 4.27 -4.32 9.69
N ARG A 59 3.24 -5.11 10.04
CA ARG A 59 2.70 -5.19 11.40
C ARG A 59 3.70 -5.77 12.43
N ASP A 60 3.55 -5.35 13.69
CA ASP A 60 4.25 -5.90 14.85
C ASP A 60 3.63 -7.27 15.22
N PRO A 61 4.44 -8.30 15.53
CA PRO A 61 3.93 -9.64 15.82
C PRO A 61 3.44 -9.84 17.26
N LEU A 62 3.77 -8.93 18.19
CA LEU A 62 3.39 -9.00 19.60
C LEU A 62 2.08 -8.23 19.85
N THR A 63 1.96 -7.02 19.30
CA THR A 63 0.82 -6.10 19.53
C THR A 63 -0.19 -6.12 18.39
N LYS A 64 0.17 -6.73 17.26
CA LYS A 64 -0.62 -6.89 16.03
C LYS A 64 -0.90 -5.56 15.29
N ARG A 65 -0.44 -4.42 15.82
CA ARG A 65 -0.53 -3.09 15.20
C ARG A 65 0.22 -3.07 13.87
N SER A 66 -0.41 -2.53 12.84
CA SER A 66 0.14 -2.38 11.48
C SER A 66 1.35 -1.43 11.38
N ARG A 67 1.69 -0.74 12.48
CA ARG A 67 2.65 0.39 12.54
C ARG A 67 2.16 1.61 11.72
N GLY A 68 0.93 1.58 11.21
CA GLY A 68 0.32 2.64 10.40
C GLY A 68 0.81 2.71 8.96
N PHE A 69 1.43 1.64 8.42
CA PHE A 69 1.92 1.65 7.05
C PHE A 69 2.10 0.26 6.41
N GLY A 70 2.18 0.26 5.08
CA GLY A 70 2.52 -0.89 4.25
C GLY A 70 3.05 -0.49 2.87
N PHE A 71 2.91 -1.38 1.90
CA PHE A 71 3.37 -1.20 0.51
C PHE A 71 2.39 -1.87 -0.47
N VAL A 72 2.30 -1.33 -1.69
CA VAL A 72 1.58 -1.95 -2.82
C VAL A 72 2.37 -1.78 -4.11
N THR A 73 2.58 -2.89 -4.82
CA THR A 73 3.20 -2.97 -6.14
C THR A 73 2.10 -3.25 -7.15
N PHE A 74 2.24 -2.73 -8.37
CA PHE A 74 1.29 -2.91 -9.47
C PHE A 74 1.93 -3.66 -10.65
N MET A 75 1.09 -4.36 -11.43
CA MET A 75 1.45 -4.96 -12.72
C MET A 75 1.66 -3.93 -13.84
N ASP A 76 1.35 -2.66 -13.57
CA ASP A 76 1.28 -1.55 -14.53
C ASP A 76 1.48 -0.19 -13.84
N GLN A 77 2.05 0.78 -14.56
CA GLN A 77 2.26 2.14 -14.04
C GLN A 77 0.96 2.96 -14.04
N ALA A 78 -0.02 2.58 -14.88
CA ALA A 78 -1.29 3.30 -15.00
C ALA A 78 -2.13 3.29 -13.71
N GLY A 79 -1.97 2.31 -12.81
CA GLY A 79 -2.58 2.33 -11.48
C GLY A 79 -1.81 3.18 -10.49
N VAL A 80 -0.48 3.18 -10.56
CA VAL A 80 0.39 4.08 -9.79
C VAL A 80 0.03 5.55 -10.10
N ASP A 81 -0.11 5.89 -11.39
CA ASP A 81 -0.50 7.23 -11.86
C ASP A 81 -1.78 7.76 -11.20
N LYS A 82 -2.83 6.94 -11.13
CA LYS A 82 -4.11 7.34 -10.54
C LYS A 82 -4.02 7.60 -9.03
N VAL A 83 -3.19 6.83 -8.31
CA VAL A 83 -3.02 6.98 -6.85
C VAL A 83 -2.27 8.28 -6.51
N LEU A 84 -1.39 8.76 -7.41
CA LEU A 84 -0.73 10.05 -7.27
C LEU A 84 -1.65 11.22 -7.66
N ALA A 85 -2.46 11.01 -8.71
CA ALA A 85 -3.35 12.03 -9.28
C ALA A 85 -4.57 12.37 -8.39
N GLN A 86 -5.02 11.44 -7.55
CA GLN A 86 -6.14 11.62 -6.62
C GLN A 86 -5.71 12.36 -5.34
N SER A 87 -6.58 13.23 -4.82
CA SER A 87 -6.29 14.17 -3.72
C SER A 87 -6.30 13.57 -2.31
N ARG A 88 -7.03 12.47 -2.12
CA ARG A 88 -7.21 11.78 -0.82
C ARG A 88 -7.59 10.31 -1.00
N HIS A 89 -7.20 9.48 -0.05
CA HIS A 89 -7.52 8.05 0.02
C HIS A 89 -7.94 7.65 1.44
N GLU A 90 -8.75 6.59 1.57
CA GLU A 90 -9.40 6.24 2.84
C GLU A 90 -9.78 4.75 2.87
N LEU A 91 -9.40 4.06 3.95
CA LEU A 91 -9.52 2.62 4.15
C LEU A 91 -9.64 2.32 5.65
N ASP A 92 -10.60 1.48 6.04
CA ASP A 92 -11.00 1.23 7.45
C ASP A 92 -11.48 2.52 8.16
N SER A 93 -12.06 3.46 7.38
CA SER A 93 -12.48 4.80 7.82
C SER A 93 -11.32 5.71 8.28
N LYS A 94 -10.07 5.39 7.89
CA LYS A 94 -8.85 6.12 8.23
C LYS A 94 -8.22 6.69 6.96
N THR A 95 -7.77 7.94 7.03
CA THR A 95 -7.23 8.69 5.88
C THR A 95 -5.79 8.24 5.63
N ILE A 96 -5.53 7.69 4.44
CA ILE A 96 -4.21 7.14 4.07
C ILE A 96 -3.48 8.07 3.11
N ASP A 97 -2.15 8.00 3.13
CA ASP A 97 -1.23 8.91 2.43
C ASP A 97 -0.19 8.12 1.61
N PRO A 98 -0.60 7.56 0.44
CA PRO A 98 0.27 6.76 -0.41
C PRO A 98 1.15 7.62 -1.31
N LYS A 99 2.33 7.09 -1.64
CA LYS A 99 3.44 7.80 -2.31
C LYS A 99 4.43 6.81 -2.97
N VAL A 100 5.29 7.29 -3.88
CA VAL A 100 6.25 6.43 -4.61
C VAL A 100 7.24 5.75 -3.65
N ALA A 101 7.47 4.45 -3.85
CA ALA A 101 8.31 3.62 -2.98
C ALA A 101 9.79 3.59 -3.38
N PHE A 102 10.67 3.46 -2.37
CA PHE A 102 12.07 3.10 -2.58
C PHE A 102 12.11 1.66 -3.16
N PRO A 103 13.04 1.34 -4.09
CA PRO A 103 13.00 0.10 -4.87
C PRO A 103 13.12 -1.17 -4.01
N ARG A 104 12.58 -2.28 -4.53
CA ARG A 104 12.71 -3.63 -3.96
C ARG A 104 14.03 -4.30 -4.38
N ARG A 105 14.36 -5.44 -3.78
CA ARG A 105 15.53 -6.25 -4.19
C ARG A 105 15.35 -6.80 -5.60
N ALA A 106 16.41 -6.71 -6.42
CA ALA A 106 16.45 -7.09 -7.84
C ALA A 106 17.90 -7.19 -8.35
N GLN A 107 18.09 -7.76 -9.54
CA GLN A 107 19.38 -7.93 -10.21
C GLN A 107 19.21 -7.74 -11.74
N PRO A 108 20.21 -7.15 -12.44
CA PRO A 108 20.11 -6.81 -13.86
C PRO A 108 20.09 -8.03 -14.78
N LYS A 109 19.72 -7.80 -16.06
CA LYS A 109 19.50 -8.81 -17.10
C LYS A 109 20.02 -8.34 -18.46
N CYS A 26 7.34 1.39 -10.88
CA CYS A 26 6.16 1.09 -10.03
C CYS A 26 6.54 1.03 -8.54
N LYS A 27 5.58 0.68 -7.68
CA LYS A 27 5.64 0.48 -6.22
C LYS A 27 5.42 1.76 -5.40
N MET A 28 4.64 1.62 -4.31
CA MET A 28 4.18 2.69 -3.43
C MET A 28 4.19 2.25 -1.97
N PHE A 29 4.66 3.15 -1.10
CA PHE A 29 4.55 3.08 0.35
C PHE A 29 3.18 3.65 0.72
N ILE A 30 2.47 2.98 1.64
CA ILE A 30 1.08 3.30 2.00
C ILE A 30 1.06 3.74 3.47
N GLY A 31 1.05 5.06 3.73
CA GLY A 31 1.09 5.63 5.09
C GLY A 31 -0.30 5.97 5.64
N GLY A 32 -0.39 6.11 6.96
CA GLY A 32 -1.60 6.58 7.67
C GLY A 32 -2.70 5.52 7.86
N LEU A 33 -2.38 4.23 7.68
CA LEU A 33 -3.29 3.10 7.86
C LEU A 33 -3.84 2.98 9.29
N SER A 34 -4.91 2.23 9.47
CA SER A 34 -5.39 1.84 10.80
C SER A 34 -4.56 0.67 11.36
N TRP A 35 -4.44 0.55 12.68
CA TRP A 35 -3.88 -0.62 13.35
C TRP A 35 -4.68 -1.92 13.09
N GLN A 36 -5.89 -1.81 12.53
CA GLN A 36 -6.74 -2.91 12.10
C GLN A 36 -6.47 -3.36 10.65
N THR A 37 -5.75 -2.56 9.83
CA THR A 37 -5.62 -2.77 8.38
C THR A 37 -4.72 -3.97 8.06
N THR A 38 -5.11 -4.73 7.03
CA THR A 38 -4.40 -5.91 6.50
C THR A 38 -3.96 -5.69 5.05
N GLN A 39 -2.99 -6.46 4.58
CA GLN A 39 -2.49 -6.39 3.20
C GLN A 39 -3.51 -6.90 2.17
N GLU A 40 -4.39 -7.81 2.57
CA GLU A 40 -5.56 -8.21 1.78
C GLU A 40 -6.55 -7.03 1.65
N GLY A 41 -6.70 -6.23 2.71
CA GLY A 41 -7.49 -5.00 2.72
C GLY A 41 -6.86 -3.90 1.86
N LEU A 42 -5.52 -3.81 1.80
CA LEU A 42 -4.84 -2.93 0.84
C LEU A 42 -5.18 -3.35 -0.59
N ARG A 43 -5.02 -4.63 -0.94
CA ARG A 43 -5.39 -5.14 -2.27
C ARG A 43 -6.86 -4.86 -2.63
N GLU A 44 -7.76 -4.96 -1.66
CA GLU A 44 -9.18 -4.66 -1.84
C GLU A 44 -9.45 -3.21 -2.29
N TYR A 45 -8.65 -2.26 -1.81
CA TYR A 45 -8.74 -0.83 -2.15
C TYR A 45 -7.90 -0.47 -3.39
N PHE A 46 -6.69 -1.01 -3.50
CA PHE A 46 -5.73 -0.68 -4.56
C PHE A 46 -6.00 -1.42 -5.88
N GLY A 47 -6.70 -2.56 -5.82
CA GLY A 47 -7.18 -3.30 -7.00
C GLY A 47 -8.21 -2.53 -7.85
N GLN A 48 -8.76 -1.44 -7.32
CA GLN A 48 -9.69 -0.56 -8.03
C GLN A 48 -8.97 0.42 -9.00
N PHE A 49 -7.66 0.63 -8.81
CA PHE A 49 -6.80 1.47 -9.66
C PHE A 49 -6.01 0.62 -10.66
N GLY A 50 -5.58 -0.58 -10.25
CA GLY A 50 -4.90 -1.57 -11.10
C GLY A 50 -4.61 -2.87 -10.35
N GLU A 51 -4.45 -3.97 -11.07
CA GLU A 51 -4.12 -5.28 -10.47
C GLU A 51 -2.76 -5.21 -9.77
N VAL A 52 -2.68 -5.68 -8.52
CA VAL A 52 -1.48 -5.59 -7.69
C VAL A 52 -0.58 -6.83 -7.87
N LYS A 53 0.73 -6.58 -8.01
CA LYS A 53 1.80 -7.58 -8.08
C LYS A 53 2.22 -8.11 -6.70
N GLU A 54 2.03 -7.29 -5.66
CA GLU A 54 2.50 -7.51 -4.28
C GLU A 54 1.78 -6.50 -3.38
N CYS A 55 1.42 -6.92 -2.16
CA CYS A 55 0.89 -6.06 -1.10
C CYS A 55 1.44 -6.52 0.26
N LEU A 56 1.71 -5.57 1.16
CA LEU A 56 2.38 -5.79 2.44
C LEU A 56 1.86 -4.84 3.53
N VAL A 57 1.81 -5.32 4.77
CA VAL A 57 1.59 -4.52 5.98
C VAL A 57 2.65 -4.92 7.00
N MET A 58 3.35 -3.93 7.55
CA MET A 58 4.54 -4.10 8.38
C MET A 58 4.20 -4.24 9.88
N ARG A 59 3.21 -5.08 10.19
CA ARG A 59 2.67 -5.22 11.54
C ARG A 59 3.68 -5.81 12.54
N ASP A 60 3.58 -5.37 13.80
CA ASP A 60 4.31 -5.92 14.94
C ASP A 60 3.73 -7.31 15.32
N PRO A 61 4.55 -8.36 15.51
CA PRO A 61 4.05 -9.71 15.72
C PRO A 61 3.58 -9.98 17.16
N LEU A 62 3.89 -9.11 18.13
CA LEU A 62 3.51 -9.27 19.53
C LEU A 62 2.16 -8.62 19.83
N THR A 63 1.90 -7.45 19.24
CA THR A 63 0.72 -6.61 19.49
C THR A 63 -0.24 -6.51 18.30
N LYS A 64 0.16 -7.02 17.13
CA LYS A 64 -0.60 -7.10 15.87
C LYS A 64 -0.90 -5.73 15.22
N ARG A 65 -0.46 -4.63 15.85
CA ARG A 65 -0.53 -3.25 15.32
C ARG A 65 0.21 -3.15 13.99
N SER A 66 -0.44 -2.58 12.98
CA SER A 66 0.10 -2.40 11.62
C SER A 66 1.29 -1.41 11.52
N ARG A 67 1.60 -0.69 12.63
CA ARG A 67 2.51 0.46 12.71
C ARG A 67 2.00 1.67 11.88
N GLY A 68 0.77 1.59 11.35
CA GLY A 68 0.14 2.64 10.56
C GLY A 68 0.62 2.71 9.11
N PHE A 69 1.27 1.67 8.57
CA PHE A 69 1.76 1.68 7.19
C PHE A 69 1.97 0.29 6.57
N GLY A 70 2.07 0.28 5.23
CA GLY A 70 2.43 -0.86 4.40
C GLY A 70 3.01 -0.46 3.04
N PHE A 71 2.91 -1.37 2.07
CA PHE A 71 3.40 -1.20 0.71
C PHE A 71 2.49 -1.91 -0.31
N VAL A 72 2.42 -1.39 -1.54
CA VAL A 72 1.72 -2.03 -2.67
C VAL A 72 2.51 -1.82 -3.97
N THR A 73 2.64 -2.88 -4.77
CA THR A 73 3.27 -2.89 -6.09
C THR A 73 2.22 -3.29 -7.12
N PHE A 74 2.24 -2.68 -8.29
CA PHE A 74 1.25 -2.88 -9.35
C PHE A 74 1.81 -3.72 -10.53
N MET A 75 0.92 -4.38 -11.27
CA MET A 75 1.24 -5.07 -12.52
C MET A 75 1.59 -4.12 -13.68
N ASP A 76 1.27 -2.83 -13.55
CA ASP A 76 1.63 -1.76 -14.47
C ASP A 76 1.65 -0.39 -13.75
N GLN A 77 2.44 0.55 -14.27
CA GLN A 77 2.55 1.92 -13.75
C GLN A 77 1.21 2.68 -13.78
N ALA A 78 0.29 2.33 -14.67
CA ALA A 78 -1.00 2.99 -14.82
C ALA A 78 -1.87 2.99 -13.54
N GLY A 79 -1.65 2.05 -12.61
CA GLY A 79 -2.30 2.08 -11.29
C GLY A 79 -1.59 2.98 -10.28
N VAL A 80 -0.27 3.12 -10.39
CA VAL A 80 0.51 4.07 -9.59
C VAL A 80 0.12 5.50 -9.98
N ASP A 81 0.04 5.79 -11.29
CA ASP A 81 -0.35 7.09 -11.83
C ASP A 81 -1.66 7.62 -11.24
N LYS A 82 -2.68 6.75 -11.16
CA LYS A 82 -3.99 7.12 -10.62
C LYS A 82 -3.95 7.46 -9.12
N VAL A 83 -3.16 6.72 -8.33
CA VAL A 83 -3.05 6.95 -6.87
C VAL A 83 -2.33 8.26 -6.56
N LEU A 84 -1.43 8.72 -7.44
CA LEU A 84 -0.79 10.03 -7.33
C LEU A 84 -1.69 11.16 -7.82
N ALA A 85 -2.45 10.91 -8.90
CA ALA A 85 -3.32 11.89 -9.52
C ALA A 85 -4.57 12.25 -8.67
N GLN A 86 -5.02 11.34 -7.80
CA GLN A 86 -6.12 11.56 -6.86
C GLN A 86 -5.59 12.23 -5.56
N SER A 87 -6.30 13.26 -5.07
CA SER A 87 -5.79 14.13 -3.99
C SER A 87 -5.96 13.59 -2.56
N ARG A 88 -6.74 12.51 -2.36
CA ARG A 88 -7.12 11.96 -1.05
C ARG A 88 -7.61 10.52 -1.16
N HIS A 89 -7.34 9.71 -0.13
CA HIS A 89 -7.69 8.29 -0.04
C HIS A 89 -8.14 7.91 1.38
N GLU A 90 -8.97 6.86 1.52
CA GLU A 90 -9.61 6.47 2.79
C GLU A 90 -9.91 4.96 2.75
N LEU A 91 -9.48 4.27 3.82
CA LEU A 91 -9.57 2.81 3.98
C LEU A 91 -9.58 2.48 5.47
N ASP A 92 -10.51 1.61 5.90
CA ASP A 92 -10.58 1.04 7.25
C ASP A 92 -10.78 2.13 8.33
N SER A 93 -11.61 3.13 8.01
CA SER A 93 -11.97 4.28 8.86
C SER A 93 -10.81 5.28 9.11
N LYS A 94 -9.84 5.37 8.20
CA LYS A 94 -8.67 6.25 8.28
C LYS A 94 -8.36 6.86 6.91
N THR A 95 -8.04 8.16 6.88
CA THR A 95 -7.51 8.87 5.70
C THR A 95 -6.07 8.44 5.50
N ILE A 96 -5.74 7.89 4.34
CA ILE A 96 -4.40 7.34 4.03
C ILE A 96 -3.64 8.23 3.06
N ASP A 97 -2.31 8.15 3.13
CA ASP A 97 -1.37 9.03 2.42
C ASP A 97 -0.32 8.20 1.63
N PRO A 98 -0.75 7.49 0.57
CA PRO A 98 0.13 6.69 -0.27
C PRO A 98 0.99 7.57 -1.19
N LYS A 99 2.20 7.08 -1.46
CA LYS A 99 3.29 7.83 -2.13
C LYS A 99 4.32 6.88 -2.79
N VAL A 100 5.16 7.40 -3.70
CA VAL A 100 6.16 6.59 -4.43
C VAL A 100 7.16 5.95 -3.46
N ALA A 101 7.44 4.66 -3.66
CA ALA A 101 8.32 3.88 -2.79
C ALA A 101 9.82 4.07 -3.09
N PHE A 102 10.64 4.09 -2.04
CA PHE A 102 12.11 4.02 -2.11
C PHE A 102 12.57 2.66 -2.69
N PRO A 103 13.83 2.54 -3.18
CA PRO A 103 14.39 1.32 -3.77
C PRO A 103 14.22 0.05 -2.93
N ARG A 104 14.31 -1.11 -3.60
CA ARG A 104 13.98 -2.42 -3.04
C ARG A 104 15.07 -3.48 -3.29
N ARG A 105 14.98 -4.61 -2.58
CA ARG A 105 15.78 -5.81 -2.85
C ARG A 105 15.31 -6.46 -4.17
N ALA A 106 16.25 -6.68 -5.09
CA ALA A 106 16.03 -7.18 -6.46
C ALA A 106 17.36 -7.61 -7.11
N GLN A 107 17.29 -8.28 -8.27
CA GLN A 107 18.46 -8.66 -9.06
C GLN A 107 19.09 -7.41 -9.73
N PRO A 108 20.43 -7.24 -9.70
CA PRO A 108 21.12 -6.10 -10.27
C PRO A 108 21.14 -6.18 -11.80
N LYS A 109 20.36 -5.31 -12.45
CA LYS A 109 20.18 -5.20 -13.91
C LYS A 109 19.85 -3.76 -14.34
N CYS A 26 7.08 -0.22 -10.61
CA CYS A 26 5.68 0.17 -10.30
C CYS A 26 5.34 -0.11 -8.82
N LYS A 27 5.81 0.70 -7.86
CA LYS A 27 5.65 0.42 -6.43
C LYS A 27 5.45 1.68 -5.56
N MET A 28 4.67 1.53 -4.49
CA MET A 28 4.23 2.60 -3.59
C MET A 28 4.27 2.18 -2.13
N PHE A 29 4.77 3.09 -1.29
CA PHE A 29 4.70 3.06 0.17
C PHE A 29 3.33 3.63 0.57
N ILE A 30 2.64 2.97 1.50
CA ILE A 30 1.27 3.31 1.89
C ILE A 30 1.28 3.77 3.35
N GLY A 31 1.33 5.09 3.58
CA GLY A 31 1.35 5.69 4.91
C GLY A 31 -0.04 5.97 5.47
N GLY A 32 -0.11 6.20 6.79
CA GLY A 32 -1.34 6.65 7.47
C GLY A 32 -2.43 5.59 7.63
N LEU A 33 -2.08 4.30 7.52
CA LEU A 33 -3.01 3.17 7.68
C LEU A 33 -3.59 3.10 9.10
N SER A 34 -4.67 2.33 9.25
CA SER A 34 -5.22 1.99 10.57
C SER A 34 -4.35 0.92 11.24
N TRP A 35 -4.29 0.90 12.58
CA TRP A 35 -3.54 -0.13 13.33
C TRP A 35 -4.03 -1.57 13.05
N GLN A 36 -5.22 -1.73 12.48
CA GLN A 36 -5.84 -3.01 12.13
C GLN A 36 -5.98 -3.25 10.61
N THR A 37 -5.41 -2.38 9.75
CA THR A 37 -5.36 -2.61 8.29
C THR A 37 -4.51 -3.83 7.97
N THR A 38 -4.94 -4.64 7.00
CA THR A 38 -4.25 -5.86 6.52
C THR A 38 -3.81 -5.69 5.07
N GLN A 39 -2.83 -6.50 4.64
CA GLN A 39 -2.32 -6.49 3.26
C GLN A 39 -3.30 -7.05 2.24
N GLU A 40 -4.26 -7.89 2.68
CA GLU A 40 -5.40 -8.29 1.85
C GLU A 40 -6.37 -7.10 1.69
N GLY A 41 -6.55 -6.29 2.75
CA GLY A 41 -7.32 -5.05 2.72
C GLY A 41 -6.68 -3.97 1.84
N LEU A 42 -5.35 -3.93 1.74
CA LEU A 42 -4.66 -3.09 0.76
C LEU A 42 -5.03 -3.49 -0.66
N ARG A 43 -4.91 -4.76 -1.05
CA ARG A 43 -5.34 -5.22 -2.38
C ARG A 43 -6.82 -4.90 -2.65
N GLU A 44 -7.67 -5.06 -1.64
CA GLU A 44 -9.10 -4.77 -1.73
C GLU A 44 -9.41 -3.30 -2.10
N TYR A 45 -8.57 -2.36 -1.64
CA TYR A 45 -8.67 -0.93 -1.97
C TYR A 45 -7.91 -0.55 -3.25
N PHE A 46 -6.71 -1.11 -3.45
CA PHE A 46 -5.80 -0.72 -4.54
C PHE A 46 -6.11 -1.40 -5.88
N GLY A 47 -6.87 -2.50 -5.88
CA GLY A 47 -7.40 -3.15 -7.08
C GLY A 47 -8.41 -2.30 -7.87
N GLN A 48 -8.88 -1.20 -7.29
CA GLN A 48 -9.73 -0.20 -7.97
C GLN A 48 -8.95 0.62 -9.02
N PHE A 49 -7.63 0.78 -8.83
CA PHE A 49 -6.75 1.57 -9.68
C PHE A 49 -5.96 0.69 -10.67
N GLY A 50 -5.59 -0.52 -10.24
CA GLY A 50 -4.95 -1.57 -11.05
C GLY A 50 -4.65 -2.81 -10.21
N GLU A 51 -4.58 -3.99 -10.84
CA GLU A 51 -4.23 -5.24 -10.14
C GLU A 51 -2.80 -5.18 -9.58
N VAL A 52 -2.58 -5.84 -8.45
CA VAL A 52 -1.36 -5.72 -7.65
C VAL A 52 -0.48 -6.97 -7.76
N LYS A 53 0.81 -6.74 -7.90
CA LYS A 53 1.89 -7.73 -8.01
C LYS A 53 2.38 -8.24 -6.63
N GLU A 54 2.17 -7.43 -5.59
CA GLU A 54 2.65 -7.63 -4.22
C GLU A 54 1.93 -6.62 -3.32
N CYS A 55 1.52 -7.04 -2.10
CA CYS A 55 0.89 -6.21 -1.07
C CYS A 55 1.45 -6.61 0.31
N LEU A 56 1.78 -5.62 1.15
CA LEU A 56 2.47 -5.82 2.42
C LEU A 56 2.00 -4.86 3.50
N VAL A 57 1.94 -5.33 4.75
CA VAL A 57 1.74 -4.51 5.96
C VAL A 57 2.79 -4.94 6.98
N MET A 58 3.51 -3.95 7.52
CA MET A 58 4.70 -4.15 8.36
C MET A 58 4.35 -4.27 9.86
N ARG A 59 3.32 -5.06 10.18
CA ARG A 59 2.77 -5.17 11.54
C ARG A 59 3.73 -5.80 12.55
N ASP A 60 3.62 -5.38 13.80
CA ASP A 60 4.29 -5.98 14.96
C ASP A 60 3.64 -7.33 15.30
N PRO A 61 4.41 -8.43 15.48
CA PRO A 61 3.84 -9.76 15.66
C PRO A 61 3.32 -10.05 17.08
N LEU A 62 3.63 -9.22 18.08
CA LEU A 62 3.16 -9.38 19.45
C LEU A 62 1.80 -8.68 19.65
N THR A 63 1.65 -7.46 19.13
CA THR A 63 0.50 -6.57 19.36
C THR A 63 -0.43 -6.46 18.16
N LYS A 64 0.01 -6.94 16.99
CA LYS A 64 -0.69 -6.95 15.70
C LYS A 64 -0.90 -5.52 15.11
N ARG A 65 -0.39 -4.48 15.78
CA ARG A 65 -0.33 -3.08 15.32
C ARG A 65 0.38 -2.99 13.97
N SER A 66 -0.27 -2.43 12.97
CA SER A 66 0.25 -2.25 11.60
C SER A 66 1.46 -1.30 11.47
N ARG A 67 1.81 -0.58 12.56
CA ARG A 67 2.77 0.55 12.59
C ARG A 67 2.27 1.77 11.78
N GLY A 68 1.04 1.71 11.25
CA GLY A 68 0.42 2.77 10.46
C GLY A 68 0.89 2.82 9.01
N PHE A 69 1.51 1.77 8.47
CA PHE A 69 1.98 1.74 7.08
C PHE A 69 2.18 0.34 6.47
N GLY A 70 2.25 0.32 5.14
CA GLY A 70 2.61 -0.84 4.33
C GLY A 70 3.16 -0.46 2.96
N PHE A 71 3.04 -1.38 1.99
CA PHE A 71 3.54 -1.25 0.62
C PHE A 71 2.64 -1.98 -0.37
N VAL A 72 2.56 -1.47 -1.60
CA VAL A 72 1.82 -2.09 -2.72
C VAL A 72 2.61 -1.92 -4.03
N THR A 73 2.79 -3.02 -4.75
CA THR A 73 3.39 -3.09 -6.10
C THR A 73 2.28 -3.41 -7.08
N PHE A 74 2.28 -2.76 -8.24
CA PHE A 74 1.24 -2.90 -9.25
C PHE A 74 1.72 -3.73 -10.46
N MET A 75 0.78 -4.36 -11.16
CA MET A 75 1.01 -5.05 -12.44
C MET A 75 1.29 -4.08 -13.61
N ASP A 76 1.11 -2.78 -13.39
CA ASP A 76 1.21 -1.70 -14.39
C ASP A 76 1.42 -0.33 -13.71
N GLN A 77 1.95 0.64 -14.47
CA GLN A 77 2.18 2.00 -13.98
C GLN A 77 0.90 2.83 -13.95
N ALA A 78 -0.11 2.47 -14.76
CA ALA A 78 -1.39 3.19 -14.83
C ALA A 78 -2.15 3.21 -13.49
N GLY A 79 -2.03 2.17 -12.65
CA GLY A 79 -2.58 2.17 -11.29
C GLY A 79 -1.79 3.08 -10.35
N VAL A 80 -0.46 3.10 -10.46
CA VAL A 80 0.42 4.01 -9.69
C VAL A 80 0.06 5.47 -10.01
N ASP A 81 -0.05 5.81 -11.30
CA ASP A 81 -0.41 7.15 -11.77
C ASP A 81 -1.70 7.67 -11.14
N LYS A 82 -2.74 6.84 -11.08
CA LYS A 82 -4.05 7.23 -10.52
C LYS A 82 -3.99 7.49 -9.01
N VAL A 83 -3.19 6.73 -8.26
CA VAL A 83 -3.04 6.90 -6.80
C VAL A 83 -2.30 8.20 -6.46
N LEU A 84 -1.42 8.67 -7.34
CA LEU A 84 -0.74 9.97 -7.19
C LEU A 84 -1.66 11.13 -7.62
N ALA A 85 -2.44 10.92 -8.69
CA ALA A 85 -3.29 11.94 -9.29
C ALA A 85 -4.53 12.31 -8.45
N GLN A 86 -5.02 11.39 -7.60
CA GLN A 86 -6.21 11.58 -6.75
C GLN A 86 -5.84 12.28 -5.43
N SER A 87 -6.68 13.24 -4.99
CA SER A 87 -6.37 14.16 -3.87
C SER A 87 -6.61 13.59 -2.45
N ARG A 88 -7.17 12.38 -2.32
CA ARG A 88 -7.56 11.75 -1.04
C ARG A 88 -7.74 10.24 -1.22
N HIS A 89 -7.38 9.47 -0.20
CA HIS A 89 -7.60 8.03 -0.10
C HIS A 89 -8.02 7.63 1.33
N GLU A 90 -8.81 6.57 1.48
CA GLU A 90 -9.44 6.18 2.74
C GLU A 90 -9.70 4.67 2.80
N LEU A 91 -9.28 4.03 3.90
CA LEU A 91 -9.38 2.59 4.14
C LEU A 91 -9.49 2.34 5.65
N ASP A 92 -10.44 1.49 6.06
CA ASP A 92 -10.85 1.28 7.47
C ASP A 92 -11.35 2.59 8.14
N SER A 93 -11.92 3.49 7.34
CA SER A 93 -12.41 4.82 7.73
C SER A 93 -11.27 5.80 8.14
N LYS A 94 -10.02 5.48 7.79
CA LYS A 94 -8.82 6.27 8.11
C LYS A 94 -8.24 6.87 6.83
N THR A 95 -7.82 8.14 6.90
CA THR A 95 -7.22 8.87 5.76
C THR A 95 -5.82 8.33 5.52
N ILE A 96 -5.56 7.74 4.35
CA ILE A 96 -4.25 7.18 4.00
C ILE A 96 -3.49 8.10 3.03
N ASP A 97 -2.17 8.05 3.09
CA ASP A 97 -1.24 8.95 2.38
C ASP A 97 -0.19 8.15 1.57
N PRO A 98 -0.61 7.49 0.48
CA PRO A 98 0.26 6.69 -0.37
C PRO A 98 1.11 7.55 -1.31
N LYS A 99 2.31 7.05 -1.62
CA LYS A 99 3.39 7.77 -2.32
C LYS A 99 4.40 6.80 -2.97
N VAL A 100 5.25 7.28 -3.88
CA VAL A 100 6.23 6.44 -4.62
C VAL A 100 7.22 5.78 -3.65
N ALA A 101 7.49 4.49 -3.85
CA ALA A 101 8.38 3.70 -3.00
C ALA A 101 9.86 3.83 -3.38
N PHE A 102 10.73 3.86 -2.36
CA PHE A 102 12.19 3.73 -2.51
C PHE A 102 12.56 2.33 -3.07
N PRO A 103 13.75 2.16 -3.70
CA PRO A 103 14.20 0.90 -4.32
C PRO A 103 14.11 -0.34 -3.41
N ARG A 104 14.11 -1.51 -4.05
CA ARG A 104 13.84 -2.81 -3.43
C ARG A 104 14.73 -3.95 -3.93
N ARG A 105 15.04 -4.90 -3.05
CA ARG A 105 15.80 -6.13 -3.33
C ARG A 105 15.06 -7.00 -4.37
N ALA A 106 15.79 -7.42 -5.41
CA ALA A 106 15.33 -8.27 -6.52
C ALA A 106 16.54 -8.76 -7.35
N GLN A 107 16.36 -9.86 -8.09
CA GLN A 107 17.40 -10.48 -8.94
C GLN A 107 16.76 -11.06 -10.22
N PRO A 108 17.47 -11.05 -11.37
CA PRO A 108 16.98 -11.63 -12.62
C PRO A 108 17.02 -13.16 -12.58
N LYS A 109 16.03 -13.79 -13.23
CA LYS A 109 15.82 -15.25 -13.29
C LYS A 109 14.83 -15.65 -14.40
N CYS A 26 7.26 0.76 -10.99
CA CYS A 26 6.07 0.74 -10.11
C CYS A 26 6.46 0.70 -8.62
N LYS A 27 5.46 0.57 -7.74
CA LYS A 27 5.50 0.36 -6.28
C LYS A 27 5.33 1.64 -5.44
N MET A 28 4.55 1.51 -4.37
CA MET A 28 4.15 2.60 -3.46
C MET A 28 4.18 2.14 -1.99
N PHE A 29 4.74 3.01 -1.15
CA PHE A 29 4.68 2.94 0.31
C PHE A 29 3.32 3.53 0.71
N ILE A 30 2.59 2.83 1.57
CA ILE A 30 1.21 3.16 1.93
C ILE A 30 1.19 3.63 3.38
N GLY A 31 1.25 4.95 3.60
CA GLY A 31 1.22 5.56 4.94
C GLY A 31 -0.19 5.89 5.41
N GLY A 32 -0.34 6.20 6.71
CA GLY A 32 -1.60 6.66 7.31
C GLY A 32 -2.67 5.59 7.48
N LEU A 33 -2.32 4.30 7.36
CA LEU A 33 -3.24 3.17 7.52
C LEU A 33 -3.82 3.10 8.94
N SER A 34 -4.92 2.34 9.08
CA SER A 34 -5.46 1.98 10.39
C SER A 34 -4.63 0.84 11.00
N TRP A 35 -4.50 0.80 12.34
CA TRP A 35 -3.79 -0.27 13.06
C TRP A 35 -4.35 -1.69 12.83
N GLN A 36 -5.55 -1.82 12.26
CA GLN A 36 -6.24 -3.09 11.98
C GLN A 36 -6.22 -3.45 10.47
N THR A 37 -5.49 -2.70 9.64
CA THR A 37 -5.40 -2.92 8.18
C THR A 37 -4.61 -4.20 7.87
N THR A 38 -5.01 -4.90 6.81
CA THR A 38 -4.34 -6.12 6.28
C THR A 38 -3.90 -5.91 4.84
N GLN A 39 -2.95 -6.72 4.38
CA GLN A 39 -2.44 -6.69 3.00
C GLN A 39 -3.50 -7.10 1.96
N GLU A 40 -4.46 -7.95 2.34
CA GLU A 40 -5.64 -8.26 1.52
C GLU A 40 -6.58 -7.05 1.45
N GLY A 41 -6.72 -6.30 2.55
CA GLY A 41 -7.47 -5.05 2.61
C GLY A 41 -6.83 -3.94 1.76
N LEU A 42 -5.49 -3.92 1.64
CA LEU A 42 -4.80 -3.05 0.68
C LEU A 42 -5.18 -3.41 -0.75
N ARG A 43 -5.09 -4.69 -1.16
CA ARG A 43 -5.52 -5.11 -2.50
C ARG A 43 -6.99 -4.75 -2.78
N GLU A 44 -7.86 -4.91 -1.77
CA GLU A 44 -9.28 -4.59 -1.86
C GLU A 44 -9.54 -3.12 -2.23
N TYR A 45 -8.69 -2.20 -1.77
CA TYR A 45 -8.74 -0.78 -2.10
C TYR A 45 -7.96 -0.39 -3.36
N PHE A 46 -6.77 -0.97 -3.54
CA PHE A 46 -5.83 -0.60 -4.61
C PHE A 46 -6.15 -1.24 -5.97
N GLY A 47 -6.93 -2.34 -5.99
CA GLY A 47 -7.45 -2.97 -7.20
C GLY A 47 -8.45 -2.11 -8.00
N GLN A 48 -8.90 -0.98 -7.42
CA GLN A 48 -9.72 0.03 -8.11
C GLN A 48 -8.91 0.84 -9.14
N PHE A 49 -7.58 0.95 -8.93
CA PHE A 49 -6.67 1.75 -9.76
C PHE A 49 -5.88 0.85 -10.74
N GLY A 50 -5.47 -0.34 -10.29
CA GLY A 50 -4.83 -1.39 -11.08
C GLY A 50 -4.57 -2.64 -10.22
N GLU A 51 -4.50 -3.82 -10.84
CA GLU A 51 -4.22 -5.05 -10.11
C GLU A 51 -2.81 -5.02 -9.48
N VAL A 52 -2.67 -5.62 -8.30
CA VAL A 52 -1.45 -5.56 -7.50
C VAL A 52 -0.60 -6.82 -7.70
N LYS A 53 0.69 -6.60 -7.94
CA LYS A 53 1.73 -7.63 -8.16
C LYS A 53 2.24 -8.22 -6.82
N GLU A 54 2.09 -7.46 -5.73
CA GLU A 54 2.62 -7.70 -4.39
C GLU A 54 1.99 -6.68 -3.45
N CYS A 55 1.63 -7.09 -2.23
CA CYS A 55 1.07 -6.22 -1.19
C CYS A 55 1.53 -6.69 0.20
N LEU A 56 1.76 -5.75 1.12
CA LEU A 56 2.40 -5.99 2.42
C LEU A 56 1.87 -5.01 3.48
N VAL A 57 1.89 -5.45 4.74
CA VAL A 57 1.65 -4.64 5.93
C VAL A 57 2.74 -5.00 6.94
N MET A 58 3.44 -3.96 7.44
CA MET A 58 4.66 -4.08 8.23
C MET A 58 4.41 -4.06 9.74
N ARG A 59 3.36 -4.77 10.18
CA ARG A 59 2.84 -4.77 11.55
C ARG A 59 3.85 -5.22 12.61
N ASP A 60 3.65 -4.74 13.84
CA ASP A 60 4.35 -5.20 15.04
C ASP A 60 3.92 -6.65 15.39
N PRO A 61 4.83 -7.60 15.61
CA PRO A 61 4.48 -9.01 15.78
C PRO A 61 3.95 -9.36 17.18
N LEU A 62 4.09 -8.47 18.17
CA LEU A 62 3.57 -8.70 19.53
C LEU A 62 2.12 -8.22 19.66
N THR A 63 1.80 -7.05 19.09
CA THR A 63 0.50 -6.35 19.26
C THR A 63 -0.38 -6.39 18.01
N LYS A 64 0.18 -6.81 16.87
CA LYS A 64 -0.45 -6.96 15.56
C LYS A 64 -0.88 -5.61 14.93
N ARG A 65 -0.60 -4.48 15.60
CA ARG A 65 -0.75 -3.10 15.14
C ARG A 65 0.07 -2.89 13.86
N SER A 66 -0.58 -2.40 12.81
CA SER A 66 0.03 -2.15 11.49
C SER A 66 1.17 -1.11 11.48
N ARG A 67 1.39 -0.40 12.60
CA ARG A 67 2.26 0.78 12.72
C ARG A 67 1.81 1.94 11.80
N GLY A 68 0.60 1.85 11.22
CA GLY A 68 0.03 2.84 10.32
C GLY A 68 0.59 2.79 8.90
N PHE A 69 1.24 1.70 8.47
CA PHE A 69 1.81 1.64 7.13
C PHE A 69 2.00 0.23 6.53
N GLY A 70 2.08 0.19 5.20
CA GLY A 70 2.40 -0.99 4.39
C GLY A 70 3.01 -0.61 3.03
N PHE A 71 2.90 -1.52 2.06
CA PHE A 71 3.46 -1.38 0.71
C PHE A 71 2.57 -2.08 -0.33
N VAL A 72 2.51 -1.54 -1.56
CA VAL A 72 1.79 -2.15 -2.70
C VAL A 72 2.58 -1.95 -3.99
N THR A 73 2.84 -3.04 -4.71
CA THR A 73 3.41 -3.10 -6.07
C THR A 73 2.27 -3.37 -7.04
N PHE A 74 2.26 -2.69 -8.18
CA PHE A 74 1.21 -2.82 -9.20
C PHE A 74 1.71 -3.62 -10.41
N MET A 75 0.80 -4.34 -11.07
CA MET A 75 1.06 -5.06 -12.33
C MET A 75 1.23 -4.13 -13.55
N ASP A 76 0.97 -2.84 -13.37
CA ASP A 76 1.02 -1.76 -14.36
C ASP A 76 1.32 -0.42 -13.69
N GLN A 77 1.95 0.51 -14.42
CA GLN A 77 2.29 1.84 -13.89
C GLN A 77 1.06 2.77 -13.81
N ALA A 78 0.03 2.53 -14.63
CA ALA A 78 -1.19 3.33 -14.65
C ALA A 78 -1.92 3.35 -13.29
N GLY A 79 -1.87 2.26 -12.51
CA GLY A 79 -2.42 2.25 -11.15
C GLY A 79 -1.63 3.13 -10.18
N VAL A 80 -0.31 3.22 -10.35
CA VAL A 80 0.53 4.15 -9.57
C VAL A 80 0.17 5.59 -9.94
N ASP A 81 0.09 5.90 -11.23
CA ASP A 81 -0.26 7.24 -11.74
C ASP A 81 -1.58 7.78 -11.15
N LYS A 82 -2.61 6.93 -11.09
CA LYS A 82 -3.93 7.32 -10.57
C LYS A 82 -3.91 7.63 -9.06
N VAL A 83 -3.13 6.89 -8.28
CA VAL A 83 -3.03 7.07 -6.81
C VAL A 83 -2.30 8.38 -6.46
N LEU A 84 -1.37 8.82 -7.32
CA LEU A 84 -0.71 10.13 -7.17
C LEU A 84 -1.62 11.28 -7.63
N ALA A 85 -2.37 11.06 -8.71
CA ALA A 85 -3.23 12.07 -9.32
C ALA A 85 -4.50 12.41 -8.51
N GLN A 86 -4.94 11.54 -7.60
CA GLN A 86 -6.13 11.73 -6.75
C GLN A 86 -5.77 12.42 -5.42
N SER A 87 -6.60 13.37 -4.97
CA SER A 87 -6.28 14.28 -3.85
C SER A 87 -6.55 13.72 -2.43
N ARG A 88 -7.15 12.51 -2.32
CA ARG A 88 -7.55 11.88 -1.05
C ARG A 88 -7.78 10.37 -1.23
N HIS A 89 -7.43 9.59 -0.21
CA HIS A 89 -7.68 8.15 -0.12
C HIS A 89 -8.09 7.75 1.31
N GLU A 90 -8.90 6.69 1.44
CA GLU A 90 -9.52 6.29 2.71
C GLU A 90 -9.79 4.78 2.75
N LEU A 91 -9.37 4.13 3.84
CA LEU A 91 -9.49 2.68 4.06
C LEU A 91 -9.62 2.41 5.57
N ASP A 92 -10.60 1.58 5.95
CA ASP A 92 -11.01 1.33 7.34
C ASP A 92 -11.45 2.63 8.08
N SER A 93 -12.05 3.55 7.33
CA SER A 93 -12.51 4.89 7.78
C SER A 93 -11.36 5.84 8.20
N LYS A 94 -10.12 5.55 7.79
CA LYS A 94 -8.91 6.31 8.12
C LYS A 94 -8.31 6.90 6.84
N THR A 95 -7.84 8.15 6.90
CA THR A 95 -7.28 8.88 5.75
C THR A 95 -5.88 8.35 5.48
N ILE A 96 -5.66 7.74 4.32
CA ILE A 96 -4.36 7.15 3.94
C ILE A 96 -3.58 8.08 3.01
N ASP A 97 -2.25 8.01 3.07
CA ASP A 97 -1.31 8.90 2.40
C ASP A 97 -0.23 8.10 1.61
N PRO A 98 -0.63 7.39 0.55
CA PRO A 98 0.27 6.59 -0.28
C PRO A 98 1.14 7.47 -1.19
N LYS A 99 2.36 6.99 -1.47
CA LYS A 99 3.44 7.70 -2.14
C LYS A 99 4.46 6.73 -2.77
N VAL A 100 5.31 7.19 -3.70
CA VAL A 100 6.27 6.34 -4.45
C VAL A 100 7.26 5.65 -3.50
N ALA A 101 7.48 4.35 -3.69
CA ALA A 101 8.33 3.52 -2.84
C ALA A 101 9.81 3.50 -3.27
N PHE A 102 10.70 3.34 -2.28
CA PHE A 102 12.12 3.02 -2.53
C PHE A 102 12.22 1.59 -3.13
N PRO A 103 13.24 1.28 -3.97
CA PRO A 103 13.34 0.03 -4.74
C PRO A 103 13.13 -1.26 -3.93
N ARG A 104 12.50 -2.25 -4.56
CA ARG A 104 12.24 -3.59 -4.00
C ARG A 104 13.38 -4.57 -4.28
N ARG A 105 13.58 -5.54 -3.38
CA ARG A 105 14.54 -6.65 -3.49
C ARG A 105 13.93 -7.92 -2.90
N ALA A 106 13.90 -9.00 -3.67
CA ALA A 106 13.34 -10.31 -3.31
C ALA A 106 13.74 -11.39 -4.32
N GLN A 107 13.78 -12.66 -3.90
CA GLN A 107 14.08 -13.83 -4.72
C GLN A 107 13.25 -15.04 -4.23
N PRO A 108 12.65 -15.84 -5.14
CA PRO A 108 11.84 -17.02 -4.79
C PRO A 108 12.72 -18.19 -4.33
N LYS A 109 12.13 -19.10 -3.55
CA LYS A 109 12.82 -20.18 -2.81
C LYS A 109 11.98 -21.47 -2.75
N CYS A 26 6.66 1.09 -10.47
CA CYS A 26 5.35 0.49 -10.09
C CYS A 26 5.15 0.24 -8.58
N LYS A 27 6.15 0.41 -7.70
CA LYS A 27 6.00 0.18 -6.24
C LYS A 27 5.74 1.49 -5.46
N MET A 28 4.93 1.38 -4.41
CA MET A 28 4.42 2.49 -3.58
C MET A 28 4.42 2.12 -2.09
N PHE A 29 4.84 3.07 -1.26
CA PHE A 29 4.71 3.07 0.19
C PHE A 29 3.32 3.61 0.55
N ILE A 30 2.66 3.01 1.54
CA ILE A 30 1.29 3.35 1.94
C ILE A 30 1.29 3.76 3.42
N GLY A 31 1.21 5.06 3.71
CA GLY A 31 1.19 5.61 5.07
C GLY A 31 -0.22 5.87 5.60
N GLY A 32 -0.34 6.12 6.91
CA GLY A 32 -1.60 6.52 7.57
C GLY A 32 -2.64 5.41 7.75
N LEU A 33 -2.25 4.14 7.56
CA LEU A 33 -3.13 2.97 7.68
C LEU A 33 -3.71 2.81 9.09
N SER A 34 -4.80 2.07 9.20
CA SER A 34 -5.40 1.69 10.49
C SER A 34 -4.61 0.56 11.17
N TRP A 35 -4.67 0.51 12.51
CA TRP A 35 -4.18 -0.62 13.30
C TRP A 35 -4.95 -1.94 13.04
N GLN A 36 -6.02 -1.88 12.24
CA GLN A 36 -6.78 -3.05 11.77
C GLN A 36 -6.70 -3.27 10.24
N THR A 37 -5.88 -2.49 9.50
CA THR A 37 -5.61 -2.72 8.07
C THR A 37 -4.77 -3.98 7.87
N THR A 38 -5.04 -4.73 6.80
CA THR A 38 -4.30 -5.92 6.35
C THR A 38 -3.84 -5.74 4.91
N GLN A 39 -2.87 -6.54 4.47
CA GLN A 39 -2.36 -6.51 3.08
C GLN A 39 -3.40 -6.97 2.05
N GLU A 40 -4.33 -7.84 2.44
CA GLU A 40 -5.50 -8.18 1.61
C GLU A 40 -6.46 -6.99 1.52
N GLY A 41 -6.61 -6.21 2.61
CA GLY A 41 -7.39 -4.97 2.64
C GLY A 41 -6.78 -3.87 1.77
N LEU A 42 -5.44 -3.82 1.65
CA LEU A 42 -4.76 -2.96 0.69
C LEU A 42 -5.13 -3.33 -0.74
N ARG A 43 -5.02 -4.61 -1.13
CA ARG A 43 -5.45 -5.04 -2.47
C ARG A 43 -6.93 -4.74 -2.73
N GLU A 44 -7.78 -4.92 -1.73
CA GLU A 44 -9.21 -4.63 -1.81
C GLU A 44 -9.51 -3.16 -2.17
N TYR A 45 -8.67 -2.23 -1.72
CA TYR A 45 -8.76 -0.80 -2.04
C TYR A 45 -8.00 -0.41 -3.32
N PHE A 46 -6.79 -0.94 -3.51
CA PHE A 46 -5.90 -0.57 -4.61
C PHE A 46 -6.23 -1.25 -5.95
N GLY A 47 -6.97 -2.36 -5.93
CA GLY A 47 -7.50 -3.03 -7.12
C GLY A 47 -8.53 -2.21 -7.91
N GLN A 48 -9.01 -1.10 -7.34
CA GLN A 48 -9.86 -0.11 -8.03
C GLN A 48 -9.09 0.69 -9.09
N PHE A 49 -7.76 0.83 -8.92
CA PHE A 49 -6.88 1.63 -9.77
C PHE A 49 -6.08 0.77 -10.76
N GLY A 50 -5.77 -0.47 -10.37
CA GLY A 50 -5.07 -1.50 -11.16
C GLY A 50 -4.74 -2.72 -10.29
N GLU A 51 -4.56 -3.89 -10.90
CA GLU A 51 -4.21 -5.11 -10.15
C GLU A 51 -2.81 -5.00 -9.53
N VAL A 52 -2.62 -5.62 -8.37
CA VAL A 52 -1.40 -5.52 -7.57
C VAL A 52 -0.55 -6.78 -7.70
N LYS A 53 0.75 -6.57 -7.96
CA LYS A 53 1.81 -7.57 -8.08
C LYS A 53 2.36 -8.03 -6.71
N GLU A 54 2.23 -7.19 -5.68
CA GLU A 54 2.70 -7.41 -4.32
C GLU A 54 1.95 -6.46 -3.38
N CYS A 55 1.71 -6.88 -2.13
CA CYS A 55 1.08 -6.09 -1.09
C CYS A 55 1.60 -6.54 0.30
N LEU A 56 1.82 -5.58 1.21
CA LEU A 56 2.47 -5.77 2.51
C LEU A 56 1.90 -4.82 3.55
N VAL A 57 1.95 -5.23 4.82
CA VAL A 57 1.67 -4.41 6.02
C VAL A 57 2.71 -4.79 7.06
N MET A 58 3.42 -3.79 7.61
CA MET A 58 4.59 -3.99 8.46
C MET A 58 4.22 -4.14 9.95
N ARG A 59 3.26 -5.02 10.23
CA ARG A 59 2.71 -5.21 11.58
C ARG A 59 3.67 -5.98 12.51
N ASP A 60 3.65 -5.64 13.79
CA ASP A 60 4.37 -6.33 14.86
C ASP A 60 3.62 -7.62 15.26
N PRO A 61 4.28 -8.79 15.38
CA PRO A 61 3.61 -10.06 15.63
C PRO A 61 3.22 -10.28 17.10
N LEU A 62 3.74 -9.48 18.04
CA LEU A 62 3.46 -9.58 19.47
C LEU A 62 2.31 -8.65 19.88
N THR A 63 2.31 -7.40 19.39
CA THR A 63 1.36 -6.35 19.76
C THR A 63 0.30 -6.10 18.69
N LYS A 64 0.44 -6.73 17.53
CA LYS A 64 -0.47 -6.71 16.37
C LYS A 64 -0.63 -5.32 15.71
N ARG A 65 0.05 -4.28 16.22
CA ARG A 65 0.05 -2.93 15.66
C ARG A 65 0.63 -2.95 14.25
N SER A 66 -0.02 -2.26 13.34
CA SER A 66 0.35 -2.19 11.92
C SER A 66 1.47 -1.19 11.63
N ARG A 67 1.95 -0.47 12.66
CA ARG A 67 2.84 0.70 12.56
C ARG A 67 2.20 1.86 11.77
N GLY A 68 0.94 1.72 11.32
CA GLY A 68 0.23 2.67 10.47
C GLY A 68 0.75 2.73 9.03
N PHE A 69 1.45 1.69 8.53
CA PHE A 69 1.99 1.70 7.16
C PHE A 69 2.21 0.31 6.55
N GLY A 70 2.30 0.30 5.22
CA GLY A 70 2.64 -0.86 4.39
C GLY A 70 3.18 -0.46 3.01
N PHE A 71 3.08 -1.38 2.05
CA PHE A 71 3.57 -1.23 0.68
C PHE A 71 2.67 -1.97 -0.32
N VAL A 72 2.62 -1.47 -1.56
CA VAL A 72 1.90 -2.10 -2.69
C VAL A 72 2.69 -1.90 -3.98
N THR A 73 2.83 -2.96 -4.79
CA THR A 73 3.38 -2.92 -6.16
C THR A 73 2.26 -3.23 -7.12
N PHE A 74 2.13 -2.45 -8.19
CA PHE A 74 1.12 -2.67 -9.23
C PHE A 74 1.67 -3.54 -10.38
N MET A 75 0.78 -4.26 -11.07
CA MET A 75 1.08 -4.99 -12.31
C MET A 75 1.29 -4.07 -13.53
N ASP A 76 1.00 -2.77 -13.38
CA ASP A 76 1.09 -1.74 -14.40
C ASP A 76 1.23 -0.34 -13.77
N GLN A 77 2.04 0.53 -14.40
CA GLN A 77 2.28 1.89 -13.92
C GLN A 77 1.04 2.79 -14.04
N ALA A 78 0.12 2.46 -14.95
CA ALA A 78 -1.13 3.18 -15.13
C ALA A 78 -2.06 3.17 -13.92
N GLY A 79 -1.91 2.23 -12.97
CA GLY A 79 -2.61 2.25 -11.68
C GLY A 79 -1.90 3.12 -10.64
N VAL A 80 -0.57 3.17 -10.67
CA VAL A 80 0.22 4.12 -9.87
C VAL A 80 -0.15 5.55 -10.25
N ASP A 81 -0.24 5.85 -11.55
CA ASP A 81 -0.63 7.16 -12.08
C ASP A 81 -1.94 7.68 -11.45
N LYS A 82 -2.97 6.84 -11.38
CA LYS A 82 -4.25 7.21 -10.79
C LYS A 82 -4.16 7.48 -9.27
N VAL A 83 -3.32 6.74 -8.55
CA VAL A 83 -3.13 6.91 -7.09
C VAL A 83 -2.40 8.22 -6.77
N LEU A 84 -1.49 8.67 -7.64
CA LEU A 84 -0.82 9.97 -7.50
C LEU A 84 -1.73 11.14 -7.90
N ALA A 85 -2.52 10.94 -8.95
CA ALA A 85 -3.40 11.97 -9.52
C ALA A 85 -4.63 12.33 -8.64
N GLN A 86 -4.99 11.49 -7.67
CA GLN A 86 -6.13 11.71 -6.76
C GLN A 86 -5.66 12.37 -5.44
N SER A 87 -6.43 13.36 -4.95
CA SER A 87 -6.01 14.24 -3.85
C SER A 87 -6.16 13.66 -2.43
N ARG A 88 -6.82 12.51 -2.26
CA ARG A 88 -7.11 11.86 -0.97
C ARG A 88 -7.49 10.38 -1.15
N HIS A 89 -7.15 9.54 -0.19
CA HIS A 89 -7.50 8.12 -0.11
C HIS A 89 -7.94 7.74 1.32
N GLU A 90 -8.76 6.70 1.46
CA GLU A 90 -9.38 6.30 2.73
C GLU A 90 -9.67 4.79 2.75
N LEU A 91 -9.27 4.13 3.84
CA LEU A 91 -9.43 2.69 4.07
C LEU A 91 -9.59 2.43 5.57
N ASP A 92 -10.63 1.66 5.94
CA ASP A 92 -11.03 1.40 7.33
C ASP A 92 -11.41 2.68 8.11
N SER A 93 -12.02 3.65 7.40
CA SER A 93 -12.43 4.98 7.90
C SER A 93 -11.25 5.89 8.31
N LYS A 94 -10.03 5.59 7.83
CA LYS A 94 -8.78 6.31 8.12
C LYS A 94 -8.22 6.88 6.81
N THR A 95 -7.83 8.18 6.81
CA THR A 95 -7.17 8.85 5.69
C THR A 95 -5.79 8.23 5.49
N ILE A 96 -5.52 7.69 4.31
CA ILE A 96 -4.22 7.10 3.96
C ILE A 96 -3.44 7.99 3.00
N ASP A 97 -2.11 7.85 3.00
CA ASP A 97 -1.17 8.68 2.26
C ASP A 97 -0.20 7.81 1.43
N PRO A 98 -0.65 7.34 0.25
CA PRO A 98 0.14 6.51 -0.65
C PRO A 98 1.00 7.36 -1.58
N LYS A 99 2.24 6.90 -1.82
CA LYS A 99 3.31 7.65 -2.51
C LYS A 99 4.37 6.71 -3.12
N VAL A 100 5.22 7.22 -4.02
CA VAL A 100 6.28 6.42 -4.69
C VAL A 100 7.27 5.85 -3.66
N ALA A 101 7.60 4.56 -3.80
CA ALA A 101 8.47 3.84 -2.87
C ALA A 101 9.97 4.12 -3.09
N PHE A 102 10.73 4.25 -2.00
CA PHE A 102 12.19 4.28 -1.98
C PHE A 102 12.79 2.93 -2.47
N PRO A 103 14.08 2.90 -2.90
CA PRO A 103 14.76 1.70 -3.40
C PRO A 103 14.71 0.48 -2.45
N ARG A 104 15.08 -0.67 -3.03
CA ARG A 104 14.94 -2.01 -2.43
C ARG A 104 16.08 -2.95 -2.83
N ARG A 105 16.51 -3.81 -1.90
CA ARG A 105 17.58 -4.80 -2.07
C ARG A 105 17.05 -6.22 -1.84
N ALA A 106 17.27 -7.11 -2.81
CA ALA A 106 16.81 -8.50 -2.85
C ALA A 106 17.56 -9.30 -3.93
N GLN A 107 17.48 -10.63 -3.86
CA GLN A 107 18.11 -11.56 -4.82
C GLN A 107 17.20 -12.79 -5.02
N PRO A 108 17.16 -13.40 -6.23
CA PRO A 108 16.37 -14.60 -6.50
C PRO A 108 17.05 -15.84 -5.89
N LYS A 109 16.23 -16.74 -5.34
CA LYS A 109 16.63 -17.98 -4.64
C LYS A 109 15.62 -19.11 -4.88
N CYS A 26 6.78 0.62 -10.49
CA CYS A 26 5.35 0.36 -10.16
C CYS A 26 5.06 0.12 -8.66
N LYS A 27 5.92 0.52 -7.72
CA LYS A 27 5.73 0.27 -6.27
C LYS A 27 5.54 1.56 -5.44
N MET A 28 4.73 1.46 -4.39
CA MET A 28 4.31 2.56 -3.51
C MET A 28 4.31 2.15 -2.03
N PHE A 29 4.78 3.08 -1.19
CA PHE A 29 4.66 3.06 0.27
C PHE A 29 3.27 3.62 0.61
N ILE A 30 2.59 3.02 1.60
CA ILE A 30 1.21 3.38 1.98
C ILE A 30 1.19 3.77 3.46
N GLY A 31 1.13 5.07 3.77
CA GLY A 31 1.07 5.59 5.15
C GLY A 31 -0.35 5.85 5.63
N GLY A 32 -0.51 6.16 6.92
CA GLY A 32 -1.78 6.62 7.51
C GLY A 32 -2.86 5.53 7.67
N LEU A 33 -2.48 4.25 7.61
CA LEU A 33 -3.38 3.11 7.74
C LEU A 33 -3.97 2.98 9.16
N SER A 34 -4.99 2.15 9.31
CA SER A 34 -5.52 1.74 10.61
C SER A 34 -4.69 0.60 11.21
N TRP A 35 -4.61 0.49 12.55
CA TRP A 35 -4.04 -0.68 13.23
C TRP A 35 -4.82 -1.98 12.95
N GLN A 36 -6.01 -1.88 12.34
CA GLN A 36 -6.85 -2.98 11.89
C GLN A 36 -6.69 -3.27 10.37
N THR A 37 -5.95 -2.45 9.60
CA THR A 37 -5.68 -2.70 8.18
C THR A 37 -4.76 -3.90 7.98
N THR A 38 -5.03 -4.71 6.95
CA THR A 38 -4.23 -5.87 6.52
C THR A 38 -3.80 -5.71 5.07
N GLN A 39 -2.84 -6.52 4.63
CA GLN A 39 -2.37 -6.54 3.23
C GLN A 39 -3.45 -7.02 2.24
N GLU A 40 -4.41 -7.83 2.71
CA GLU A 40 -5.60 -8.18 1.93
C GLU A 40 -6.55 -6.98 1.82
N GLY A 41 -6.66 -6.17 2.89
CA GLY A 41 -7.43 -4.92 2.90
C GLY A 41 -6.80 -3.86 1.99
N LEU A 42 -5.47 -3.82 1.87
CA LEU A 42 -4.78 -3.00 0.87
C LEU A 42 -5.17 -3.43 -0.53
N ARG A 43 -5.07 -4.72 -0.87
CA ARG A 43 -5.49 -5.23 -2.18
C ARG A 43 -6.97 -4.92 -2.48
N GLU A 44 -7.83 -5.00 -1.47
CA GLU A 44 -9.26 -4.69 -1.57
C GLU A 44 -9.53 -3.23 -2.00
N TYR A 45 -8.69 -2.29 -1.56
CA TYR A 45 -8.77 -0.87 -1.91
C TYR A 45 -8.00 -0.53 -3.20
N PHE A 46 -6.82 -1.13 -3.39
CA PHE A 46 -5.91 -0.81 -4.50
C PHE A 46 -6.25 -1.53 -5.81
N GLY A 47 -7.08 -2.59 -5.76
CA GLY A 47 -7.65 -3.25 -6.93
C GLY A 47 -8.60 -2.37 -7.76
N GLN A 48 -9.00 -1.20 -7.25
CA GLN A 48 -9.80 -0.20 -7.95
C GLN A 48 -8.98 0.56 -9.02
N PHE A 49 -7.66 0.64 -8.84
CA PHE A 49 -6.75 1.43 -9.69
C PHE A 49 -5.95 0.55 -10.69
N GLY A 50 -5.85 -0.75 -10.42
CA GLY A 50 -5.18 -1.76 -11.24
C GLY A 50 -4.93 -3.05 -10.45
N GLU A 51 -4.60 -4.13 -11.17
CA GLU A 51 -4.25 -5.41 -10.54
C GLU A 51 -2.91 -5.28 -9.79
N VAL A 52 -2.85 -5.71 -8.53
CA VAL A 52 -1.64 -5.62 -7.70
C VAL A 52 -0.73 -6.84 -7.91
N LYS A 53 0.56 -6.59 -8.06
CA LYS A 53 1.65 -7.55 -8.12
C LYS A 53 2.12 -8.01 -6.72
N GLU A 54 1.93 -7.17 -5.70
CA GLU A 54 2.40 -7.36 -4.33
C GLU A 54 1.63 -6.44 -3.38
N CYS A 55 1.36 -6.88 -2.15
CA CYS A 55 0.80 -6.09 -1.05
C CYS A 55 1.49 -6.50 0.27
N LEU A 56 1.78 -5.55 1.16
CA LEU A 56 2.46 -5.75 2.45
C LEU A 56 1.91 -4.81 3.53
N VAL A 57 2.01 -5.23 4.79
CA VAL A 57 1.74 -4.40 5.98
C VAL A 57 2.82 -4.73 7.01
N MET A 58 3.46 -3.70 7.57
CA MET A 58 4.66 -3.81 8.41
C MET A 58 4.31 -3.90 9.90
N ARG A 59 3.40 -4.83 10.23
CA ARG A 59 2.84 -5.02 11.57
C ARG A 59 3.85 -5.57 12.59
N ASP A 60 3.68 -5.17 13.85
CA ASP A 60 4.39 -5.72 15.01
C ASP A 60 3.85 -7.11 15.38
N PRO A 61 4.69 -8.15 15.56
CA PRO A 61 4.22 -9.52 15.77
C PRO A 61 3.78 -9.83 17.21
N LEU A 62 4.05 -8.94 18.19
CA LEU A 62 3.65 -9.13 19.60
C LEU A 62 2.28 -8.50 19.89
N THR A 63 1.97 -7.37 19.23
CA THR A 63 0.78 -6.54 19.50
C THR A 63 -0.17 -6.45 18.31
N LYS A 64 0.25 -6.93 17.13
CA LYS A 64 -0.51 -7.02 15.87
C LYS A 64 -0.86 -5.65 15.26
N ARG A 65 -0.43 -4.54 15.88
CA ARG A 65 -0.51 -3.17 15.35
C ARG A 65 0.21 -3.08 14.01
N SER A 66 -0.44 -2.51 13.00
CA SER A 66 0.10 -2.35 11.64
C SER A 66 1.23 -1.30 11.52
N ARG A 67 1.55 -0.60 12.62
CA ARG A 67 2.41 0.60 12.67
C ARG A 67 1.83 1.75 11.82
N GLY A 68 0.60 1.63 11.31
CA GLY A 68 -0.06 2.62 10.46
C GLY A 68 0.49 2.68 9.02
N PHE A 69 1.21 1.65 8.54
CA PHE A 69 1.77 1.67 7.18
C PHE A 69 2.04 0.29 6.56
N GLY A 70 2.14 0.29 5.23
CA GLY A 70 2.51 -0.86 4.39
C GLY A 70 3.06 -0.45 3.03
N PHE A 71 2.97 -1.36 2.05
CA PHE A 71 3.46 -1.19 0.69
C PHE A 71 2.57 -1.93 -0.32
N VAL A 72 2.50 -1.44 -1.56
CA VAL A 72 1.75 -2.07 -2.67
C VAL A 72 2.51 -1.89 -3.99
N THR A 73 2.56 -2.94 -4.81
CA THR A 73 3.13 -2.92 -6.18
C THR A 73 2.02 -3.28 -7.15
N PHE A 74 1.96 -2.59 -8.30
CA PHE A 74 1.01 -2.86 -9.38
C PHE A 74 1.63 -3.72 -10.49
N MET A 75 0.79 -4.41 -11.26
CA MET A 75 1.19 -5.14 -12.48
C MET A 75 1.69 -4.21 -13.61
N ASP A 76 1.40 -2.91 -13.53
CA ASP A 76 1.89 -1.85 -14.42
C ASP A 76 1.85 -0.48 -13.72
N GLN A 77 2.67 0.45 -14.17
CA GLN A 77 2.76 1.82 -13.67
C GLN A 77 1.42 2.58 -13.78
N ALA A 78 0.55 2.24 -14.72
CA ALA A 78 -0.74 2.90 -14.94
C ALA A 78 -1.69 2.87 -13.72
N GLY A 79 -1.49 1.98 -12.75
CA GLY A 79 -2.21 2.01 -11.48
C GLY A 79 -1.56 2.89 -10.42
N VAL A 80 -0.23 3.07 -10.48
CA VAL A 80 0.49 4.06 -9.67
C VAL A 80 0.06 5.46 -10.08
N ASP A 81 0.00 5.73 -11.40
CA ASP A 81 -0.43 7.01 -11.97
C ASP A 81 -1.76 7.50 -11.38
N LYS A 82 -2.76 6.62 -11.30
CA LYS A 82 -4.09 6.96 -10.75
C LYS A 82 -4.04 7.28 -9.24
N VAL A 83 -3.20 6.60 -8.48
CA VAL A 83 -3.07 6.82 -7.01
C VAL A 83 -2.39 8.16 -6.72
N LEU A 84 -1.48 8.62 -7.59
CA LEU A 84 -0.86 9.96 -7.49
C LEU A 84 -1.80 11.07 -7.95
N ALA A 85 -2.57 10.81 -9.01
CA ALA A 85 -3.47 11.78 -9.63
C ALA A 85 -4.72 12.12 -8.78
N GLN A 86 -5.06 11.29 -7.79
CA GLN A 86 -6.18 11.51 -6.87
C GLN A 86 -5.71 12.19 -5.57
N SER A 87 -6.47 13.18 -5.08
CA SER A 87 -6.03 14.09 -3.99
C SER A 87 -6.17 13.54 -2.56
N ARG A 88 -6.87 12.40 -2.37
CA ARG A 88 -7.19 11.81 -1.05
C ARG A 88 -7.64 10.35 -1.18
N HIS A 89 -7.33 9.54 -0.16
CA HIS A 89 -7.66 8.11 -0.08
C HIS A 89 -8.07 7.74 1.35
N GLU A 90 -8.89 6.70 1.53
CA GLU A 90 -9.46 6.30 2.83
C GLU A 90 -9.75 4.80 2.86
N LEU A 91 -9.33 4.13 3.94
CA LEU A 91 -9.45 2.69 4.15
C LEU A 91 -9.59 2.40 5.66
N ASP A 92 -10.59 1.60 6.02
CA ASP A 92 -10.97 1.27 7.42
C ASP A 92 -11.36 2.53 8.23
N SER A 93 -11.97 3.51 7.56
CA SER A 93 -12.39 4.82 8.12
C SER A 93 -11.20 5.73 8.54
N LYS A 94 -10.01 5.51 7.97
CA LYS A 94 -8.79 6.30 8.20
C LYS A 94 -8.26 6.83 6.87
N THR A 95 -7.89 8.12 6.86
CA THR A 95 -7.35 8.82 5.68
C THR A 95 -5.90 8.38 5.47
N ILE A 96 -5.62 7.76 4.32
CA ILE A 96 -4.30 7.17 4.03
C ILE A 96 -3.47 8.10 3.12
N ASP A 97 -2.15 7.92 3.14
CA ASP A 97 -1.17 8.80 2.49
C ASP A 97 -0.16 7.98 1.65
N PRO A 98 -0.56 7.53 0.45
CA PRO A 98 0.27 6.72 -0.43
C PRO A 98 1.19 7.59 -1.30
N LYS A 99 2.38 7.05 -1.60
CA LYS A 99 3.48 7.75 -2.27
C LYS A 99 4.47 6.76 -2.94
N VAL A 100 5.30 7.21 -3.88
CA VAL A 100 6.26 6.34 -4.61
C VAL A 100 7.28 5.73 -3.65
N ALA A 101 7.54 4.43 -3.79
CA ALA A 101 8.43 3.67 -2.90
C ALA A 101 9.92 3.82 -3.25
N PHE A 102 10.77 3.89 -2.22
CA PHE A 102 12.23 3.81 -2.36
C PHE A 102 12.62 2.43 -2.95
N PRO A 103 13.56 2.37 -3.90
CA PRO A 103 13.87 1.18 -4.69
C PRO A 103 14.49 0.03 -3.87
N ARG A 104 14.56 -1.16 -4.47
CA ARG A 104 14.97 -2.41 -3.85
C ARG A 104 15.73 -3.33 -4.83
N ARG A 105 16.30 -4.42 -4.31
CA ARG A 105 17.02 -5.47 -5.04
C ARG A 105 16.60 -6.86 -4.54
N ALA A 106 16.32 -7.77 -5.48
CA ALA A 106 15.94 -9.17 -5.24
C ALA A 106 16.26 -10.01 -6.48
N GLN A 107 16.82 -11.21 -6.28
CA GLN A 107 17.34 -12.10 -7.32
C GLN A 107 17.16 -13.57 -6.90
N PRO A 108 16.99 -14.51 -7.87
CA PRO A 108 16.82 -15.93 -7.60
C PRO A 108 18.15 -16.60 -7.19
N LYS A 109 18.04 -17.81 -6.60
CA LYS A 109 19.15 -18.63 -6.10
C LYS A 109 18.79 -20.13 -5.98
N CYS A 26 7.10 -0.15 -10.51
CA CYS A 26 5.68 0.16 -10.23
C CYS A 26 5.34 -0.12 -8.75
N LYS A 27 5.84 0.70 -7.79
CA LYS A 27 5.76 0.39 -6.35
C LYS A 27 5.55 1.64 -5.48
N MET A 28 4.80 1.49 -4.39
CA MET A 28 4.32 2.57 -3.52
C MET A 28 4.35 2.18 -2.04
N PHE A 29 4.79 3.13 -1.22
CA PHE A 29 4.69 3.12 0.24
C PHE A 29 3.29 3.61 0.61
N ILE A 30 2.62 2.97 1.57
CA ILE A 30 1.24 3.27 1.96
C ILE A 30 1.22 3.68 3.45
N GLY A 31 1.19 4.98 3.73
CA GLY A 31 1.22 5.53 5.09
C GLY A 31 -0.15 5.84 5.68
N GLY A 32 -0.22 6.06 6.98
CA GLY A 32 -1.41 6.53 7.70
C GLY A 32 -2.52 5.48 7.87
N LEU A 33 -2.23 4.20 7.65
CA LEU A 33 -3.18 3.08 7.76
C LEU A 33 -3.80 2.97 9.15
N SER A 34 -4.97 2.33 9.23
CA SER A 34 -5.55 1.92 10.52
C SER A 34 -4.75 0.76 11.10
N TRP A 35 -4.62 0.68 12.43
CA TRP A 35 -4.05 -0.49 13.11
C TRP A 35 -4.80 -1.81 12.84
N GLN A 36 -6.00 -1.75 12.26
CA GLN A 36 -6.79 -2.92 11.83
C GLN A 36 -6.54 -3.33 10.35
N THR A 37 -5.82 -2.51 9.56
CA THR A 37 -5.59 -2.75 8.12
C THR A 37 -4.66 -3.95 7.90
N THR A 38 -4.98 -4.77 6.90
CA THR A 38 -4.18 -5.92 6.42
C THR A 38 -3.76 -5.71 4.97
N GLN A 39 -2.78 -6.48 4.51
CA GLN A 39 -2.30 -6.43 3.12
C GLN A 39 -3.31 -6.96 2.10
N GLU A 40 -4.22 -7.85 2.53
CA GLU A 40 -5.38 -8.24 1.73
C GLU A 40 -6.37 -7.07 1.62
N GLY A 41 -6.53 -6.29 2.70
CA GLY A 41 -7.32 -5.05 2.71
C GLY A 41 -6.71 -3.96 1.84
N LEU A 42 -5.37 -3.89 1.75
CA LEU A 42 -4.69 -3.02 0.77
C LEU A 42 -5.05 -3.41 -0.66
N ARG A 43 -4.94 -4.69 -1.04
CA ARG A 43 -5.37 -5.15 -2.37
C ARG A 43 -6.85 -4.82 -2.64
N GLU A 44 -7.71 -4.98 -1.64
CA GLU A 44 -9.13 -4.68 -1.72
C GLU A 44 -9.42 -3.21 -2.08
N TYR A 45 -8.56 -2.29 -1.60
CA TYR A 45 -8.64 -0.85 -1.92
C TYR A 45 -7.91 -0.47 -3.21
N PHE A 46 -6.73 -1.04 -3.45
CA PHE A 46 -5.84 -0.67 -4.55
C PHE A 46 -6.18 -1.34 -5.90
N GLY A 47 -6.94 -2.44 -5.87
CA GLY A 47 -7.49 -3.09 -7.07
C GLY A 47 -8.53 -2.24 -7.83
N GLN A 48 -8.97 -1.13 -7.25
CA GLN A 48 -9.82 -0.12 -7.91
C GLN A 48 -9.04 0.68 -8.98
N PHE A 49 -7.72 0.79 -8.83
CA PHE A 49 -6.82 1.56 -9.70
C PHE A 49 -6.04 0.65 -10.67
N GLY A 50 -5.70 -0.56 -10.20
CA GLY A 50 -5.05 -1.61 -10.97
C GLY A 50 -4.74 -2.83 -10.09
N GLU A 51 -4.72 -4.03 -10.68
CA GLU A 51 -4.37 -5.24 -9.94
C GLU A 51 -2.94 -5.15 -9.38
N VAL A 52 -2.72 -5.74 -8.21
CA VAL A 52 -1.47 -5.62 -7.46
C VAL A 52 -0.60 -6.88 -7.66
N LYS A 53 0.66 -6.64 -7.99
CA LYS A 53 1.72 -7.64 -8.15
C LYS A 53 2.21 -8.20 -6.80
N GLU A 54 2.13 -7.38 -5.74
CA GLU A 54 2.50 -7.72 -4.37
C GLU A 54 1.89 -6.69 -3.40
N CYS A 55 1.61 -7.08 -2.17
CA CYS A 55 1.10 -6.20 -1.11
C CYS A 55 1.64 -6.63 0.28
N LEU A 56 1.91 -5.64 1.13
CA LEU A 56 2.60 -5.81 2.41
C LEU A 56 2.06 -4.86 3.46
N VAL A 57 2.00 -5.31 4.72
CA VAL A 57 1.75 -4.49 5.91
C VAL A 57 2.80 -4.86 6.95
N MET A 58 3.49 -3.86 7.49
CA MET A 58 4.65 -4.02 8.37
C MET A 58 4.24 -4.13 9.84
N ARG A 59 3.28 -5.03 10.11
CA ARG A 59 2.60 -5.20 11.41
C ARG A 59 3.52 -5.70 12.52
N ASP A 60 3.23 -5.29 13.75
CA ASP A 60 3.88 -5.74 14.99
C ASP A 60 3.41 -7.17 15.34
N PRO A 61 4.31 -8.18 15.44
CA PRO A 61 3.92 -9.55 15.77
C PRO A 61 3.50 -9.74 17.23
N LEU A 62 3.78 -8.78 18.13
CA LEU A 62 3.46 -8.87 19.55
C LEU A 62 2.00 -8.48 19.87
N THR A 63 1.44 -7.55 19.09
CA THR A 63 0.12 -6.92 19.29
C THR A 63 -0.82 -7.00 18.09
N LYS A 64 -0.29 -7.38 16.93
CA LYS A 64 -0.98 -7.48 15.63
C LYS A 64 -1.42 -6.11 15.04
N ARG A 65 -1.00 -4.98 15.65
CA ARG A 65 -1.15 -3.63 15.09
C ARG A 65 -0.48 -3.56 13.71
N SER A 66 -1.15 -3.00 12.71
CA SER A 66 -0.54 -2.74 11.38
C SER A 66 0.70 -1.84 11.42
N ARG A 67 0.89 -1.10 12.54
CA ARG A 67 1.93 -0.10 12.79
C ARG A 67 1.74 1.18 11.96
N GLY A 68 0.61 1.31 11.26
CA GLY A 68 0.20 2.50 10.53
C GLY A 68 0.73 2.60 9.10
N PHE A 69 1.37 1.55 8.55
CA PHE A 69 1.90 1.59 7.19
C PHE A 69 2.15 0.21 6.55
N GLY A 70 2.26 0.22 5.22
CA GLY A 70 2.63 -0.91 4.38
C GLY A 70 3.20 -0.48 3.02
N PHE A 71 3.15 -1.40 2.06
CA PHE A 71 3.67 -1.23 0.70
C PHE A 71 2.82 -2.00 -0.32
N VAL A 72 2.74 -1.51 -1.55
CA VAL A 72 2.01 -2.17 -2.66
C VAL A 72 2.80 -2.01 -3.96
N THR A 73 2.96 -3.12 -4.70
CA THR A 73 3.53 -3.18 -6.05
C THR A 73 2.39 -3.50 -7.02
N PHE A 74 2.32 -2.79 -8.14
CA PHE A 74 1.23 -2.92 -9.12
C PHE A 74 1.64 -3.76 -10.34
N MET A 75 0.66 -4.39 -11.00
CA MET A 75 0.86 -5.10 -12.27
C MET A 75 1.23 -4.17 -13.45
N ASP A 76 0.96 -2.88 -13.33
CA ASP A 76 1.32 -1.83 -14.29
C ASP A 76 1.40 -0.45 -13.62
N GLN A 77 2.18 0.46 -14.21
CA GLN A 77 2.35 1.83 -13.77
C GLN A 77 1.04 2.64 -13.86
N ALA A 78 0.11 2.25 -14.73
CA ALA A 78 -1.19 2.91 -14.88
C ALA A 78 -2.04 2.94 -13.60
N GLY A 79 -1.83 1.99 -12.67
CA GLY A 79 -2.47 2.03 -11.35
C GLY A 79 -1.74 2.97 -10.39
N VAL A 80 -0.41 2.98 -10.43
CA VAL A 80 0.44 3.91 -9.66
C VAL A 80 0.07 5.35 -10.02
N ASP A 81 0.00 5.67 -11.31
CA ASP A 81 -0.35 7.01 -11.84
C ASP A 81 -1.67 7.54 -11.25
N LYS A 82 -2.71 6.70 -11.21
CA LYS A 82 -4.02 7.09 -10.67
C LYS A 82 -3.99 7.37 -9.16
N VAL A 83 -3.19 6.61 -8.40
CA VAL A 83 -3.08 6.78 -6.94
C VAL A 83 -2.33 8.08 -6.58
N LEU A 84 -1.42 8.53 -7.44
CA LEU A 84 -0.74 9.84 -7.28
C LEU A 84 -1.62 11.00 -7.73
N ALA A 85 -2.38 10.81 -8.81
CA ALA A 85 -3.22 11.84 -9.41
C ALA A 85 -4.47 12.21 -8.56
N GLN A 86 -4.92 11.32 -7.67
CA GLN A 86 -6.03 11.56 -6.76
C GLN A 86 -5.58 12.27 -5.48
N SER A 87 -6.42 13.19 -4.96
CA SER A 87 -6.07 14.12 -3.88
C SER A 87 -6.12 13.54 -2.46
N ARG A 88 -6.89 12.47 -2.25
CA ARG A 88 -7.15 11.84 -0.95
C ARG A 88 -7.56 10.36 -1.11
N HIS A 89 -7.18 9.55 -0.13
CA HIS A 89 -7.52 8.12 -0.02
C HIS A 89 -7.93 7.77 1.42
N GLU A 90 -8.75 6.72 1.59
CA GLU A 90 -9.36 6.34 2.88
C GLU A 90 -9.65 4.83 2.91
N LEU A 91 -9.25 4.18 4.00
CA LEU A 91 -9.38 2.73 4.21
C LEU A 91 -9.54 2.46 5.71
N ASP A 92 -10.59 1.74 6.10
CA ASP A 92 -11.04 1.50 7.49
C ASP A 92 -11.35 2.82 8.24
N SER A 93 -11.95 3.78 7.53
CA SER A 93 -12.37 5.11 8.05
C SER A 93 -11.18 6.02 8.45
N LYS A 94 -9.96 5.71 7.99
CA LYS A 94 -8.72 6.43 8.25
C LYS A 94 -8.17 7.01 6.93
N THR A 95 -7.79 8.28 6.92
CA THR A 95 -7.14 8.96 5.78
C THR A 95 -5.76 8.34 5.59
N ILE A 96 -5.48 7.80 4.42
CA ILE A 96 -4.18 7.19 4.09
C ILE A 96 -3.39 8.06 3.11
N ASP A 97 -2.06 7.91 3.12
CA ASP A 97 -1.11 8.67 2.31
C ASP A 97 -0.22 7.73 1.48
N PRO A 98 -0.72 7.26 0.32
CA PRO A 98 0.02 6.41 -0.60
C PRO A 98 0.87 7.27 -1.55
N LYS A 99 2.13 6.89 -1.71
CA LYS A 99 3.17 7.68 -2.39
C LYS A 99 4.29 6.79 -2.98
N VAL A 100 5.11 7.32 -3.88
CA VAL A 100 6.15 6.55 -4.61
C VAL A 100 7.16 5.93 -3.62
N ALA A 101 7.43 4.63 -3.78
CA ALA A 101 8.41 3.91 -2.96
C ALA A 101 9.84 4.23 -3.39
N PHE A 102 10.75 4.46 -2.42
CA PHE A 102 12.17 4.68 -2.68
C PHE A 102 12.78 3.51 -3.51
N PRO A 103 13.58 3.81 -4.55
CA PRO A 103 14.07 2.81 -5.51
C PRO A 103 15.07 1.84 -4.86
N ARG A 104 15.18 0.63 -5.43
CA ARG A 104 16.01 -0.48 -4.91
C ARG A 104 17.22 -0.80 -5.81
N ARG A 105 17.50 0.09 -6.77
CA ARG A 105 18.48 -0.03 -7.85
C ARG A 105 18.76 1.36 -8.47
N ALA A 106 20.01 1.60 -8.88
CA ALA A 106 20.46 2.85 -9.50
C ALA A 106 21.66 2.60 -10.44
N GLN A 107 21.87 3.51 -11.40
CA GLN A 107 22.91 3.44 -12.43
C GLN A 107 23.44 4.87 -12.74
N PRO A 108 24.72 5.03 -13.14
CA PRO A 108 25.31 6.32 -13.44
C PRO A 108 24.79 6.92 -14.76
N LYS A 109 24.79 8.25 -14.85
CA LYS A 109 24.30 9.05 -15.98
C LYS A 109 24.91 10.46 -15.99
N CYS A 26 7.29 0.95 -11.08
CA CYS A 26 6.13 0.93 -10.16
C CYS A 26 6.58 0.82 -8.68
N LYS A 27 5.62 0.57 -7.77
CA LYS A 27 5.73 0.39 -6.30
C LYS A 27 5.56 1.68 -5.49
N MET A 28 4.80 1.56 -4.39
CA MET A 28 4.33 2.66 -3.55
C MET A 28 4.32 2.28 -2.07
N PHE A 29 4.74 3.24 -1.24
CA PHE A 29 4.62 3.24 0.21
C PHE A 29 3.21 3.73 0.57
N ILE A 30 2.56 3.10 1.56
CA ILE A 30 1.18 3.41 1.95
C ILE A 30 1.16 3.80 3.44
N GLY A 31 1.10 5.10 3.74
CA GLY A 31 1.06 5.63 5.11
C GLY A 31 -0.36 5.87 5.62
N GLY A 32 -0.50 6.09 6.94
CA GLY A 32 -1.76 6.49 7.57
C GLY A 32 -2.82 5.38 7.68
N LEU A 33 -2.40 4.11 7.58
CA LEU A 33 -3.28 2.94 7.69
C LEU A 33 -3.86 2.78 9.11
N SER A 34 -4.89 1.95 9.24
CA SER A 34 -5.41 1.50 10.54
C SER A 34 -4.59 0.34 11.11
N TRP A 35 -4.56 0.20 12.44
CA TRP A 35 -4.02 -0.99 13.10
C TRP A 35 -4.86 -2.26 12.80
N GLN A 36 -6.05 -2.10 12.20
CA GLN A 36 -6.91 -3.19 11.73
C GLN A 36 -6.72 -3.48 10.22
N THR A 37 -5.94 -2.67 9.48
CA THR A 37 -5.69 -2.87 8.04
C THR A 37 -4.84 -4.11 7.83
N THR A 38 -5.13 -4.85 6.75
CA THR A 38 -4.35 -6.01 6.27
C THR A 38 -3.90 -5.77 4.84
N GLN A 39 -2.89 -6.52 4.39
CA GLN A 39 -2.38 -6.43 3.01
C GLN A 39 -3.39 -6.96 1.97
N GLU A 40 -4.28 -7.87 2.36
CA GLU A 40 -5.43 -8.26 1.54
C GLU A 40 -6.45 -7.09 1.46
N GLY A 41 -6.61 -6.32 2.53
CA GLY A 41 -7.41 -5.09 2.56
C GLY A 41 -6.80 -3.98 1.72
N LEU A 42 -5.46 -3.89 1.64
CA LEU A 42 -4.78 -3.00 0.68
C LEU A 42 -5.13 -3.41 -0.75
N ARG A 43 -5.01 -4.68 -1.13
CA ARG A 43 -5.42 -5.14 -2.46
C ARG A 43 -6.89 -4.83 -2.75
N GLU A 44 -7.76 -4.97 -1.76
CA GLU A 44 -9.19 -4.66 -1.87
C GLU A 44 -9.45 -3.18 -2.24
N TYR A 45 -8.64 -2.26 -1.71
CA TYR A 45 -8.72 -0.82 -1.99
C TYR A 45 -7.97 -0.41 -3.27
N PHE A 46 -6.80 -1.01 -3.51
CA PHE A 46 -5.89 -0.63 -4.60
C PHE A 46 -6.19 -1.32 -5.94
N GLY A 47 -6.88 -2.48 -5.91
CA GLY A 47 -7.39 -3.18 -7.10
C GLY A 47 -8.46 -2.39 -7.87
N GLN A 48 -9.00 -1.32 -7.28
CA GLN A 48 -9.92 -0.40 -7.93
C GLN A 48 -9.22 0.54 -8.93
N PHE A 49 -7.90 0.72 -8.81
CA PHE A 49 -7.05 1.51 -9.71
C PHE A 49 -6.27 0.60 -10.68
N GLY A 50 -5.77 -0.54 -10.18
CA GLY A 50 -5.09 -1.58 -10.97
C GLY A 50 -4.70 -2.78 -10.11
N GLU A 51 -4.60 -3.97 -10.70
CA GLU A 51 -4.24 -5.20 -9.98
C GLU A 51 -2.80 -5.11 -9.41
N VAL A 52 -2.59 -5.71 -8.24
CA VAL A 52 -1.35 -5.60 -7.47
C VAL A 52 -0.47 -6.84 -7.63
N LYS A 53 0.81 -6.59 -7.87
CA LYS A 53 1.88 -7.58 -8.02
C LYS A 53 2.44 -8.06 -6.66
N GLU A 54 2.29 -7.23 -5.62
CA GLU A 54 2.77 -7.44 -4.25
C GLU A 54 2.03 -6.46 -3.32
N CYS A 55 1.79 -6.87 -2.07
CA CYS A 55 1.15 -6.04 -1.04
C CYS A 55 1.66 -6.45 0.35
N LEU A 56 1.85 -5.46 1.24
CA LEU A 56 2.50 -5.61 2.54
C LEU A 56 1.87 -4.68 3.58
N VAL A 57 1.77 -5.15 4.82
CA VAL A 57 1.46 -4.34 6.01
C VAL A 57 2.41 -4.78 7.13
N MET A 58 3.08 -3.82 7.77
CA MET A 58 4.19 -4.05 8.69
C MET A 58 3.73 -4.34 10.14
N ARG A 59 2.88 -5.37 10.31
CA ARG A 59 2.40 -5.82 11.61
C ARG A 59 3.47 -6.53 12.43
N ASP A 60 3.70 -6.05 13.65
CA ASP A 60 4.51 -6.69 14.68
C ASP A 60 3.76 -7.93 15.23
N PRO A 61 4.41 -9.11 15.34
CA PRO A 61 3.72 -10.35 15.70
C PRO A 61 3.42 -10.51 17.19
N LEU A 62 4.02 -9.69 18.08
CA LEU A 62 3.79 -9.72 19.52
C LEU A 62 2.69 -8.73 19.95
N THR A 63 2.69 -7.52 19.36
CA THR A 63 1.77 -6.42 19.75
C THR A 63 0.66 -6.19 18.75
N LYS A 64 0.74 -6.83 17.58
CA LYS A 64 -0.25 -6.84 16.49
C LYS A 64 -0.40 -5.49 15.77
N ARG A 65 0.35 -4.45 16.20
CA ARG A 65 0.32 -3.11 15.62
C ARG A 65 1.05 -3.09 14.28
N SER A 66 0.44 -2.43 13.31
CA SER A 66 0.92 -2.29 11.93
C SER A 66 1.86 -1.08 11.73
N ARG A 67 2.08 -0.30 12.80
CA ARG A 67 2.73 1.01 12.78
C ARG A 67 2.00 2.02 11.86
N GLY A 68 0.79 1.71 11.39
CA GLY A 68 0.00 2.55 10.51
C GLY A 68 0.55 2.68 9.09
N PHE A 69 1.30 1.69 8.58
CA PHE A 69 1.82 1.73 7.22
C PHE A 69 2.08 0.36 6.57
N GLY A 70 2.20 0.38 5.24
CA GLY A 70 2.54 -0.77 4.40
C GLY A 70 3.10 -0.35 3.03
N PHE A 71 3.04 -1.26 2.06
CA PHE A 71 3.55 -1.10 0.70
C PHE A 71 2.68 -1.85 -0.32
N VAL A 72 2.62 -1.37 -1.55
CA VAL A 72 1.90 -2.01 -2.67
C VAL A 72 2.68 -1.83 -3.98
N THR A 73 2.83 -2.91 -4.75
CA THR A 73 3.37 -2.93 -6.12
C THR A 73 2.24 -3.24 -7.07
N PHE A 74 2.16 -2.55 -8.20
CA PHE A 74 1.14 -2.76 -9.23
C PHE A 74 1.67 -3.60 -10.39
N MET A 75 0.80 -4.36 -11.05
CA MET A 75 1.12 -5.15 -12.25
C MET A 75 1.37 -4.28 -13.52
N ASP A 76 1.14 -2.98 -13.40
CA ASP A 76 1.31 -1.95 -14.44
C ASP A 76 1.53 -0.57 -13.80
N GLN A 77 2.15 0.35 -14.53
CA GLN A 77 2.44 1.70 -14.04
C GLN A 77 1.18 2.58 -13.96
N ALA A 78 0.18 2.32 -14.81
CA ALA A 78 -1.07 3.08 -14.83
C ALA A 78 -1.82 3.03 -13.48
N GLY A 79 -1.72 1.93 -12.71
CA GLY A 79 -2.26 1.85 -11.36
C GLY A 79 -1.55 2.76 -10.36
N VAL A 80 -0.24 2.98 -10.54
CA VAL A 80 0.53 3.96 -9.76
C VAL A 80 0.09 5.38 -10.14
N ASP A 81 -0.01 5.68 -11.45
CA ASP A 81 -0.41 6.99 -11.97
C ASP A 81 -1.77 7.43 -11.41
N LYS A 82 -2.74 6.50 -11.35
CA LYS A 82 -4.09 6.76 -10.87
C LYS A 82 -4.14 7.11 -9.37
N VAL A 83 -3.28 6.49 -8.56
CA VAL A 83 -3.22 6.76 -7.11
C VAL A 83 -2.62 8.15 -6.84
N LEU A 84 -1.58 8.54 -7.59
CA LEU A 84 -0.96 9.87 -7.47
C LEU A 84 -1.87 10.99 -7.98
N ALA A 85 -2.65 10.70 -9.03
CA ALA A 85 -3.57 11.65 -9.64
C ALA A 85 -4.80 12.00 -8.76
N GLN A 86 -5.02 11.28 -7.66
CA GLN A 86 -6.08 11.54 -6.67
C GLN A 86 -5.49 12.15 -5.39
N SER A 87 -6.18 13.14 -4.79
CA SER A 87 -5.61 13.97 -3.71
C SER A 87 -5.87 13.45 -2.27
N ARG A 88 -6.68 12.38 -2.10
CA ARG A 88 -7.09 11.83 -0.80
C ARG A 88 -7.62 10.39 -0.94
N HIS A 89 -7.37 9.57 0.07
CA HIS A 89 -7.73 8.14 0.12
C HIS A 89 -8.11 7.73 1.56
N GLU A 90 -8.90 6.67 1.72
CA GLU A 90 -9.46 6.24 3.02
C GLU A 90 -9.75 4.73 3.02
N LEU A 91 -9.33 4.04 4.08
CA LEU A 91 -9.47 2.59 4.27
C LEU A 91 -9.59 2.30 5.78
N ASP A 92 -10.60 1.53 6.16
CA ASP A 92 -11.00 1.27 7.57
C ASP A 92 -11.35 2.58 8.33
N SER A 93 -11.93 3.56 7.62
CA SER A 93 -12.32 4.88 8.14
C SER A 93 -11.12 5.76 8.57
N LYS A 94 -9.90 5.43 8.12
CA LYS A 94 -8.65 6.16 8.38
C LYS A 94 -8.12 6.72 7.06
N THR A 95 -7.76 8.01 7.04
CA THR A 95 -7.26 8.72 5.85
C THR A 95 -5.84 8.26 5.56
N ILE A 96 -5.62 7.64 4.41
CA ILE A 96 -4.31 7.07 4.03
C ILE A 96 -3.55 8.02 3.09
N ASP A 97 -2.23 7.93 3.10
CA ASP A 97 -1.31 8.83 2.41
C ASP A 97 -0.27 8.06 1.57
N PRO A 98 -0.69 7.54 0.39
CA PRO A 98 0.15 6.73 -0.47
C PRO A 98 1.02 7.59 -1.41
N LYS A 99 2.23 7.11 -1.71
CA LYS A 99 3.30 7.83 -2.40
C LYS A 99 4.34 6.87 -3.04
N VAL A 100 5.15 7.34 -3.98
CA VAL A 100 6.15 6.51 -4.70
C VAL A 100 7.19 5.93 -3.72
N ALA A 101 7.50 4.64 -3.87
CA ALA A 101 8.41 3.91 -2.97
C ALA A 101 9.90 4.18 -3.27
N PHE A 102 10.69 4.46 -2.22
CA PHE A 102 12.15 4.52 -2.29
C PHE A 102 12.73 3.13 -2.65
N PRO A 103 13.78 3.03 -3.51
CA PRO A 103 14.29 1.77 -4.02
C PRO A 103 15.03 0.94 -2.94
N ARG A 104 15.13 -0.37 -3.19
CA ARG A 104 15.78 -1.39 -2.36
C ARG A 104 16.58 -2.37 -3.23
N ARG A 105 17.47 -3.15 -2.61
CA ARG A 105 18.33 -4.15 -3.27
C ARG A 105 18.20 -5.52 -2.59
N ALA A 106 17.74 -6.52 -3.35
CA ALA A 106 17.48 -7.90 -2.94
C ALA A 106 17.34 -8.83 -4.16
N GLN A 107 17.39 -10.15 -3.96
CA GLN A 107 17.29 -11.17 -5.00
C GLN A 107 16.51 -12.40 -4.49
N PRO A 108 15.82 -13.17 -5.36
CA PRO A 108 15.18 -14.44 -5.02
C PRO A 108 16.24 -15.56 -4.98
N LYS A 109 17.18 -15.46 -4.03
CA LYS A 109 18.39 -16.29 -3.94
C LYS A 109 18.91 -16.39 -2.49
#